data_7YLT
#
_entry.id   7YLT
#
_cell.length_a   36.775
_cell.length_b   75.745
_cell.length_c   119.706
_cell.angle_alpha   85.600
_cell.angle_beta   89.160
_cell.angle_gamma   89.370
#
_symmetry.space_group_name_H-M   'P 1'
#
loop_
_entity.id
_entity.type
_entity.pdbx_description
1 polymer 'Putative ABC transporter, substrate-binding protein'
2 water water
#
_entity_poly.entity_id   1
_entity_poly.type   'polypeptide(L)'
_entity_poly.pdbx_seq_one_letter_code
;ADLKVGFITSLSGPVSSLGIPYEKGMKAAIAYKSDVGGRKIQLVQLDDASDPSTAARNARKMIDEDKVDVIIGTAGSPGA
LAIAGVARETKTPLISIANANLPGEEGAWMVTLPQPAPLMVSAVVERMKKSGVKTVGYIGFSDAWGDLVYDALQKSAEPA
GIKIVSNERYARADSSVTGQVLKIVALRPDAVITGTSGTPGALPYLALAERGYKGQIYGMHALINPDFVRVGGASVEGLL
APTGPVIVAEQLPSENPIRKVSMDFRAAYQKANGAPPTDAFSAYTFDAWLLYLDAAQRALATKAEPGTPQFRLALRDAIV
STKELVGTHSVYNFKPTDRYGSDERSRVVVKLEKGQWKLVK
;
_entity_poly.pdbx_strand_id   B,D,C,A
#
# COMPACT_ATOMS: atom_id res chain seq x y z
N ALA A 1 10.10 17.01 12.96
CA ALA A 1 11.20 16.26 12.36
C ALA A 1 10.73 14.86 11.97
N ASP A 2 11.69 14.00 11.61
CA ASP A 2 11.38 12.71 11.02
C ASP A 2 10.95 11.70 12.08
N LEU A 3 10.51 10.53 11.61
CA LEU A 3 10.00 9.46 12.46
C LEU A 3 10.78 8.19 12.14
N LYS A 4 11.44 7.62 13.14
CA LYS A 4 12.29 6.45 12.95
C LYS A 4 11.55 5.18 13.34
N VAL A 5 11.62 4.17 12.46
CA VAL A 5 10.95 2.90 12.64
C VAL A 5 11.97 1.81 12.37
N GLY A 6 12.03 0.81 13.26
CA GLY A 6 12.91 -0.32 13.06
C GLY A 6 12.21 -1.48 12.36
N PHE A 7 12.98 -2.18 11.53
CA PHE A 7 12.47 -3.35 10.81
C PHE A 7 13.54 -4.44 10.83
N ILE A 8 13.22 -5.56 11.48
CA ILE A 8 14.11 -6.71 11.54
C ILE A 8 13.43 -7.88 10.83
N THR A 9 14.14 -8.47 9.88
CA THR A 9 13.70 -9.70 9.24
C THR A 9 14.94 -10.57 8.99
N SER A 10 14.72 -11.76 8.43
CA SER A 10 15.79 -12.72 8.17
C SER A 10 16.00 -12.81 6.67
N LEU A 11 17.13 -12.29 6.19
CA LEU A 11 17.53 -12.40 4.79
C LEU A 11 18.61 -13.45 4.60
N SER A 12 19.00 -14.13 5.68
CA SER A 12 19.92 -15.25 5.62
C SER A 12 19.49 -16.29 6.65
N GLY A 13 19.89 -17.52 6.42
CA GLY A 13 19.63 -18.58 7.36
C GLY A 13 18.32 -19.28 7.11
N PRO A 14 17.97 -20.22 8.00
CA PRO A 14 16.88 -21.15 7.69
C PRO A 14 15.47 -20.57 7.66
N VAL A 15 15.25 -19.32 8.05
CA VAL A 15 13.92 -18.71 7.86
C VAL A 15 13.99 -17.55 6.86
N SER A 16 15.02 -17.52 6.01
CA SER A 16 15.07 -16.52 4.95
C SER A 16 13.90 -16.69 3.98
N SER A 17 13.44 -17.93 3.76
CA SER A 17 12.31 -18.15 2.85
C SER A 17 11.02 -17.50 3.35
N LEU A 18 10.98 -17.05 4.61
CA LEU A 18 9.90 -16.23 5.12
C LEU A 18 10.31 -14.77 5.31
N GLY A 19 11.56 -14.52 5.67
CA GLY A 19 12.02 -13.16 5.82
C GLY A 19 12.07 -12.39 4.51
N ILE A 20 12.26 -13.10 3.39
CA ILE A 20 12.32 -12.43 2.10
C ILE A 20 10.92 -11.93 1.75
N PRO A 21 9.88 -12.78 1.76
CA PRO A 21 8.51 -12.24 1.58
C PRO A 21 8.18 -11.11 2.54
N TYR A 22 8.54 -11.24 3.81
CA TYR A 22 8.29 -10.18 4.77
C TYR A 22 8.85 -8.85 4.28
N GLU A 23 10.10 -8.87 3.78
CA GLU A 23 10.70 -7.62 3.30
C GLU A 23 9.96 -7.08 2.09
N LYS A 24 9.58 -7.96 1.16
CA LYS A 24 8.77 -7.53 0.03
C LYS A 24 7.48 -6.87 0.51
N GLY A 25 6.91 -7.37 1.60
CA GLY A 25 5.76 -6.71 2.19
C GLY A 25 6.09 -5.33 2.71
N MET A 26 7.33 -5.12 3.13
CA MET A 26 7.74 -3.79 3.61
C MET A 26 7.93 -2.82 2.46
N LYS A 27 8.34 -3.31 1.29
CA LYS A 27 8.45 -2.43 0.13
C LYS A 27 7.06 -2.00 -0.34
N ALA A 28 6.12 -2.95 -0.41
CA ALA A 28 4.72 -2.59 -0.61
C ALA A 28 4.29 -1.51 0.36
N ALA A 29 4.48 -1.75 1.66
CA ALA A 29 4.09 -0.79 2.67
C ALA A 29 4.61 0.60 2.35
N ILE A 30 5.92 0.71 2.10
CA ILE A 30 6.52 2.01 1.80
C ILE A 30 5.90 2.61 0.54
N ALA A 31 5.63 1.77 -0.46
CA ALA A 31 5.01 2.25 -1.69
C ALA A 31 3.61 2.79 -1.44
N TYR A 32 2.90 2.24 -0.46
CA TYR A 32 1.53 2.65 -0.18
C TYR A 32 1.48 3.97 0.58
N LYS A 33 2.40 4.17 1.52
CA LYS A 33 2.44 5.39 2.33
C LYS A 33 3.74 5.38 3.12
N SER A 34 4.40 6.55 3.20
CA SER A 34 5.68 6.65 3.88
C SER A 34 5.78 7.93 4.70
N ASP A 35 4.65 8.45 5.17
CA ASP A 35 4.64 9.58 6.09
C ASP A 35 3.48 9.38 7.07
N VAL A 36 3.56 10.09 8.20
CA VAL A 36 2.48 10.16 9.17
C VAL A 36 2.21 11.62 9.48
N GLY A 37 0.99 12.07 9.23
CA GLY A 37 0.65 13.46 9.52
C GLY A 37 1.62 14.45 8.90
N GLY A 38 2.09 14.15 7.68
CA GLY A 38 3.03 15.01 6.99
C GLY A 38 4.48 14.77 7.31
N ARG A 39 4.79 13.91 8.29
CA ARG A 39 6.15 13.63 8.70
C ARG A 39 6.66 12.39 7.99
N LYS A 40 7.75 12.54 7.24
CA LYS A 40 8.40 11.40 6.60
C LYS A 40 8.82 10.37 7.65
N ILE A 41 8.84 9.10 7.23
CA ILE A 41 9.27 7.99 8.06
C ILE A 41 10.62 7.48 7.58
N GLN A 42 11.58 7.39 8.48
CA GLN A 42 12.89 6.80 8.17
C GLN A 42 12.95 5.37 8.70
N LEU A 43 13.11 4.41 7.79
CA LEU A 43 13.17 3.00 8.16
C LEU A 43 14.61 2.61 8.46
N VAL A 44 14.80 1.91 9.59
CA VAL A 44 16.10 1.36 9.97
C VAL A 44 15.95 -0.16 9.94
N GLN A 45 16.65 -0.80 8.99
CA GLN A 45 16.51 -2.22 8.76
C GLN A 45 17.81 -2.94 9.10
N LEU A 46 17.69 -4.11 9.73
CA LEU A 46 18.82 -5.01 9.90
C LEU A 46 18.34 -6.44 9.71
N ASP A 47 19.29 -7.32 9.43
CA ASP A 47 19.04 -8.73 9.15
C ASP A 47 19.52 -9.56 10.33
N ASP A 48 18.62 -10.39 10.87
CA ASP A 48 18.94 -11.21 12.03
C ASP A 48 19.47 -12.59 11.66
N ALA A 49 19.69 -12.86 10.37
CA ALA A 49 20.29 -14.11 9.91
C ALA A 49 19.56 -15.33 10.47
N SER A 50 18.25 -15.19 10.70
CA SER A 50 17.45 -16.26 11.29
C SER A 50 17.96 -16.65 12.67
N ASP A 51 18.75 -15.79 13.31
CA ASP A 51 19.37 -16.10 14.59
C ASP A 51 18.74 -15.25 15.69
N PRO A 52 18.18 -15.85 16.74
CA PRO A 52 17.47 -15.04 17.74
C PRO A 52 18.39 -14.14 18.54
N SER A 53 19.59 -14.61 18.89
CA SER A 53 20.54 -13.76 19.60
C SER A 53 20.91 -12.54 18.76
N THR A 54 21.03 -12.72 17.44
CA THR A 54 21.33 -11.60 16.56
C THR A 54 20.14 -10.66 16.46
N ALA A 55 18.92 -11.20 16.44
CA ALA A 55 17.74 -10.34 16.41
C ALA A 55 17.70 -9.43 17.63
N ALA A 56 18.11 -9.94 18.79
CA ALA A 56 18.07 -9.14 20.01
C ALA A 56 19.17 -8.09 20.02
N ARG A 57 20.36 -8.42 19.50
CA ARG A 57 21.40 -7.41 19.35
C ARG A 57 20.96 -6.33 18.36
N ASN A 58 20.40 -6.74 17.22
CA ASN A 58 19.88 -5.77 16.26
C ASN A 58 18.91 -4.82 16.93
N ALA A 59 17.95 -5.36 17.68
CA ALA A 59 16.94 -4.53 18.33
C ALA A 59 17.58 -3.52 19.27
N ARG A 60 18.52 -3.97 20.10
CA ARG A 60 19.18 -3.06 21.03
C ARG A 60 19.90 -1.94 20.29
N LYS A 61 20.50 -2.26 19.15
CA LYS A 61 21.25 -1.25 18.40
C LYS A 61 20.30 -0.22 17.82
N MET A 62 19.21 -0.67 17.18
CA MET A 62 18.19 0.26 16.71
C MET A 62 17.66 1.12 17.83
N ILE A 63 17.46 0.54 19.01
CA ILE A 63 16.79 1.26 20.09
C ILE A 63 17.75 2.21 20.79
N ASP A 64 18.96 1.73 21.11
CA ASP A 64 19.90 2.55 21.87
C ASP A 64 20.61 3.58 20.99
N GLU A 65 20.92 3.23 19.76
CA GLU A 65 21.71 4.10 18.88
C GLU A 65 20.81 4.89 17.92
N ASP A 66 20.02 4.19 17.10
CA ASP A 66 19.16 4.87 16.14
C ASP A 66 17.95 5.52 16.79
N LYS A 67 17.58 5.08 17.99
CA LYS A 67 16.49 5.70 18.75
C LYS A 67 15.14 5.53 18.05
N VAL A 68 14.93 4.35 17.43
CA VAL A 68 13.65 4.11 16.78
C VAL A 68 12.54 4.13 17.82
N ASP A 69 11.33 4.47 17.38
CA ASP A 69 10.16 4.50 18.25
C ASP A 69 9.48 3.14 18.39
N VAL A 70 9.79 2.19 17.50
CA VAL A 70 9.06 0.93 17.45
C VAL A 70 9.83 0.00 16.52
N ILE A 71 9.53 -1.30 16.61
CA ILE A 71 10.13 -2.31 15.75
C ILE A 71 9.00 -3.21 15.24
N ILE A 72 9.13 -3.67 13.99
CA ILE A 72 8.06 -4.39 13.30
C ILE A 72 8.36 -5.89 13.18
N GLY A 73 9.35 -6.38 13.92
CA GLY A 73 9.39 -7.79 14.24
C GLY A 73 9.80 -8.67 13.09
N THR A 74 10.23 -9.88 13.42
CA THR A 74 11.08 -10.67 12.55
C THR A 74 10.39 -11.94 12.09
N ALA A 75 11.14 -12.73 11.30
CA ALA A 75 10.55 -13.76 10.45
C ALA A 75 10.26 -15.06 11.17
N GLY A 76 10.94 -15.34 12.28
CA GLY A 76 10.65 -16.51 13.07
C GLY A 76 10.16 -16.18 14.47
N SER A 77 9.44 -17.13 15.08
CA SER A 77 8.98 -16.92 16.45
C SER A 77 10.12 -16.78 17.44
N PRO A 78 11.17 -17.60 17.41
CA PRO A 78 12.28 -17.39 18.36
C PRO A 78 12.84 -15.98 18.33
N GLY A 79 13.16 -15.47 17.13
CA GLY A 79 13.67 -14.11 17.03
C GLY A 79 12.67 -13.08 17.50
N ALA A 80 11.39 -13.27 17.15
CA ALA A 80 10.35 -12.33 17.60
C ALA A 80 10.31 -12.26 19.12
N LEU A 81 10.35 -13.43 19.78
CA LEU A 81 10.36 -13.43 21.24
C LEU A 81 11.61 -12.75 21.78
N ALA A 82 12.75 -12.89 21.10
CA ALA A 82 13.96 -12.21 21.54
C ALA A 82 13.79 -10.70 21.48
N ILE A 83 13.24 -10.19 20.38
CA ILE A 83 12.98 -8.76 20.29
C ILE A 83 11.97 -8.32 21.34
N ALA A 84 10.95 -9.16 21.58
CA ALA A 84 9.95 -8.83 22.58
C ALA A 84 10.57 -8.57 23.94
N GLY A 85 11.62 -9.32 24.29
CA GLY A 85 12.25 -9.12 25.58
C GLY A 85 13.04 -7.83 25.64
N VAL A 86 13.69 -7.47 24.53
CA VAL A 86 14.34 -6.17 24.45
C VAL A 86 13.29 -5.06 24.44
N ALA A 87 12.18 -5.30 23.74
CA ALA A 87 11.08 -4.34 23.72
C ALA A 87 10.67 -3.96 25.14
N ARG A 88 10.49 -4.98 26.00
CA ARG A 88 10.08 -4.73 27.38
C ARG A 88 11.17 -3.97 28.13
N GLU A 89 12.40 -4.46 28.05
CA GLU A 89 13.48 -3.88 28.85
C GLU A 89 13.71 -2.41 28.51
N THR A 90 13.63 -2.06 27.23
CA THR A 90 13.90 -0.71 26.77
C THR A 90 12.65 0.17 26.69
N LYS A 91 11.47 -0.37 26.99
CA LYS A 91 10.22 0.36 26.87
C LYS A 91 10.05 0.90 25.44
N THR A 92 10.18 0.00 24.47
CA THR A 92 10.02 0.31 23.06
C THR A 92 9.02 -0.68 22.49
N PRO A 93 7.91 -0.24 21.89
CA PRO A 93 6.91 -1.20 21.43
C PRO A 93 7.41 -2.03 20.26
N LEU A 94 6.93 -3.27 20.20
CA LEU A 94 7.20 -4.19 19.10
C LEU A 94 5.88 -4.58 18.45
N ILE A 95 5.84 -4.51 17.12
CA ILE A 95 4.77 -5.10 16.34
C ILE A 95 5.34 -6.37 15.71
N SER A 96 4.94 -7.53 16.21
CA SER A 96 5.50 -8.80 15.76
C SER A 96 4.73 -9.31 14.55
N ILE A 97 5.46 -9.60 13.47
CA ILE A 97 4.85 -10.15 12.26
C ILE A 97 4.95 -11.66 12.21
N ALA A 98 5.64 -12.28 13.16
CA ALA A 98 5.59 -13.72 13.36
C ALA A 98 4.71 -14.03 14.58
N ASN A 99 4.19 -15.25 14.59
CA ASN A 99 3.32 -15.70 15.68
C ASN A 99 4.16 -15.85 16.94
N ALA A 100 4.14 -14.81 17.77
CA ALA A 100 4.88 -14.77 19.03
C ALA A 100 3.89 -14.60 20.18
N ASN A 101 3.80 -15.62 21.04
CA ASN A 101 2.92 -15.58 22.20
C ASN A 101 3.78 -15.40 23.46
N LEU A 102 3.68 -14.23 24.07
CA LEU A 102 4.37 -13.91 25.32
C LEU A 102 3.33 -13.27 26.22
N PRO A 103 2.47 -14.07 26.85
CA PRO A 103 1.34 -13.51 27.58
C PRO A 103 1.78 -12.85 28.89
N GLY A 104 0.92 -11.97 29.37
CA GLY A 104 1.14 -11.31 30.63
C GLY A 104 2.07 -10.12 30.50
N GLU A 105 2.38 -9.55 31.67
CA GLU A 105 3.16 -8.32 31.73
C GLU A 105 4.47 -8.43 30.97
N GLU A 106 5.07 -9.62 30.96
CA GLU A 106 6.31 -9.83 30.22
C GLU A 106 6.20 -9.44 28.75
N GLY A 107 4.97 -9.43 28.21
CA GLY A 107 4.76 -9.09 26.81
C GLY A 107 4.02 -7.80 26.63
N ALA A 108 4.03 -6.96 27.67
CA ALA A 108 3.24 -5.73 27.66
C ALA A 108 3.65 -4.78 26.54
N TRP A 109 4.84 -4.96 25.97
CA TRP A 109 5.37 -4.05 24.95
C TRP A 109 5.40 -4.69 23.57
N MET A 110 4.57 -5.70 23.33
CA MET A 110 4.44 -6.33 22.02
C MET A 110 2.98 -6.55 21.69
N VAL A 111 2.69 -6.59 20.39
CA VAL A 111 1.47 -7.21 19.87
C VAL A 111 1.88 -8.20 18.79
N THR A 112 0.99 -9.17 18.55
CA THR A 112 1.24 -10.25 17.60
C THR A 112 0.15 -10.22 16.54
N LEU A 113 0.55 -10.10 15.28
CA LEU A 113 -0.42 -9.91 14.20
C LEU A 113 -0.99 -11.24 13.69
N PRO A 114 -0.20 -12.29 13.52
CA PRO A 114 -0.75 -13.51 12.91
C PRO A 114 -1.86 -14.10 13.78
N GLN A 115 -2.87 -14.65 13.10
CA GLN A 115 -4.03 -15.18 13.79
C GLN A 115 -3.63 -16.34 14.70
N PRO A 116 -4.12 -16.39 15.93
CA PRO A 116 -3.81 -17.54 16.80
C PRO A 116 -4.47 -18.80 16.29
N ALA A 117 -3.75 -19.91 16.41
CA ALA A 117 -4.21 -21.17 15.83
C ALA A 117 -5.63 -21.57 16.24
N PRO A 118 -6.07 -21.39 17.48
CA PRO A 118 -7.45 -21.81 17.82
C PRO A 118 -8.50 -21.11 16.99
N LEU A 119 -8.32 -19.82 16.72
CA LEU A 119 -9.23 -19.11 15.83
C LEU A 119 -9.24 -19.72 14.44
N MET A 120 -8.09 -20.22 13.98
CA MET A 120 -8.02 -20.87 12.67
C MET A 120 -8.66 -22.25 12.72
N VAL A 121 -8.42 -23.01 13.80
CA VAL A 121 -9.02 -24.33 13.93
C VAL A 121 -10.53 -24.23 13.99
N SER A 122 -11.05 -23.25 14.73
CA SER A 122 -12.50 -23.11 14.88
C SER A 122 -13.18 -22.93 13.53
N ALA A 123 -12.50 -22.30 12.57
CA ALA A 123 -13.11 -22.08 11.27
C ALA A 123 -13.37 -23.38 10.54
N VAL A 124 -12.41 -24.32 10.57
CA VAL A 124 -12.62 -25.57 9.86
C VAL A 124 -13.47 -26.54 10.67
N VAL A 125 -13.54 -26.37 11.99
CA VAL A 125 -14.49 -27.16 12.77
C VAL A 125 -15.91 -26.73 12.45
N GLU A 126 -16.13 -25.45 12.18
CA GLU A 126 -17.44 -24.98 11.74
C GLU A 126 -17.81 -25.57 10.38
N ARG A 127 -16.82 -25.78 9.51
CA ARG A 127 -17.09 -26.43 8.23
C ARG A 127 -17.45 -27.91 8.44
N MET A 128 -16.75 -28.58 9.35
CA MET A 128 -17.10 -29.95 9.70
C MET A 128 -18.55 -30.04 10.18
N LYS A 129 -19.00 -29.03 10.94
CA LYS A 129 -20.37 -29.05 11.46
C LYS A 129 -21.38 -29.08 10.33
N LYS A 130 -21.24 -28.22 9.34
CA LYS A 130 -22.19 -28.18 8.24
C LYS A 130 -21.97 -29.32 7.25
N SER A 131 -20.84 -30.01 7.33
CA SER A 131 -20.52 -31.11 6.44
C SER A 131 -20.98 -32.46 6.96
N GLY A 132 -21.62 -32.50 8.12
CA GLY A 132 -22.10 -33.74 8.69
C GLY A 132 -21.07 -34.54 9.44
N VAL A 133 -19.91 -33.95 9.75
CA VAL A 133 -18.85 -34.69 10.40
C VAL A 133 -19.25 -35.00 11.83
N LYS A 134 -19.25 -36.28 12.18
CA LYS A 134 -19.49 -36.73 13.55
C LYS A 134 -18.25 -37.33 14.20
N THR A 135 -17.29 -37.78 13.40
CA THR A 135 -16.03 -38.32 13.89
C THR A 135 -14.89 -37.70 13.07
N VAL A 136 -13.80 -37.37 13.75
CA VAL A 136 -12.63 -36.80 13.09
C VAL A 136 -11.39 -37.46 13.65
N GLY A 137 -10.48 -37.84 12.76
CA GLY A 137 -9.16 -38.32 13.14
C GLY A 137 -8.14 -37.21 13.00
N TYR A 138 -7.14 -37.22 13.88
CA TYR A 138 -6.08 -36.23 13.87
C TYR A 138 -4.73 -36.90 13.67
N ILE A 139 -3.87 -36.25 12.90
CA ILE A 139 -2.46 -36.61 12.80
C ILE A 139 -1.68 -35.31 12.66
N GLY A 140 -0.61 -35.18 13.44
CA GLY A 140 0.15 -33.94 13.44
C GLY A 140 1.56 -34.16 13.94
N PHE A 141 2.32 -33.08 13.96
CA PHE A 141 3.70 -33.16 14.39
C PHE A 141 3.79 -33.46 15.89
N SER A 142 4.88 -34.10 16.28
CA SER A 142 5.21 -34.31 17.69
C SER A 142 6.08 -33.17 18.20
N ASP A 143 5.56 -31.95 18.03
CA ASP A 143 6.21 -30.74 18.52
C ASP A 143 5.11 -29.79 18.99
N ALA A 144 5.50 -28.54 19.26
CA ALA A 144 4.58 -27.58 19.86
C ALA A 144 3.47 -27.18 18.89
N TRP A 145 3.75 -27.19 17.58
CA TRP A 145 2.72 -26.86 16.61
C TRP A 145 1.69 -27.98 16.51
N GLY A 146 2.15 -29.24 16.49
CA GLY A 146 1.21 -30.35 16.55
C GLY A 146 0.38 -30.32 17.82
N ASP A 147 1.02 -30.05 18.96
CA ASP A 147 0.29 -29.97 20.22
C ASP A 147 -0.77 -28.89 20.17
N LEU A 148 -0.44 -27.72 19.63
CA LEU A 148 -1.34 -26.58 19.70
C LEU A 148 -2.59 -26.82 18.85
N VAL A 149 -2.41 -27.38 17.65
CA VAL A 149 -3.56 -27.66 16.79
C VAL A 149 -4.46 -28.70 17.44
N TYR A 150 -3.88 -29.77 17.96
CA TYR A 150 -4.69 -30.81 18.59
C TYR A 150 -5.44 -30.27 19.79
N ASP A 151 -4.79 -29.43 20.60
CA ASP A 151 -5.45 -28.85 21.76
C ASP A 151 -6.60 -27.96 21.34
N ALA A 152 -6.39 -27.13 20.29
CA ALA A 152 -7.48 -26.32 19.76
C ALA A 152 -8.57 -27.19 19.14
N LEU A 153 -8.20 -28.31 18.52
CA LEU A 153 -9.21 -29.22 17.99
C LEU A 153 -10.05 -29.81 19.12
N GLN A 154 -9.40 -30.25 20.19
CA GLN A 154 -10.15 -30.76 21.34
C GLN A 154 -11.14 -29.71 21.84
N LYS A 155 -10.66 -28.49 22.06
CA LYS A 155 -11.48 -27.45 22.68
C LYS A 155 -12.54 -26.89 21.76
N SER A 156 -12.47 -27.15 20.45
CA SER A 156 -13.48 -26.67 19.51
C SER A 156 -14.44 -27.77 19.08
N ALA A 157 -13.94 -29.00 18.85
CA ALA A 157 -14.78 -30.05 18.32
C ALA A 157 -15.62 -30.72 19.42
N GLU A 158 -15.00 -31.03 20.55
CA GLU A 158 -15.72 -31.74 21.60
C GLU A 158 -16.91 -30.96 22.13
N PRO A 159 -16.82 -29.65 22.38
CA PRO A 159 -18.03 -28.88 22.71
C PRO A 159 -19.12 -29.01 21.68
N ALA A 160 -18.77 -29.11 20.40
CA ALA A 160 -19.71 -29.17 19.30
C ALA A 160 -20.17 -30.59 18.99
N GLY A 161 -19.76 -31.57 19.79
CA GLY A 161 -20.26 -32.93 19.64
C GLY A 161 -19.57 -33.76 18.60
N ILE A 162 -18.45 -33.32 18.06
CA ILE A 162 -17.66 -34.12 17.14
C ILE A 162 -16.66 -34.94 17.96
N LYS A 163 -16.63 -36.24 17.73
CA LYS A 163 -15.71 -37.12 18.44
C LYS A 163 -14.37 -37.15 17.71
N ILE A 164 -13.29 -36.94 18.45
CA ILE A 164 -11.95 -37.11 17.94
C ILE A 164 -11.54 -38.55 18.20
N VAL A 165 -11.27 -39.30 17.13
CA VAL A 165 -11.06 -40.74 17.22
C VAL A 165 -9.60 -41.15 17.10
N SER A 166 -8.70 -40.23 16.75
CA SER A 166 -7.28 -40.53 16.64
C SER A 166 -6.47 -39.32 17.07
N ASN A 167 -5.28 -39.60 17.63
CA ASN A 167 -4.30 -38.58 17.95
C ASN A 167 -2.92 -39.15 17.62
N GLU A 168 -2.67 -39.36 16.33
CA GLU A 168 -1.40 -39.87 15.85
C GLU A 168 -0.43 -38.72 15.61
N ARG A 169 0.86 -38.98 15.82
CA ARG A 169 1.88 -37.97 15.59
C ARG A 169 3.01 -38.55 14.74
N TYR A 170 3.83 -37.64 14.22
CA TYR A 170 5.04 -38.00 13.49
C TYR A 170 5.99 -36.81 13.53
N ALA A 171 7.27 -37.10 13.39
CA ALA A 171 8.29 -36.06 13.41
C ALA A 171 8.41 -35.41 12.05
N ARG A 172 8.82 -34.14 12.05
CA ARG A 172 8.89 -33.38 10.81
C ARG A 172 9.76 -34.08 9.77
N ALA A 173 10.86 -34.69 10.19
CA ALA A 173 11.82 -35.29 9.27
C ALA A 173 11.51 -36.76 8.97
N ASP A 174 10.38 -37.28 9.44
CA ASP A 174 10.03 -38.66 9.16
C ASP A 174 9.75 -38.85 7.68
N SER A 175 10.16 -39.99 7.14
CA SER A 175 9.91 -40.30 5.74
C SER A 175 8.60 -41.03 5.51
N SER A 176 8.08 -41.74 6.51
CA SER A 176 6.88 -42.54 6.37
C SER A 176 5.93 -42.26 7.53
N VAL A 177 4.63 -42.45 7.28
CA VAL A 177 3.60 -42.26 8.28
C VAL A 177 2.56 -43.37 8.12
N THR A 178 3.00 -44.49 7.52
CA THR A 178 2.06 -45.53 7.13
C THR A 178 1.37 -46.15 8.34
N GLY A 179 2.13 -46.46 9.39
CA GLY A 179 1.52 -47.05 10.57
C GLY A 179 0.41 -46.20 11.15
N GLN A 180 0.70 -44.92 11.40
CA GLN A 180 -0.30 -44.01 11.94
C GLN A 180 -1.53 -43.96 11.06
N VAL A 181 -1.33 -43.80 9.75
CA VAL A 181 -2.47 -43.64 8.84
C VAL A 181 -3.25 -44.94 8.71
N LEU A 182 -2.58 -46.08 8.84
CA LEU A 182 -3.30 -47.35 8.84
C LEU A 182 -4.31 -47.41 9.98
N LYS A 183 -3.94 -46.89 11.15
CA LYS A 183 -4.84 -46.90 12.28
C LYS A 183 -5.99 -45.92 12.09
N ILE A 184 -5.74 -44.82 11.40
CA ILE A 184 -6.79 -43.81 11.20
C ILE A 184 -7.84 -44.32 10.23
N VAL A 185 -7.41 -44.91 9.11
CA VAL A 185 -8.37 -45.40 8.12
C VAL A 185 -9.25 -46.48 8.73
N ALA A 186 -8.68 -47.32 9.60
CA ALA A 186 -9.45 -48.42 10.18
C ALA A 186 -10.60 -47.91 11.03
N LEU A 187 -10.45 -46.72 11.63
CA LEU A 187 -11.53 -46.12 12.41
C LEU A 187 -12.61 -45.49 11.55
N ARG A 188 -12.36 -45.36 10.24
CA ARG A 188 -13.33 -44.83 9.29
C ARG A 188 -13.97 -43.53 9.77
N PRO A 189 -13.17 -42.53 10.11
CA PRO A 189 -13.76 -41.24 10.51
C PRO A 189 -14.36 -40.51 9.31
N ASP A 190 -15.35 -39.66 9.60
CA ASP A 190 -15.95 -38.84 8.55
C ASP A 190 -14.97 -37.84 7.98
N ALA A 191 -13.93 -37.48 8.73
CA ALA A 191 -12.95 -36.50 8.28
C ALA A 191 -11.64 -36.76 8.99
N VAL A 192 -10.56 -36.28 8.37
CA VAL A 192 -9.24 -36.25 8.99
C VAL A 192 -8.70 -34.84 8.84
N ILE A 193 -8.20 -34.28 9.95
CA ILE A 193 -7.50 -33.01 9.94
C ILE A 193 -6.07 -33.28 10.39
N THR A 194 -5.11 -32.54 9.84
CA THR A 194 -3.72 -32.65 10.26
C THR A 194 -3.28 -31.35 10.92
N GLY A 195 -2.28 -31.48 11.81
CA GLY A 195 -1.62 -30.34 12.39
C GLY A 195 -0.18 -30.25 11.92
N THR A 196 0.02 -29.72 10.72
CA THR A 196 1.32 -29.79 10.05
C THR A 196 1.60 -28.48 9.33
N SER A 197 2.78 -28.41 8.72
CA SER A 197 3.22 -27.26 7.96
C SER A 197 4.22 -27.74 6.90
N GLY A 198 4.33 -26.97 5.83
CA GLY A 198 5.33 -27.26 4.82
C GLY A 198 5.05 -28.55 4.07
N THR A 199 6.05 -28.98 3.30
CA THR A 199 5.91 -30.15 2.45
C THR A 199 5.87 -31.45 3.24
N PRO A 200 6.43 -31.51 4.46
CA PRO A 200 6.15 -32.68 5.30
C PRO A 200 4.68 -32.84 5.61
N GLY A 201 3.92 -31.76 5.59
CA GLY A 201 2.49 -31.84 5.79
C GLY A 201 1.76 -32.63 4.72
N ALA A 202 2.39 -32.84 3.57
CA ALA A 202 1.76 -33.61 2.51
C ALA A 202 1.81 -35.11 2.77
N LEU A 203 2.76 -35.57 3.58
CA LEU A 203 2.93 -37.00 3.83
C LEU A 203 1.66 -37.70 4.27
N PRO A 204 0.92 -37.23 5.28
CA PRO A 204 -0.31 -37.94 5.67
C PRO A 204 -1.36 -37.97 4.58
N TYR A 205 -1.46 -36.92 3.76
CA TYR A 205 -2.47 -36.90 2.71
C TYR A 205 -2.14 -37.89 1.62
N LEU A 206 -0.86 -37.99 1.26
CA LEU A 206 -0.43 -39.01 0.30
C LEU A 206 -0.72 -40.40 0.83
N ALA A 207 -0.51 -40.62 2.13
CA ALA A 207 -0.77 -41.93 2.71
C ALA A 207 -2.26 -42.24 2.73
N LEU A 208 -3.09 -41.26 3.07
CA LEU A 208 -4.53 -41.49 3.12
C LEU A 208 -5.08 -41.91 1.76
N ALA A 209 -4.53 -41.36 0.67
CA ALA A 209 -5.04 -41.67 -0.65
C ALA A 209 -4.54 -43.02 -1.15
N GLU A 210 -3.25 -43.32 -0.91
CA GLU A 210 -2.76 -44.67 -1.21
C GLU A 210 -3.52 -45.72 -0.43
N ARG A 211 -3.98 -45.38 0.78
CA ARG A 211 -4.75 -46.29 1.61
C ARG A 211 -6.23 -46.30 1.23
N GLY A 212 -6.68 -45.41 0.36
CA GLY A 212 -8.05 -45.44 -0.13
C GLY A 212 -9.06 -44.76 0.77
N TYR A 213 -8.69 -43.65 1.40
CA TYR A 213 -9.60 -42.94 2.30
C TYR A 213 -10.52 -42.02 1.49
N LYS A 214 -11.83 -42.17 1.70
CA LYS A 214 -12.82 -41.42 0.93
C LYS A 214 -13.60 -40.42 1.77
N GLY A 215 -13.07 -40.03 2.93
CA GLY A 215 -13.69 -39.00 3.75
C GLY A 215 -13.17 -37.62 3.40
N GLN A 216 -13.58 -36.64 4.23
CA GLN A 216 -13.12 -35.27 4.08
C GLN A 216 -11.72 -35.11 4.64
N ILE A 217 -10.96 -34.18 4.06
CA ILE A 217 -9.60 -33.91 4.51
C ILE A 217 -9.46 -32.42 4.79
N TYR A 218 -8.89 -32.11 5.94
CA TYR A 218 -8.71 -30.75 6.43
C TYR A 218 -7.24 -30.52 6.74
N GLY A 219 -6.87 -29.25 6.83
CA GLY A 219 -5.52 -28.89 7.23
C GLY A 219 -5.48 -27.42 7.59
N MET A 220 -4.32 -26.98 8.07
CA MET A 220 -4.18 -25.62 8.56
C MET A 220 -3.75 -24.67 7.44
N HIS A 221 -3.76 -23.38 7.78
CA HIS A 221 -3.29 -22.34 6.88
C HIS A 221 -1.80 -22.48 6.56
N ALA A 222 -1.06 -23.20 7.41
CA ALA A 222 0.35 -23.44 7.11
C ALA A 222 0.53 -24.28 5.86
N LEU A 223 -0.52 -24.95 5.38
CA LEU A 223 -0.44 -25.77 4.19
C LEU A 223 -0.74 -24.99 2.91
N ILE A 224 -1.10 -23.72 3.01
CA ILE A 224 -1.51 -22.93 1.86
C ILE A 224 -0.24 -22.35 1.24
N ASN A 225 0.35 -23.12 0.33
CA ASN A 225 1.53 -22.66 -0.39
C ASN A 225 1.82 -23.60 -1.56
N PRO A 226 2.34 -23.07 -2.68
CA PRO A 226 2.42 -23.89 -3.90
C PRO A 226 3.30 -25.12 -3.75
N ASP A 227 4.29 -25.10 -2.85
CA ASP A 227 5.15 -26.27 -2.68
C ASP A 227 4.36 -27.44 -2.11
N PHE A 228 3.61 -27.20 -1.04
CA PHE A 228 2.72 -28.24 -0.52
C PHE A 228 1.76 -28.71 -1.59
N VAL A 229 1.20 -27.78 -2.37
CA VAL A 229 0.19 -28.14 -3.35
C VAL A 229 0.74 -29.16 -4.35
N ARG A 230 1.91 -28.87 -4.93
CA ARG A 230 2.43 -29.77 -5.95
C ARG A 230 3.01 -31.05 -5.36
N VAL A 231 3.54 -31.02 -4.14
CA VAL A 231 3.94 -32.27 -3.50
C VAL A 231 2.72 -33.12 -3.19
N GLY A 232 1.64 -32.49 -2.75
CA GLY A 232 0.42 -33.23 -2.45
C GLY A 232 -0.23 -33.78 -3.71
N GLY A 233 -0.21 -33.01 -4.79
CA GLY A 233 -0.79 -33.46 -6.04
C GLY A 233 -2.24 -33.84 -5.89
N ALA A 234 -2.63 -34.93 -6.57
CA ALA A 234 -4.01 -35.39 -6.53
C ALA A 234 -4.46 -35.72 -5.11
N SER A 235 -3.53 -36.10 -4.23
CA SER A 235 -3.91 -36.54 -2.90
C SER A 235 -4.50 -35.41 -2.05
N VAL A 236 -4.21 -34.15 -2.35
CA VAL A 236 -4.73 -33.03 -1.59
C VAL A 236 -5.91 -32.35 -2.29
N GLU A 237 -6.40 -32.93 -3.39
CA GLU A 237 -7.54 -32.33 -4.08
C GLU A 237 -8.75 -32.31 -3.16
N GLY A 238 -9.38 -31.13 -3.04
CA GLY A 238 -10.50 -30.95 -2.14
C GLY A 238 -10.13 -30.64 -0.72
N LEU A 239 -8.87 -30.31 -0.44
CA LEU A 239 -8.43 -30.05 0.92
C LEU A 239 -9.06 -28.75 1.44
N LEU A 240 -9.64 -28.82 2.63
CA LEU A 240 -10.27 -27.68 3.26
C LEU A 240 -9.34 -27.09 4.31
N ALA A 241 -9.17 -25.78 4.28
CA ALA A 241 -8.23 -25.13 5.19
C ALA A 241 -8.68 -23.71 5.47
N PRO A 242 -8.36 -23.17 6.65
CA PRO A 242 -8.61 -21.76 6.92
C PRO A 242 -7.49 -20.90 6.37
N THR A 243 -7.82 -19.65 6.09
CA THR A 243 -6.82 -18.71 5.60
C THR A 243 -7.22 -17.29 5.94
N GLY A 244 -6.22 -16.44 6.13
CA GLY A 244 -6.43 -15.01 6.12
C GLY A 244 -7.00 -14.60 4.78
N PRO A 245 -8.01 -13.72 4.78
CA PRO A 245 -8.80 -13.51 3.55
C PRO A 245 -8.01 -12.90 2.41
N VAL A 246 -6.87 -12.25 2.67
CA VAL A 246 -6.13 -11.60 1.59
C VAL A 246 -5.77 -12.60 0.50
N ILE A 247 -5.58 -13.87 0.87
CA ILE A 247 -5.18 -14.87 -0.12
C ILE A 247 -6.22 -14.97 -1.23
N VAL A 248 -7.50 -14.78 -0.89
CA VAL A 248 -8.59 -14.95 -1.85
C VAL A 248 -9.42 -13.69 -1.90
N ALA A 249 -8.78 -12.52 -1.83
CA ALA A 249 -9.52 -11.26 -1.78
C ALA A 249 -10.42 -11.10 -3.00
N GLU A 250 -9.94 -11.50 -4.18
CA GLU A 250 -10.74 -11.34 -5.39
C GLU A 250 -12.02 -12.16 -5.35
N GLN A 251 -12.16 -13.08 -4.39
CA GLN A 251 -13.36 -13.88 -4.24
C GLN A 251 -14.27 -13.39 -3.13
N LEU A 252 -13.85 -12.38 -2.38
CA LEU A 252 -14.61 -11.98 -1.19
C LEU A 252 -15.84 -11.16 -1.58
N PRO A 253 -16.92 -11.28 -0.81
CA PRO A 253 -18.08 -10.39 -1.02
C PRO A 253 -17.71 -8.96 -0.67
N SER A 254 -18.46 -8.01 -1.26
CA SER A 254 -18.09 -6.61 -1.11
C SER A 254 -18.30 -6.10 0.31
N GLU A 255 -19.17 -6.74 1.07
CA GLU A 255 -19.37 -6.35 2.46
C GLU A 255 -18.17 -6.69 3.34
N ASN A 256 -17.32 -7.61 2.90
CA ASN A 256 -16.11 -7.94 3.65
C ASN A 256 -15.11 -6.79 3.53
N PRO A 257 -14.93 -5.98 4.57
CA PRO A 257 -14.05 -4.81 4.43
C PRO A 257 -12.61 -5.15 4.17
N ILE A 258 -12.22 -6.42 4.31
CA ILE A 258 -10.84 -6.81 4.04
C ILE A 258 -10.56 -6.88 2.54
N ARG A 259 -11.58 -6.95 1.70
CA ARG A 259 -11.34 -7.01 0.26
C ARG A 259 -10.70 -5.72 -0.22
N LYS A 260 -11.24 -4.58 0.19
CA LYS A 260 -10.74 -3.30 -0.30
C LYS A 260 -9.28 -3.09 0.12
N VAL A 261 -8.99 -3.33 1.40
CA VAL A 261 -7.62 -3.14 1.90
C VAL A 261 -6.68 -4.15 1.24
N SER A 262 -7.14 -5.40 1.06
CA SER A 262 -6.32 -6.39 0.38
C SER A 262 -6.01 -5.94 -1.04
N MET A 263 -6.99 -5.34 -1.72
CA MET A 263 -6.78 -4.88 -3.08
C MET A 263 -5.79 -3.71 -3.10
N ASP A 264 -5.87 -2.81 -2.12
CA ASP A 264 -4.85 -1.77 -2.00
C ASP A 264 -3.47 -2.38 -1.82
N PHE A 265 -3.37 -3.42 -0.99
CA PHE A 265 -2.09 -4.07 -0.74
C PHE A 265 -1.53 -4.69 -2.01
N ARG A 266 -2.37 -5.39 -2.79
CA ARG A 266 -1.90 -6.02 -4.01
C ARG A 266 -1.37 -4.99 -4.99
N ALA A 267 -2.05 -3.86 -5.11
CA ALA A 267 -1.60 -2.82 -6.04
C ALA A 267 -0.28 -2.21 -5.59
N ALA A 268 -0.14 -1.94 -4.29
CA ALA A 268 1.11 -1.37 -3.78
C ALA A 268 2.25 -2.37 -3.85
N TYR A 269 1.96 -3.65 -3.56
CA TYR A 269 2.97 -4.70 -3.73
C TYR A 269 3.36 -4.82 -5.20
N GLN A 270 2.37 -4.70 -6.09
CA GLN A 270 2.64 -4.73 -7.52
C GLN A 270 3.58 -3.60 -7.92
N LYS A 271 3.36 -2.40 -7.38
CA LYS A 271 4.15 -1.24 -7.78
C LYS A 271 5.60 -1.36 -7.32
N ALA A 272 5.82 -1.87 -6.11
CA ALA A 272 7.17 -1.92 -5.55
C ALA A 272 7.96 -3.14 -5.99
N ASN A 273 7.29 -4.27 -6.19
CA ASN A 273 7.99 -5.52 -6.46
C ASN A 273 7.83 -6.02 -7.88
N GLY A 274 6.91 -5.45 -8.66
CA GLY A 274 6.79 -5.78 -10.07
C GLY A 274 5.83 -6.90 -10.38
N ALA A 275 5.31 -7.61 -9.37
CA ALA A 275 4.39 -8.72 -9.57
C ALA A 275 3.36 -8.72 -8.46
N PRO A 276 2.16 -9.28 -8.72
CA PRO A 276 1.18 -9.40 -7.64
C PRO A 276 1.66 -10.38 -6.56
N PRO A 277 1.26 -10.15 -5.32
CA PRO A 277 1.64 -11.09 -4.25
C PRO A 277 0.73 -12.31 -4.19
N THR A 278 1.29 -13.41 -3.71
CA THR A 278 0.55 -14.65 -3.52
C THR A 278 0.73 -15.27 -2.15
N ASP A 279 1.55 -14.67 -1.29
CA ASP A 279 1.91 -15.26 0.00
C ASP A 279 1.28 -14.47 1.13
N ALA A 280 1.14 -15.14 2.28
CA ALA A 280 0.53 -14.52 3.44
C ALA A 280 1.48 -13.61 4.22
N PHE A 281 2.79 -13.82 4.08
CA PHE A 281 3.75 -13.14 4.95
C PHE A 281 3.99 -11.69 4.56
N SER A 282 4.10 -11.42 3.25
CA SER A 282 4.17 -10.02 2.83
C SER A 282 2.99 -9.23 3.37
N ALA A 283 1.81 -9.87 3.44
CA ALA A 283 0.61 -9.17 3.88
C ALA A 283 0.67 -8.82 5.37
N TYR A 284 1.34 -9.65 6.19
CA TYR A 284 1.47 -9.32 7.60
C TYR A 284 2.28 -8.03 7.79
N THR A 285 3.38 -7.88 7.04
CA THR A 285 4.16 -6.65 7.14
C THR A 285 3.32 -5.44 6.76
N PHE A 286 2.53 -5.56 5.69
CA PHE A 286 1.60 -4.48 5.34
C PHE A 286 0.72 -4.11 6.52
N ASP A 287 0.08 -5.11 7.13
CA ASP A 287 -0.79 -4.84 8.28
C ASP A 287 -0.03 -4.15 9.40
N ALA A 288 1.21 -4.60 9.66
CA ALA A 288 2.02 -3.95 10.69
C ALA A 288 2.22 -2.47 10.36
N TRP A 289 2.51 -2.16 9.11
CA TRP A 289 2.62 -0.77 8.69
C TRP A 289 1.33 -0.02 8.91
N LEU A 290 0.20 -0.58 8.48
CA LEU A 290 -1.09 0.07 8.69
C LEU A 290 -1.31 0.32 10.18
N LEU A 291 -0.95 -0.64 11.02
CA LEU A 291 -1.13 -0.47 12.45
C LEU A 291 -0.24 0.64 12.99
N TYR A 292 1.02 0.69 12.53
CA TYR A 292 1.91 1.76 12.97
C TYR A 292 1.41 3.11 12.49
N LEU A 293 1.05 3.22 11.21
CA LEU A 293 0.54 4.49 10.68
C LEU A 293 -0.61 5.01 11.53
N ASP A 294 -1.56 4.12 11.85
CA ASP A 294 -2.74 4.55 12.60
C ASP A 294 -2.39 4.90 14.04
N ALA A 295 -1.59 4.07 14.69
CA ALA A 295 -1.23 4.32 16.08
C ALA A 295 -0.31 5.54 16.20
N ALA A 296 0.57 5.74 15.23
CA ALA A 296 1.44 6.91 15.24
C ALA A 296 0.61 8.19 15.19
N GLN A 297 -0.33 8.26 14.24
CA GLN A 297 -1.21 9.42 14.14
C GLN A 297 -1.82 9.76 15.49
N ARG A 298 -2.32 8.75 16.22
CA ARG A 298 -2.96 9.02 17.50
C ARG A 298 -1.94 9.45 18.55
N ALA A 299 -0.79 8.76 18.61
CA ALA A 299 0.25 9.14 19.57
C ALA A 299 0.78 10.54 19.31
N LEU A 300 0.83 10.96 18.05
CA LEU A 300 1.31 12.31 17.75
C LEU A 300 0.35 13.37 18.29
N ALA A 301 -0.95 13.07 18.31
CA ALA A 301 -1.92 14.01 18.85
C ALA A 301 -1.73 14.26 20.34
N THR A 302 -1.00 13.39 21.05
CA THR A 302 -0.82 13.55 22.48
C THR A 302 0.21 14.62 22.83
N LYS A 303 0.93 15.16 21.85
CA LYS A 303 1.98 16.16 22.01
C LYS A 303 3.31 15.55 22.48
N ALA A 304 3.44 14.23 22.50
CA ALA A 304 4.71 13.61 22.82
C ALA A 304 5.62 13.62 21.60
N GLU A 305 6.90 13.90 21.82
CA GLU A 305 7.83 14.13 20.72
C GLU A 305 8.47 12.82 20.28
N PRO A 306 8.36 12.44 19.00
CA PRO A 306 9.06 11.25 18.53
C PRO A 306 10.54 11.28 18.88
N GLY A 307 11.10 10.11 19.14
CA GLY A 307 12.48 9.99 19.54
C GLY A 307 12.73 10.04 21.03
N THR A 308 11.67 10.18 21.84
CA THR A 308 11.77 10.24 23.28
C THR A 308 11.04 9.06 23.90
N PRO A 309 11.43 8.64 25.11
CA PRO A 309 10.66 7.59 25.81
C PRO A 309 9.17 7.90 25.88
N GLN A 310 8.80 9.16 26.04
CA GLN A 310 7.39 9.50 26.22
C GLN A 310 6.57 9.17 24.98
N PHE A 311 7.13 9.41 23.79
CA PHE A 311 6.43 9.05 22.56
C PHE A 311 6.42 7.52 22.36
N ARG A 312 7.51 6.85 22.73
CA ARG A 312 7.51 5.39 22.71
C ARG A 312 6.35 4.84 23.53
N LEU A 313 6.08 5.45 24.69
CA LEU A 313 4.97 5.00 25.51
C LEU A 313 3.63 5.37 24.87
N ALA A 314 3.51 6.59 24.36
CA ALA A 314 2.30 6.98 23.65
C ALA A 314 2.01 6.02 22.50
N LEU A 315 3.05 5.65 21.74
CA LEU A 315 2.86 4.77 20.59
C LEU A 315 2.42 3.38 21.03
N ARG A 316 3.10 2.81 22.03
CA ARG A 316 2.65 1.54 22.60
C ARG A 316 1.20 1.62 23.02
N ASP A 317 0.85 2.68 23.78
CA ASP A 317 -0.50 2.82 24.29
C ASP A 317 -1.51 2.89 23.16
N ALA A 318 -1.15 3.52 22.05
CA ALA A 318 -2.06 3.60 20.91
C ALA A 318 -2.16 2.25 20.20
N ILE A 319 -1.03 1.58 20.00
CA ILE A 319 -1.05 0.28 19.34
C ILE A 319 -1.98 -0.68 20.06
N VAL A 320 -1.82 -0.81 21.38
CA VAL A 320 -2.51 -1.86 22.13
C VAL A 320 -3.95 -1.50 22.49
N SER A 321 -4.44 -0.34 22.05
CA SER A 321 -5.86 0.00 22.20
C SER A 321 -6.50 0.27 20.84
N THR A 322 -5.87 -0.20 19.76
CA THR A 322 -6.40 0.01 18.41
C THR A 322 -7.79 -0.61 18.27
N LYS A 323 -8.67 0.11 17.57
CA LYS A 323 -10.06 -0.31 17.40
C LYS A 323 -10.41 -0.36 15.91
N GLU A 324 -10.92 -1.51 15.47
CA GLU A 324 -11.50 -1.68 14.14
C GLU A 324 -10.55 -1.22 13.03
N LEU A 325 -9.30 -1.65 13.11
CA LEU A 325 -8.33 -1.39 12.06
C LEU A 325 -8.44 -2.52 11.03
N VAL A 326 -8.92 -2.18 9.84
CA VAL A 326 -9.09 -3.15 8.76
C VAL A 326 -7.74 -3.37 8.08
N GLY A 327 -7.24 -4.61 8.15
CA GLY A 327 -6.03 -4.99 7.48
C GLY A 327 -6.29 -6.00 6.38
N THR A 328 -5.22 -6.66 5.95
CA THR A 328 -5.31 -7.70 4.95
C THR A 328 -5.60 -9.07 5.56
N HIS A 329 -5.19 -9.29 6.80
CA HIS A 329 -5.35 -10.57 7.48
C HIS A 329 -6.45 -10.57 8.51
N SER A 330 -6.63 -9.47 9.23
CA SER A 330 -7.68 -9.36 10.24
C SER A 330 -8.26 -7.96 10.24
N VAL A 331 -9.35 -7.80 10.99
CA VAL A 331 -9.77 -6.52 11.52
C VAL A 331 -9.25 -6.46 12.95
N TYR A 332 -8.25 -5.62 13.18
CA TYR A 332 -7.49 -5.68 14.43
C TYR A 332 -8.18 -4.88 15.51
N ASN A 333 -8.38 -5.52 16.66
CA ASN A 333 -8.87 -4.88 17.89
C ASN A 333 -7.96 -5.34 19.02
N PHE A 334 -7.14 -4.42 19.53
CA PHE A 334 -6.16 -4.74 20.55
C PHE A 334 -6.56 -4.19 21.90
N LYS A 335 -6.33 -4.99 22.94
CA LYS A 335 -6.48 -4.59 24.33
C LYS A 335 -5.13 -4.74 25.02
N PRO A 336 -4.81 -3.86 25.98
CA PRO A 336 -3.45 -3.88 26.55
C PRO A 336 -3.03 -5.23 27.13
N THR A 337 -3.99 -6.05 27.56
CA THR A 337 -3.68 -7.28 28.29
C THR A 337 -3.59 -8.51 27.38
N ASP A 338 -3.82 -8.36 26.09
CA ASP A 338 -3.86 -9.49 25.16
C ASP A 338 -2.99 -9.17 23.96
N ARG A 339 -2.13 -10.12 23.57
CA ARG A 339 -1.18 -9.89 22.50
C ARG A 339 -1.84 -9.92 21.12
N TYR A 340 -3.02 -10.53 20.99
CA TYR A 340 -3.66 -10.78 19.71
C TYR A 340 -4.84 -9.84 19.51
N GLY A 341 -5.17 -9.59 18.24
CA GLY A 341 -6.26 -8.68 17.91
C GLY A 341 -7.16 -9.18 16.80
N SER A 342 -7.18 -10.48 16.56
CA SER A 342 -7.95 -11.07 15.47
C SER A 342 -9.26 -11.64 16.01
N ASP A 343 -10.33 -11.50 15.22
CA ASP A 343 -11.58 -12.19 15.51
C ASP A 343 -12.02 -13.03 14.32
N GLU A 344 -13.28 -13.47 14.31
CA GLU A 344 -13.73 -14.39 13.26
C GLU A 344 -13.59 -13.81 11.86
N ARG A 345 -13.50 -12.49 11.74
CA ARG A 345 -13.28 -11.88 10.44
C ARG A 345 -11.89 -12.14 9.90
N SER A 346 -10.97 -12.62 10.76
CA SER A 346 -9.58 -12.83 10.39
C SER A 346 -9.35 -14.09 9.56
N ARG A 347 -10.39 -14.84 9.22
CA ARG A 347 -10.16 -16.06 8.46
C ARG A 347 -11.41 -16.49 7.71
N VAL A 348 -11.18 -17.10 6.55
CA VAL A 348 -12.22 -17.76 5.76
C VAL A 348 -11.70 -19.16 5.44
N VAL A 349 -12.61 -20.02 5.02
CA VAL A 349 -12.28 -21.40 4.67
C VAL A 349 -12.16 -21.49 3.16
N VAL A 350 -11.07 -22.12 2.68
CA VAL A 350 -10.84 -22.33 1.27
C VAL A 350 -10.77 -23.83 0.99
N LYS A 351 -10.93 -24.18 -0.28
CA LYS A 351 -10.91 -25.56 -0.75
C LYS A 351 -9.99 -25.62 -1.95
N LEU A 352 -9.12 -26.63 -1.98
CA LEU A 352 -8.16 -26.75 -3.07
C LEU A 352 -8.84 -27.45 -4.25
N GLU A 353 -8.94 -26.74 -5.37
CA GLU A 353 -9.61 -27.24 -6.57
C GLU A 353 -8.72 -26.96 -7.77
N LYS A 354 -8.37 -28.02 -8.51
CA LYS A 354 -7.47 -27.93 -9.65
C LYS A 354 -6.27 -27.05 -9.32
N GLY A 355 -5.69 -27.27 -8.14
CA GLY A 355 -4.52 -26.54 -7.72
C GLY A 355 -4.75 -25.11 -7.31
N GLN A 356 -6.00 -24.65 -7.26
CA GLN A 356 -6.31 -23.30 -6.80
C GLN A 356 -7.17 -23.36 -5.55
N TRP A 357 -6.97 -22.36 -4.69
CA TRP A 357 -7.71 -22.24 -3.44
C TRP A 357 -9.00 -21.45 -3.71
N LYS A 358 -10.14 -22.08 -3.42
CA LYS A 358 -11.45 -21.51 -3.74
C LYS A 358 -12.21 -21.24 -2.44
N LEU A 359 -12.76 -20.03 -2.32
CA LEU A 359 -13.54 -19.65 -1.15
C LEU A 359 -14.79 -20.52 -1.05
N VAL A 360 -15.03 -21.07 0.14
CA VAL A 360 -16.17 -21.95 0.35
C VAL A 360 -17.39 -21.14 0.75
N ASP B 2 38.50 1.81 52.04
CA ASP B 2 37.86 2.26 50.81
C ASP B 2 38.60 3.44 50.19
N LEU B 3 38.77 3.40 48.87
CA LEU B 3 39.30 4.55 48.16
C LEU B 3 38.30 5.70 48.23
N LYS B 4 38.78 6.90 48.56
CA LYS B 4 37.92 8.05 48.80
C LYS B 4 38.18 9.13 47.74
N VAL B 5 37.10 9.66 47.18
CA VAL B 5 37.14 10.65 46.10
C VAL B 5 36.17 11.78 46.43
N GLY B 6 36.61 13.01 46.21
CA GLY B 6 35.80 14.20 46.50
C GLY B 6 35.18 14.78 45.25
N PHE B 7 33.92 15.21 45.36
CA PHE B 7 33.18 15.79 44.25
C PHE B 7 32.49 17.06 44.72
N ILE B 8 32.80 18.18 44.07
CA ILE B 8 32.15 19.47 44.32
C ILE B 8 31.55 19.96 43.01
N THR B 9 30.28 20.35 43.06
CA THR B 9 29.62 20.96 41.92
C THR B 9 28.69 22.05 42.44
N SER B 10 28.03 22.75 41.53
CA SER B 10 27.18 23.89 41.86
C SER B 10 25.72 23.47 41.73
N LEU B 11 25.15 22.98 42.83
CA LEU B 11 23.78 22.51 42.82
C LEU B 11 22.78 23.56 43.31
N SER B 12 23.24 24.71 43.79
CA SER B 12 22.37 25.65 44.47
C SER B 12 22.34 27.03 43.84
N GLY B 13 23.47 27.54 43.37
CA GLY B 13 23.58 28.93 42.99
C GLY B 13 23.28 29.22 41.52
N PRO B 14 23.76 30.37 41.04
CA PRO B 14 23.52 30.75 39.64
C PRO B 14 24.14 29.81 38.63
N VAL B 15 25.15 29.03 39.02
CA VAL B 15 25.77 28.07 38.10
C VAL B 15 25.08 26.71 38.16
N SER B 16 24.02 26.59 38.95
CA SER B 16 23.25 25.35 38.99
C SER B 16 22.86 24.88 37.60
N SER B 17 22.67 25.82 36.66
CA SER B 17 22.40 25.46 35.28
C SER B 17 23.42 24.45 34.76
N LEU B 18 24.65 24.50 35.26
CA LEU B 18 25.69 23.55 34.87
C LEU B 18 26.00 22.52 35.94
N GLY B 19 25.80 22.84 37.20
CA GLY B 19 26.16 21.92 38.27
C GLY B 19 25.26 20.70 38.33
N ILE B 20 23.98 20.88 38.09
CA ILE B 20 23.05 19.74 38.09
C ILE B 20 23.47 18.74 37.00
N PRO B 21 23.59 19.14 35.73
CA PRO B 21 24.08 18.18 34.71
C PRO B 21 25.40 17.52 35.08
N TYR B 22 26.38 18.30 35.56
CA TYR B 22 27.64 17.72 36.01
C TYR B 22 27.37 16.62 37.05
N GLU B 23 26.53 16.93 38.04
CA GLU B 23 26.14 15.91 39.02
C GLU B 23 25.59 14.67 38.33
N LYS B 24 24.71 14.86 37.35
CA LYS B 24 24.11 13.73 36.65
C LYS B 24 25.18 12.81 36.08
N GLY B 25 26.26 13.39 35.55
CA GLY B 25 27.33 12.56 35.03
C GLY B 25 28.00 11.73 36.11
N MET B 26 28.16 12.32 37.30
CA MET B 26 28.74 11.57 38.41
C MET B 26 27.88 10.37 38.78
N LYS B 27 26.56 10.49 38.66
CA LYS B 27 25.70 9.33 38.83
C LYS B 27 25.99 8.28 37.77
N ALA B 28 26.08 8.71 36.50
CA ALA B 28 26.46 7.79 35.43
C ALA B 28 27.79 7.12 35.73
N ALA B 29 28.76 7.89 36.23
CA ALA B 29 30.09 7.33 36.48
C ALA B 29 30.04 6.22 37.53
N ILE B 30 29.36 6.49 38.64
CA ILE B 30 29.21 5.46 39.67
C ILE B 30 28.57 4.21 39.09
N ALA B 31 27.49 4.40 38.32
CA ALA B 31 26.80 3.27 37.71
C ALA B 31 27.69 2.48 36.77
N TYR B 32 28.75 3.09 36.23
CA TYR B 32 29.59 2.44 35.23
C TYR B 32 30.72 1.64 35.87
N LYS B 33 31.35 2.17 36.92
CA LYS B 33 32.40 1.44 37.62
C LYS B 33 32.66 2.10 38.98
N SER B 34 32.40 1.36 40.06
CA SER B 34 32.49 1.91 41.41
C SER B 34 33.65 1.33 42.21
N ASP B 35 34.60 0.67 41.56
CA ASP B 35 35.76 0.11 42.24
C ASP B 35 36.98 0.23 41.36
N VAL B 36 38.15 0.10 41.99
CA VAL B 36 39.43 -0.02 41.30
C VAL B 36 40.03 -1.33 41.77
N GLY B 37 39.84 -2.39 40.97
CA GLY B 37 40.30 -3.71 41.36
C GLY B 37 39.58 -4.23 42.58
N GLY B 38 38.25 -4.08 42.61
CA GLY B 38 37.45 -4.51 43.73
C GLY B 38 37.49 -3.62 44.94
N ARG B 39 38.51 -2.77 45.09
CA ARG B 39 38.54 -1.81 46.17
C ARG B 39 37.42 -0.79 45.96
N LYS B 40 36.40 -0.84 46.80
CA LYS B 40 35.26 0.06 46.67
C LYS B 40 35.74 1.51 46.64
N ILE B 41 34.87 2.43 46.23
CA ILE B 41 35.19 3.85 46.16
C ILE B 41 34.12 4.60 46.92
N GLN B 42 34.56 5.44 47.86
CA GLN B 42 33.66 6.23 48.71
C GLN B 42 33.60 7.65 48.17
N LEU B 43 32.42 8.08 47.77
CA LEU B 43 32.24 9.41 47.19
C LEU B 43 31.82 10.39 48.28
N VAL B 44 32.60 11.46 48.44
CA VAL B 44 32.27 12.58 49.30
C VAL B 44 31.84 13.71 48.39
N GLN B 45 30.57 14.13 48.50
CA GLN B 45 30.03 15.18 47.65
C GLN B 45 29.55 16.35 48.50
N LEU B 46 29.90 17.56 48.07
CA LEU B 46 29.39 18.78 48.66
C LEU B 46 29.01 19.73 47.52
N ASP B 47 28.43 20.87 47.89
CA ASP B 47 27.89 21.82 46.93
C ASP B 47 28.42 23.21 47.27
N ASP B 48 28.97 23.89 46.28
CA ASP B 48 29.60 25.19 46.49
C ASP B 48 28.66 26.36 46.26
N ALA B 49 27.37 26.10 45.99
CA ALA B 49 26.39 27.15 45.75
C ALA B 49 26.90 28.18 44.76
N SER B 50 27.77 27.76 43.84
CA SER B 50 28.27 28.62 42.78
C SER B 50 29.12 29.78 43.31
N ASP B 51 29.63 29.66 44.52
CA ASP B 51 30.44 30.70 45.13
C ASP B 51 31.84 30.18 45.39
N PRO B 52 32.89 30.87 44.92
CA PRO B 52 34.24 30.31 45.05
C PRO B 52 34.66 30.01 46.49
N SER B 53 34.46 30.95 47.41
CA SER B 53 34.92 30.74 48.78
C SER B 53 34.30 29.49 49.38
N THR B 54 33.03 29.23 49.08
CA THR B 54 32.41 27.99 49.51
C THR B 54 33.15 26.79 48.93
N ALA B 55 33.39 26.80 47.62
CA ALA B 55 34.12 25.70 46.99
C ALA B 55 35.46 25.47 47.68
N ALA B 56 36.12 26.54 48.12
CA ALA B 56 37.38 26.39 48.82
C ALA B 56 37.19 25.74 50.18
N ARG B 57 36.12 26.10 50.88
CA ARG B 57 35.84 25.47 52.17
C ARG B 57 35.44 24.01 52.00
N ASN B 58 34.62 23.72 50.98
CA ASN B 58 34.25 22.34 50.70
C ASN B 58 35.49 21.48 50.47
N ALA B 59 36.39 21.94 49.60
CA ALA B 59 37.63 21.21 49.35
C ALA B 59 38.39 20.99 50.65
N ARG B 60 38.51 22.03 51.47
CA ARG B 60 39.22 21.90 52.73
C ARG B 60 38.58 20.84 53.60
N LYS B 61 37.25 20.84 53.70
CA LYS B 61 36.57 19.88 54.56
C LYS B 61 36.83 18.44 54.10
N MET B 62 36.72 18.19 52.79
CA MET B 62 36.98 16.85 52.28
C MET B 62 38.40 16.41 52.60
N ILE B 63 39.38 17.27 52.32
CA ILE B 63 40.78 16.87 52.47
C ILE B 63 41.13 16.68 53.94
N ASP B 64 40.68 17.60 54.80
CA ASP B 64 41.07 17.56 56.20
C ASP B 64 40.31 16.48 56.96
N GLU B 65 39.00 16.37 56.75
CA GLU B 65 38.18 15.45 57.52
C GLU B 65 38.11 14.06 56.88
N ASP B 66 37.87 14.00 55.56
CA ASP B 66 37.73 12.71 54.88
C ASP B 66 39.04 12.19 54.30
N LYS B 67 40.08 13.03 54.23
CA LYS B 67 41.36 12.66 53.62
C LYS B 67 41.14 12.01 52.24
N VAL B 68 40.37 12.70 51.40
CA VAL B 68 40.18 12.24 50.03
C VAL B 68 41.52 12.34 49.30
N ASP B 69 41.72 11.43 48.34
CA ASP B 69 42.94 11.41 47.55
C ASP B 69 42.86 12.25 46.30
N VAL B 70 41.69 12.82 45.99
CA VAL B 70 41.50 13.62 44.79
C VAL B 70 40.14 14.29 44.86
N ILE B 71 40.01 15.45 44.21
CA ILE B 71 38.75 16.15 44.08
C ILE B 71 38.43 16.30 42.60
N ILE B 72 37.16 16.15 42.25
CA ILE B 72 36.69 16.37 40.88
C ILE B 72 36.04 17.75 40.86
N GLY B 73 36.59 18.63 40.03
CA GLY B 73 36.32 20.06 40.08
C GLY B 73 34.86 20.46 40.03
N THR B 74 34.60 21.77 39.98
CA THR B 74 33.27 22.31 40.16
C THR B 74 32.79 22.98 38.88
N ALA B 75 31.53 23.42 38.91
CA ALA B 75 30.81 23.80 37.71
C ALA B 75 31.23 25.15 37.15
N GLY B 76 31.89 25.98 37.94
CA GLY B 76 32.35 27.29 37.47
C GLY B 76 33.86 27.39 37.53
N SER B 77 34.41 28.15 36.58
CA SER B 77 35.85 28.39 36.60
C SER B 77 36.32 29.12 37.85
N PRO B 78 35.64 30.16 38.33
CA PRO B 78 36.09 30.78 39.59
C PRO B 78 36.11 29.82 40.75
N GLY B 79 35.08 28.96 40.86
CA GLY B 79 35.09 27.95 41.90
C GLY B 79 36.23 26.97 41.74
N ALA B 80 36.43 26.48 40.51
CA ALA B 80 37.52 25.54 40.25
C ALA B 80 38.86 26.15 40.65
N LEU B 81 39.06 27.43 40.38
CA LEU B 81 40.34 28.07 40.72
C LEU B 81 40.52 28.16 42.23
N ALA B 82 39.45 28.43 42.96
CA ALA B 82 39.53 28.44 44.41
C ALA B 82 39.85 27.05 44.96
N ILE B 83 39.35 26.00 44.31
CA ILE B 83 39.66 24.64 44.74
C ILE B 83 41.10 24.31 44.40
N ALA B 84 41.62 24.82 43.29
CA ALA B 84 43.00 24.52 42.90
C ALA B 84 43.99 24.99 43.96
N GLY B 85 43.72 26.12 44.60
CA GLY B 85 44.63 26.60 45.64
C GLY B 85 44.65 25.69 46.84
N VAL B 86 43.48 25.16 47.23
CA VAL B 86 43.42 24.16 48.29
C VAL B 86 44.15 22.90 47.84
N ALA B 87 43.97 22.51 46.58
CA ALA B 87 44.59 21.29 46.07
C ALA B 87 46.12 21.39 46.11
N ARG B 88 46.66 22.53 45.71
CA ARG B 88 48.12 22.70 45.70
C ARG B 88 48.67 22.69 47.13
N GLU B 89 48.16 23.56 48.00
CA GLU B 89 48.69 23.66 49.35
C GLU B 89 48.59 22.33 50.09
N THR B 90 47.49 21.61 49.90
CA THR B 90 47.30 20.32 50.58
C THR B 90 47.96 19.16 49.84
N LYS B 91 48.61 19.41 48.70
CA LYS B 91 49.22 18.36 47.90
C LYS B 91 48.19 17.26 47.59
N THR B 92 47.02 17.69 47.13
CA THR B 92 45.94 16.81 46.73
C THR B 92 45.54 17.15 45.29
N PRO B 93 45.48 16.16 44.39
CA PRO B 93 45.18 16.49 42.99
C PRO B 93 43.72 16.84 42.78
N LEU B 94 43.50 17.71 41.79
CA LEU B 94 42.17 18.12 41.37
C LEU B 94 41.97 17.82 39.89
N ILE B 95 40.79 17.33 39.55
CA ILE B 95 40.40 17.11 38.16
C ILE B 95 39.31 18.13 37.85
N SER B 96 39.66 19.20 37.13
CA SER B 96 38.73 20.28 36.88
C SER B 96 37.81 19.93 35.72
N ILE B 97 36.50 19.95 36.00
CA ILE B 97 35.49 19.68 34.98
C ILE B 97 35.01 21.00 34.39
N ALA B 98 35.64 22.10 34.79
CA ALA B 98 35.39 23.42 34.21
C ALA B 98 36.66 23.96 33.59
N ASN B 99 36.51 24.90 32.67
CA ASN B 99 37.65 25.49 31.97
C ASN B 99 38.37 26.44 32.93
N ALA B 100 39.44 25.95 33.54
CA ALA B 100 40.26 26.74 34.46
C ALA B 100 41.71 26.64 33.99
N ASN B 101 42.23 27.72 33.42
CA ASN B 101 43.62 27.75 32.96
C ASN B 101 44.47 28.29 34.09
N LEU B 102 45.28 27.42 34.70
CA LEU B 102 46.15 27.78 35.82
C LEU B 102 47.57 27.32 35.46
N PRO B 103 48.26 28.05 34.61
CA PRO B 103 49.54 27.58 34.08
C PRO B 103 50.64 27.75 35.09
N GLY B 104 51.76 27.04 34.83
CA GLY B 104 52.91 27.10 35.70
C GLY B 104 52.81 26.14 36.87
N GLU B 105 53.68 26.36 37.85
CA GLU B 105 53.66 25.52 39.05
C GLU B 105 52.43 25.77 39.90
N GLU B 106 51.78 26.94 39.74
CA GLU B 106 50.56 27.22 40.48
C GLU B 106 49.49 26.15 40.24
N GLY B 107 49.50 25.52 39.07
CA GLY B 107 48.50 24.53 38.73
C GLY B 107 49.08 23.14 38.60
N ALA B 108 50.26 22.93 39.19
CA ALA B 108 50.92 21.64 39.10
C ALA B 108 50.12 20.51 39.70
N TRP B 109 49.08 20.82 40.48
CA TRP B 109 48.24 19.80 41.11
C TRP B 109 46.84 19.76 40.51
N MET B 110 46.72 20.13 39.25
CA MET B 110 45.41 20.19 38.59
C MET B 110 45.55 19.87 37.11
N VAL B 111 44.50 19.25 36.58
CA VAL B 111 44.28 19.14 35.13
C VAL B 111 42.91 19.74 34.83
N THR B 112 42.72 20.13 33.58
CA THR B 112 41.46 20.70 33.12
C THR B 112 41.03 19.95 31.87
N LEU B 113 39.81 19.40 31.90
CA LEU B 113 39.36 18.47 30.86
C LEU B 113 38.68 19.18 29.69
N PRO B 114 37.86 20.21 29.91
CA PRO B 114 37.17 20.84 28.77
C PRO B 114 38.16 21.33 27.73
N GLN B 115 37.82 21.12 26.47
CA GLN B 115 38.70 21.49 25.38
C GLN B 115 39.02 22.98 25.44
N PRO B 116 40.28 23.37 25.26
CA PRO B 116 40.61 24.80 25.24
C PRO B 116 40.01 25.50 24.02
N ALA B 117 39.66 26.77 24.23
CA ALA B 117 38.98 27.56 23.20
C ALA B 117 39.70 27.57 21.86
N PRO B 118 41.02 27.80 21.77
CA PRO B 118 41.66 27.81 20.46
C PRO B 118 41.46 26.52 19.69
N LEU B 119 41.43 25.38 20.39
CA LEU B 119 41.22 24.10 19.73
C LEU B 119 39.85 24.05 19.06
N MET B 120 38.83 24.59 19.72
CA MET B 120 37.48 24.57 19.17
C MET B 120 37.33 25.58 18.05
N VAL B 121 37.90 26.77 18.20
CA VAL B 121 37.80 27.78 17.14
C VAL B 121 38.54 27.32 15.89
N SER B 122 39.66 26.62 16.07
CA SER B 122 40.41 26.13 14.92
C SER B 122 39.59 25.18 14.06
N ALA B 123 38.66 24.45 14.67
CA ALA B 123 37.86 23.49 13.90
C ALA B 123 36.88 24.22 12.99
N VAL B 124 36.19 25.23 13.52
CA VAL B 124 35.23 25.97 12.69
C VAL B 124 35.96 26.86 11.70
N VAL B 125 37.18 27.30 12.02
CA VAL B 125 37.94 28.12 11.08
C VAL B 125 38.33 27.29 9.86
N GLU B 126 38.62 26.00 10.06
CA GLU B 126 38.91 25.13 8.92
C GLU B 126 37.73 25.12 7.95
N ARG B 127 36.51 25.00 8.46
CA ARG B 127 35.33 25.02 7.60
C ARG B 127 35.22 26.35 6.86
N MET B 128 35.30 27.45 7.61
CA MET B 128 35.44 28.78 7.02
C MET B 128 36.40 28.75 5.84
N LYS B 129 37.61 28.27 6.13
CA LYS B 129 38.66 28.18 5.13
C LYS B 129 38.18 27.45 3.88
N LYS B 130 37.63 26.25 4.05
CA LYS B 130 37.19 25.44 2.93
C LYS B 130 35.92 25.95 2.28
N SER B 131 35.26 26.94 2.88
CA SER B 131 34.04 27.51 2.33
C SER B 131 34.29 28.76 1.48
N GLY B 132 35.54 29.16 1.31
CA GLY B 132 35.85 30.35 0.54
C GLY B 132 35.66 31.66 1.26
N VAL B 133 35.57 31.66 2.59
CA VAL B 133 35.46 32.91 3.33
C VAL B 133 36.82 33.60 3.37
N LYS B 134 36.82 34.89 3.12
CA LYS B 134 38.01 35.72 3.27
C LYS B 134 37.82 36.84 4.27
N THR B 135 36.58 37.11 4.67
CA THR B 135 36.24 38.13 5.64
C THR B 135 35.27 37.52 6.65
N VAL B 136 35.40 37.91 7.91
CA VAL B 136 34.52 37.38 8.94
C VAL B 136 34.33 38.43 10.02
N GLY B 137 33.07 38.74 10.31
CA GLY B 137 32.74 39.62 11.40
C GLY B 137 32.60 38.86 12.71
N TYR B 138 32.92 39.55 13.81
CA TYR B 138 32.81 38.99 15.14
C TYR B 138 31.85 39.82 15.98
N ILE B 139 30.98 39.14 16.72
CA ILE B 139 30.19 39.73 17.79
C ILE B 139 30.21 38.75 18.95
N GLY B 140 30.34 39.27 20.17
CA GLY B 140 30.44 38.40 21.31
C GLY B 140 30.14 39.12 22.60
N PHE B 141 30.36 38.41 23.71
CA PHE B 141 30.10 38.98 25.01
C PHE B 141 31.19 39.98 25.40
N SER B 142 30.81 40.96 26.21
CA SER B 142 31.75 41.90 26.80
C SER B 142 32.32 41.35 28.11
N ASP B 143 32.79 40.12 28.09
CA ASP B 143 33.32 39.47 29.28
C ASP B 143 34.50 38.59 28.88
N ALA B 144 34.89 37.66 29.76
CA ALA B 144 36.08 36.87 29.53
C ALA B 144 35.88 35.87 28.40
N TRP B 145 34.68 35.30 28.28
CA TRP B 145 34.41 34.35 27.22
C TRP B 145 34.50 35.03 25.85
N GLY B 146 33.86 36.19 25.72
CA GLY B 146 33.98 36.94 24.47
C GLY B 146 35.43 37.27 24.14
N ASP B 147 36.20 37.69 25.14
CA ASP B 147 37.60 38.01 24.90
C ASP B 147 38.38 36.77 24.44
N LEU B 148 38.13 35.63 25.07
CA LEU B 148 38.93 34.45 24.76
C LEU B 148 38.62 33.91 23.37
N VAL B 149 37.35 33.96 22.96
CA VAL B 149 36.98 33.52 21.61
C VAL B 149 37.55 34.47 20.57
N TYR B 150 37.56 35.77 20.88
CA TYR B 150 38.13 36.74 19.94
C TYR B 150 39.63 36.51 19.78
N ASP B 151 40.35 36.42 20.90
CA ASP B 151 41.78 36.13 20.82
C ASP B 151 42.03 34.86 20.01
N ALA B 152 41.30 33.79 20.33
CA ALA B 152 41.45 32.54 19.59
C ALA B 152 41.16 32.74 18.12
N LEU B 153 40.14 33.54 17.79
CA LEU B 153 39.81 33.77 16.38
C LEU B 153 40.97 34.46 15.66
N GLN B 154 41.50 35.54 16.25
CA GLN B 154 42.62 36.24 15.64
C GLN B 154 43.77 35.29 15.32
N LYS B 155 44.10 34.40 16.26
CA LYS B 155 45.26 33.54 16.11
C LYS B 155 45.06 32.49 15.02
N SER B 156 43.81 32.06 14.80
CA SER B 156 43.52 31.12 13.73
C SER B 156 43.29 31.80 12.38
N ALA B 157 42.91 33.08 12.40
CA ALA B 157 42.48 33.74 11.18
C ALA B 157 43.64 34.30 10.36
N GLU B 158 44.71 34.76 11.02
CA GLU B 158 45.83 35.34 10.28
C GLU B 158 46.55 34.29 9.44
N PRO B 159 46.91 33.12 9.96
CA PRO B 159 47.46 32.07 9.09
C PRO B 159 46.51 31.63 7.99
N ALA B 160 45.21 31.60 8.26
CA ALA B 160 44.23 31.20 7.25
C ALA B 160 43.96 32.29 6.22
N GLY B 161 44.56 33.47 6.38
CA GLY B 161 44.29 34.56 5.47
C GLY B 161 42.88 35.09 5.52
N ILE B 162 42.17 34.86 6.63
CA ILE B 162 40.83 35.40 6.84
C ILE B 162 40.97 36.66 7.68
N LYS B 163 40.35 37.74 7.23
CA LYS B 163 40.43 39.02 7.91
C LYS B 163 39.24 39.17 8.86
N ILE B 164 39.53 39.52 10.12
CA ILE B 164 38.49 39.87 11.08
C ILE B 164 38.10 41.31 10.83
N VAL B 165 36.84 41.53 10.43
CA VAL B 165 36.38 42.86 10.05
C VAL B 165 35.56 43.54 11.14
N SER B 166 35.32 42.86 12.26
CA SER B 166 34.47 43.42 13.31
C SER B 166 34.89 42.87 14.67
N ASN B 167 34.63 43.66 15.71
CA ASN B 167 34.84 43.26 17.10
C ASN B 167 33.71 43.81 17.97
N GLU B 168 32.47 43.53 17.58
CA GLU B 168 31.32 44.02 18.31
C GLU B 168 31.09 43.20 19.58
N ARG B 169 30.61 43.87 20.62
CA ARG B 169 30.46 43.26 21.92
C ARG B 169 29.14 43.68 22.54
N TYR B 170 28.56 42.79 23.35
CA TYR B 170 27.33 43.09 24.06
C TYR B 170 27.28 42.28 25.35
N ALA B 171 26.70 42.86 26.38
CA ALA B 171 26.57 42.17 27.65
C ALA B 171 25.54 41.05 27.55
N ARG B 172 25.76 39.99 28.33
CA ARG B 172 24.81 38.88 28.32
C ARG B 172 23.41 39.33 28.67
N ALA B 173 23.28 40.38 29.50
CA ALA B 173 21.98 40.87 29.92
C ALA B 173 21.30 41.72 28.85
N ASP B 174 22.06 42.27 27.92
CA ASP B 174 21.50 43.19 26.94
C ASP B 174 20.36 42.54 26.17
N SER B 175 19.35 43.34 25.83
CA SER B 175 18.16 42.87 25.16
C SER B 175 18.14 43.20 23.67
N SER B 176 19.12 43.95 23.17
CA SER B 176 19.19 44.28 21.76
C SER B 176 20.65 44.42 21.34
N VAL B 177 20.93 44.04 20.09
CA VAL B 177 22.25 44.23 19.49
C VAL B 177 22.05 44.84 18.10
N THR B 178 20.89 45.45 17.87
CA THR B 178 20.59 45.98 16.55
C THR B 178 21.63 46.98 16.09
N GLY B 179 22.18 47.78 17.02
CA GLY B 179 23.23 48.71 16.66
C GLY B 179 24.48 48.01 16.17
N GLN B 180 24.93 47.00 16.92
CA GLN B 180 26.14 46.29 16.55
C GLN B 180 25.99 45.58 15.20
N VAL B 181 24.85 44.93 14.98
CA VAL B 181 24.68 44.13 13.77
C VAL B 181 24.45 45.01 12.55
N LEU B 182 23.78 46.15 12.71
CA LEU B 182 23.67 47.10 11.60
C LEU B 182 25.05 47.43 11.06
N LYS B 183 26.01 47.67 11.95
CA LYS B 183 27.38 47.94 11.52
C LYS B 183 27.99 46.75 10.81
N ILE B 184 27.79 45.54 11.34
CA ILE B 184 28.38 44.35 10.74
C ILE B 184 27.84 44.14 9.34
N VAL B 185 26.51 44.23 9.17
CA VAL B 185 25.92 44.11 7.85
C VAL B 185 26.56 45.12 6.89
N ALA B 186 26.79 46.34 7.38
CA ALA B 186 27.39 47.36 6.53
C ALA B 186 28.72 46.90 5.96
N LEU B 187 29.49 46.13 6.73
CA LEU B 187 30.79 45.65 6.27
C LEU B 187 30.67 44.52 5.26
N ARG B 188 29.52 43.86 5.20
CA ARG B 188 29.26 42.79 4.24
C ARG B 188 30.31 41.69 4.33
N PRO B 189 30.53 41.10 5.50
CA PRO B 189 31.47 39.99 5.60
C PRO B 189 30.91 38.71 4.98
N ASP B 190 31.81 37.86 4.51
CA ASP B 190 31.40 36.56 4.00
C ASP B 190 30.77 35.69 5.08
N ALA B 191 31.10 35.94 6.34
CA ALA B 191 30.69 35.06 7.42
C ALA B 191 30.71 35.82 8.73
N VAL B 192 29.87 35.37 9.66
CA VAL B 192 29.83 35.92 11.01
C VAL B 192 30.02 34.77 11.99
N ILE B 193 30.86 34.98 13.00
CA ILE B 193 31.05 34.04 14.08
C ILE B 193 30.82 34.79 15.39
N THR B 194 30.20 34.11 16.35
CA THR B 194 29.90 34.71 17.64
C THR B 194 30.66 34.00 18.75
N GLY B 195 31.03 34.76 19.76
CA GLY B 195 31.57 34.21 21.00
C GLY B 195 30.58 34.40 22.13
N THR B 196 29.60 33.49 22.22
CA THR B 196 28.49 33.64 23.14
C THR B 196 28.18 32.27 23.76
N SER B 197 27.16 32.25 24.60
CA SER B 197 26.75 31.03 25.29
C SER B 197 25.27 31.10 25.61
N GLY B 198 24.64 29.93 25.68
CA GLY B 198 23.27 29.83 26.11
C GLY B 198 22.28 30.57 25.22
N THR B 199 21.12 30.85 25.82
CA THR B 199 20.05 31.55 25.10
C THR B 199 20.44 32.95 24.67
N PRO B 200 21.18 33.76 25.45
CA PRO B 200 21.52 35.11 24.98
C PRO B 200 22.26 35.12 23.64
N GLY B 201 22.85 34.00 23.23
CA GLY B 201 23.58 33.93 21.98
C GLY B 201 22.70 33.93 20.74
N ALA B 202 21.39 33.70 20.89
CA ALA B 202 20.50 33.71 19.75
C ALA B 202 20.19 35.11 19.26
N LEU B 203 20.42 36.12 20.09
CA LEU B 203 20.06 37.48 19.72
C LEU B 203 20.79 37.97 18.47
N PRO B 204 22.13 37.87 18.36
CA PRO B 204 22.78 38.38 17.14
C PRO B 204 22.33 37.66 15.88
N TYR B 205 22.08 36.35 15.95
CA TYR B 205 21.59 35.65 14.78
C TYR B 205 20.19 36.13 14.40
N LEU B 206 19.30 36.28 15.39
CA LEU B 206 17.99 36.84 15.12
C LEU B 206 18.11 38.22 14.48
N ALA B 207 19.00 39.06 15.02
CA ALA B 207 19.17 40.41 14.47
C ALA B 207 19.81 40.37 13.08
N LEU B 208 20.69 39.41 12.83
CA LEU B 208 21.31 39.33 11.51
C LEU B 208 20.29 38.94 10.44
N ALA B 209 19.45 37.94 10.74
CA ALA B 209 18.42 37.53 9.79
C ALA B 209 17.36 38.62 9.62
N GLU B 210 17.00 39.29 10.71
CA GLU B 210 16.01 40.37 10.63
C GLU B 210 16.55 41.58 9.88
N ARG B 211 17.87 41.76 9.88
CA ARG B 211 18.51 42.80 9.09
C ARG B 211 18.91 42.31 7.70
N GLY B 212 18.63 41.05 7.37
CA GLY B 212 18.82 40.57 6.03
C GLY B 212 20.19 40.01 5.72
N TYR B 213 20.89 39.45 6.69
CA TYR B 213 22.21 38.91 6.45
C TYR B 213 22.11 37.55 5.77
N LYS B 214 22.91 37.34 4.74
CA LYS B 214 22.84 36.16 3.90
C LYS B 214 24.15 35.40 3.83
N GLY B 215 25.19 35.84 4.54
CA GLY B 215 26.43 35.11 4.62
C GLY B 215 26.35 33.94 5.59
N GLN B 216 27.48 33.25 5.73
CA GLN B 216 27.55 32.10 6.62
C GLN B 216 27.53 32.55 8.08
N ILE B 217 26.97 31.70 8.94
CA ILE B 217 26.90 31.96 10.37
C ILE B 217 27.61 30.83 11.11
N TYR B 218 28.43 31.19 12.09
CA TYR B 218 29.22 30.26 12.87
C TYR B 218 29.09 30.59 14.34
N GLY B 219 29.25 29.58 15.19
CA GLY B 219 29.18 29.81 16.62
C GLY B 219 29.95 28.75 17.38
N MET B 220 29.98 28.90 18.70
CA MET B 220 30.79 28.06 19.58
C MET B 220 29.97 26.92 20.15
N HIS B 221 30.69 25.95 20.74
CA HIS B 221 30.06 24.77 21.29
C HIS B 221 29.10 25.10 22.44
N ALA B 222 29.20 26.31 23.01
CA ALA B 222 28.33 26.71 24.09
C ALA B 222 26.91 27.03 23.62
N LEU B 223 26.65 26.99 22.31
CA LEU B 223 25.33 27.26 21.75
C LEU B 223 24.53 25.99 21.50
N ILE B 224 25.11 24.83 21.75
CA ILE B 224 24.49 23.55 21.36
C ILE B 224 23.63 23.12 22.54
N ASN B 225 22.41 23.65 22.58
CA ASN B 225 21.43 23.22 23.57
C ASN B 225 20.04 23.49 23.04
N PRO B 226 19.02 22.76 23.52
CA PRO B 226 17.67 22.94 22.99
C PRO B 226 17.14 24.37 23.05
N ASP B 227 17.43 25.11 24.11
CA ASP B 227 16.88 26.46 24.24
C ASP B 227 17.36 27.35 23.10
N PHE B 228 18.65 27.28 22.77
CA PHE B 228 19.19 28.11 21.69
C PHE B 228 18.47 27.85 20.38
N VAL B 229 18.30 26.58 20.02
CA VAL B 229 17.75 26.26 18.70
C VAL B 229 16.31 26.74 18.60
N ARG B 230 15.54 26.62 19.69
CA ARG B 230 14.15 27.02 19.66
C ARG B 230 14.02 28.55 19.57
N VAL B 231 14.79 29.28 20.38
CA VAL B 231 14.66 30.73 20.40
C VAL B 231 15.18 31.34 19.10
N GLY B 232 16.32 30.84 18.61
CA GLY B 232 16.81 31.32 17.32
C GLY B 232 15.94 30.88 16.16
N GLY B 233 15.40 29.66 16.24
CA GLY B 233 14.52 29.13 15.22
C GLY B 233 15.06 29.28 13.81
N ALA B 234 14.37 30.08 12.99
CA ALA B 234 14.74 30.21 11.60
C ALA B 234 16.08 30.91 11.41
N SER B 235 16.41 31.86 12.29
CA SER B 235 17.61 32.65 12.12
C SER B 235 18.88 31.82 12.27
N VAL B 236 18.84 30.68 12.95
CA VAL B 236 20.03 29.90 13.22
C VAL B 236 20.11 28.64 12.34
N GLU B 237 19.18 28.47 11.41
CA GLU B 237 19.30 27.39 10.43
C GLU B 237 20.60 27.55 9.66
N GLY B 238 21.35 26.45 9.52
CA GLY B 238 22.63 26.48 8.87
C GLY B 238 23.80 26.81 9.77
N LEU B 239 23.53 27.11 11.04
CA LEU B 239 24.60 27.46 11.97
C LEU B 239 25.62 26.33 12.07
N LEU B 240 26.90 26.69 11.94
CA LEU B 240 28.01 25.77 12.07
C LEU B 240 28.75 26.05 13.37
N ALA B 241 29.10 24.98 14.09
CA ALA B 241 29.74 25.12 15.40
C ALA B 241 30.56 23.86 15.67
N PRO B 242 31.63 23.98 16.46
CA PRO B 242 32.36 22.78 16.88
C PRO B 242 31.67 22.16 18.09
N THR B 243 32.08 20.93 18.40
CA THR B 243 31.49 20.26 19.55
C THR B 243 32.28 19.01 19.89
N GLY B 244 32.29 18.68 21.18
CA GLY B 244 32.81 17.40 21.62
C GLY B 244 32.07 16.28 20.93
N PRO B 245 32.78 15.22 20.56
CA PRO B 245 32.15 14.19 19.71
C PRO B 245 30.97 13.48 20.37
N VAL B 246 30.96 13.36 21.70
CA VAL B 246 29.89 12.65 22.39
C VAL B 246 28.52 13.22 22.03
N ILE B 247 28.44 14.51 21.76
CA ILE B 247 27.16 15.15 21.47
C ILE B 247 26.48 14.51 20.27
N VAL B 248 27.26 14.07 19.29
CA VAL B 248 26.71 13.46 18.08
C VAL B 248 27.35 12.09 17.89
N ALA B 249 27.45 11.32 18.98
CA ALA B 249 28.16 10.05 18.94
C ALA B 249 27.51 9.06 17.97
N GLU B 250 26.18 9.10 17.85
CA GLU B 250 25.50 8.16 16.96
C GLU B 250 25.89 8.37 15.50
N GLN B 251 26.29 9.58 15.13
CA GLN B 251 26.70 9.89 13.77
C GLN B 251 28.18 9.62 13.50
N LEU B 252 28.96 9.38 14.55
CA LEU B 252 30.38 9.17 14.40
C LEU B 252 30.66 7.85 13.70
N PRO B 253 31.82 7.73 13.05
CA PRO B 253 32.20 6.46 12.43
C PRO B 253 32.33 5.34 13.46
N SER B 254 32.15 4.11 12.97
CA SER B 254 32.22 2.94 13.83
C SER B 254 33.61 2.74 14.43
N GLU B 255 34.66 3.11 13.70
CA GLU B 255 36.03 2.85 14.14
C GLU B 255 36.61 3.98 14.99
N ASN B 256 35.82 5.00 15.30
CA ASN B 256 36.28 6.09 16.18
C ASN B 256 36.20 5.61 17.63
N PRO B 257 37.33 5.43 18.32
CA PRO B 257 37.27 4.94 19.70
C PRO B 257 36.28 5.68 20.58
N ILE B 258 36.08 6.97 20.34
CA ILE B 258 35.21 7.76 21.20
C ILE B 258 33.76 7.31 21.08
N ARG B 259 33.35 6.82 19.90
CA ARG B 259 31.96 6.41 19.71
C ARG B 259 31.54 5.34 20.71
N LYS B 260 32.45 4.41 21.01
CA LYS B 260 32.13 3.32 21.95
C LYS B 260 31.98 3.87 23.36
N VAL B 261 33.08 4.39 23.92
CA VAL B 261 33.05 4.95 25.27
C VAL B 261 31.87 5.91 25.43
N SER B 262 31.52 6.61 24.35
CA SER B 262 30.35 7.50 24.41
C SER B 262 29.07 6.70 24.66
N MET B 263 28.90 5.59 23.94
CA MET B 263 27.71 4.78 24.13
C MET B 263 27.70 4.12 25.50
N ASP B 264 28.88 3.79 26.04
CA ASP B 264 28.96 3.27 27.41
C ASP B 264 28.47 4.32 28.40
N PHE B 265 29.03 5.53 28.33
CA PHE B 265 28.52 6.64 29.14
C PHE B 265 27.02 6.79 28.94
N ARG B 266 26.56 6.71 27.69
CA ARG B 266 25.13 6.78 27.42
C ARG B 266 24.40 5.62 28.07
N ALA B 267 25.05 4.47 28.22
CA ALA B 267 24.43 3.32 28.86
C ALA B 267 24.34 3.52 30.38
N ALA B 268 25.47 3.80 31.02
CA ALA B 268 25.47 3.97 32.48
C ALA B 268 24.65 5.18 32.89
N TYR B 269 24.60 6.23 32.07
CA TYR B 269 23.78 7.40 32.38
C TYR B 269 22.31 7.06 32.31
N GLN B 270 21.93 6.21 31.34
CA GLN B 270 20.53 5.79 31.24
C GLN B 270 20.13 4.95 32.45
N LYS B 271 21.06 4.15 32.98
CA LYS B 271 20.74 3.34 34.14
C LYS B 271 20.66 4.18 35.41
N ALA B 272 21.62 5.10 35.60
CA ALA B 272 21.66 5.89 36.82
C ALA B 272 20.57 6.94 36.84
N ASN B 273 20.35 7.63 35.70
CA ASN B 273 19.42 8.75 35.65
C ASN B 273 18.12 8.48 34.90
N GLY B 274 18.06 7.43 34.08
CA GLY B 274 16.83 7.06 33.40
C GLY B 274 16.26 8.04 32.39
N ALA B 275 17.09 8.49 31.44
CA ALA B 275 16.74 9.47 30.41
C ALA B 275 18.03 9.74 29.66
N PRO B 276 18.04 10.27 28.43
CA PRO B 276 19.22 10.15 27.61
C PRO B 276 20.11 11.35 27.88
N PRO B 277 21.43 11.19 27.87
CA PRO B 277 22.28 12.38 28.00
C PRO B 277 21.94 13.39 26.92
N THR B 278 21.80 14.66 27.34
CA THR B 278 21.45 15.72 26.39
C THR B 278 22.31 16.97 26.57
N ASP B 279 23.45 16.87 27.26
CA ASP B 279 24.32 18.00 27.48
C ASP B 279 25.76 17.54 27.46
N ALA B 280 26.67 18.51 27.27
CA ALA B 280 28.09 18.21 27.24
C ALA B 280 28.72 18.18 28.63
N PHE B 281 28.03 18.70 29.65
CA PHE B 281 28.64 18.82 30.97
C PHE B 281 28.70 17.46 31.67
N SER B 282 27.60 16.72 31.70
CA SER B 282 27.61 15.40 32.32
C SER B 282 28.74 14.55 31.75
N ALA B 283 29.00 14.68 30.44
CA ALA B 283 30.06 13.90 29.82
C ALA B 283 31.43 14.26 30.39
N TYR B 284 31.64 15.52 30.79
CA TYR B 284 32.90 15.89 31.41
C TYR B 284 33.09 15.18 32.75
N THR B 285 32.02 15.06 33.53
CA THR B 285 32.13 14.37 34.81
C THR B 285 32.45 12.89 34.61
N PHE B 286 31.81 12.26 33.61
CA PHE B 286 32.16 10.89 33.28
C PHE B 286 33.63 10.79 32.87
N ASP B 287 34.08 11.71 32.01
CA ASP B 287 35.49 11.72 31.62
C ASP B 287 36.40 11.86 32.84
N ALA B 288 35.98 12.66 33.83
CA ALA B 288 36.78 12.81 35.04
C ALA B 288 36.92 11.48 35.76
N TRP B 289 35.83 10.73 35.88
CA TRP B 289 35.90 9.40 36.49
C TRP B 289 36.89 8.51 35.74
N LEU B 290 36.70 8.38 34.42
CA LEU B 290 37.62 7.60 33.60
C LEU B 290 39.07 7.92 33.95
N LEU B 291 39.38 9.21 34.09
CA LEU B 291 40.75 9.60 34.38
C LEU B 291 41.18 9.14 35.77
N TYR B 292 40.29 9.27 36.75
CA TYR B 292 40.65 8.86 38.11
C TYR B 292 40.87 7.35 38.18
N LEU B 293 39.94 6.57 37.62
CA LEU B 293 40.07 5.13 37.64
C LEU B 293 41.39 4.70 37.00
N ASP B 294 41.73 5.29 35.85
CA ASP B 294 42.93 4.88 35.14
C ASP B 294 44.19 5.24 35.91
N ALA B 295 44.19 6.38 36.61
CA ALA B 295 45.35 6.81 37.38
C ALA B 295 45.40 6.18 38.76
N ALA B 296 44.25 5.77 39.30
CA ALA B 296 44.24 5.08 40.59
C ALA B 296 44.90 3.71 40.48
N GLN B 297 44.64 3.00 39.39
CA GLN B 297 45.27 1.69 39.18
C GLN B 297 46.79 1.81 39.17
N ARG B 298 47.31 2.81 38.46
CA ARG B 298 48.76 2.98 38.41
C ARG B 298 49.32 3.38 39.77
N ALA B 299 48.64 4.29 40.47
CA ALA B 299 49.10 4.69 41.80
C ALA B 299 49.10 3.51 42.76
N LEU B 300 48.08 2.67 42.69
CA LEU B 300 48.05 1.46 43.51
C LEU B 300 49.24 0.54 43.17
N ALA B 301 49.74 0.61 41.94
CA ALA B 301 50.86 -0.24 41.56
C ALA B 301 52.17 0.23 42.19
N THR B 302 52.30 1.53 42.44
CA THR B 302 53.30 2.00 43.38
C THR B 302 52.92 1.51 44.78
N LYS B 303 53.91 1.45 45.67
CA LYS B 303 53.66 0.92 47.01
C LYS B 303 53.19 2.02 47.97
N ALA B 304 52.12 2.71 47.59
CA ALA B 304 51.55 3.80 48.38
C ALA B 304 50.13 3.44 48.81
N GLU B 305 49.76 3.92 50.01
CA GLU B 305 48.51 3.51 50.64
C GLU B 305 47.45 4.59 50.47
N PRO B 306 46.33 4.30 49.78
CA PRO B 306 45.21 5.25 49.73
C PRO B 306 44.90 5.93 51.06
N GLY B 307 45.00 7.25 51.08
CA GLY B 307 44.76 8.05 52.26
C GLY B 307 45.95 8.85 52.74
N THR B 308 47.14 8.56 52.26
CA THR B 308 48.38 9.20 52.66
C THR B 308 48.86 10.17 51.57
N PRO B 309 49.65 11.18 51.94
CA PRO B 309 50.25 12.04 50.91
C PRO B 309 51.07 11.30 49.88
N GLN B 310 51.62 10.12 50.21
CA GLN B 310 52.34 9.33 49.22
C GLN B 310 51.42 8.94 48.07
N PHE B 311 50.23 8.42 48.40
CA PHE B 311 49.27 8.06 47.36
C PHE B 311 48.90 9.29 46.52
N ARG B 312 48.57 10.39 47.18
CA ARG B 312 48.18 11.60 46.45
C ARG B 312 49.29 12.06 45.52
N LEU B 313 50.55 11.92 45.94
CA LEU B 313 51.67 12.22 45.04
C LEU B 313 51.64 11.30 43.83
N ALA B 314 51.50 9.99 44.06
CA ALA B 314 51.48 9.04 42.96
C ALA B 314 50.25 9.24 42.08
N LEU B 315 49.10 9.54 42.68
CA LEU B 315 47.88 9.72 41.90
C LEU B 315 47.95 10.96 41.03
N ARG B 316 48.47 12.07 41.59
CA ARG B 316 48.72 13.25 40.76
C ARG B 316 49.71 12.93 39.65
N ASP B 317 50.80 12.24 40.00
CA ASP B 317 51.78 11.85 38.99
C ASP B 317 51.15 11.02 37.89
N ALA B 318 50.23 10.12 38.26
CA ALA B 318 49.58 9.29 37.26
C ALA B 318 48.56 10.06 36.44
N ILE B 319 47.91 11.06 37.05
CA ILE B 319 46.93 11.84 36.32
C ILE B 319 47.61 12.66 35.23
N VAL B 320 48.70 13.33 35.58
CA VAL B 320 49.35 14.30 34.69
C VAL B 320 50.30 13.60 33.73
N SER B 321 50.27 12.27 33.73
CA SER B 321 51.04 11.46 32.79
C SER B 321 50.17 10.53 31.97
N THR B 322 48.84 10.69 32.04
CA THR B 322 47.92 9.79 31.36
C THR B 322 48.17 9.79 29.86
N LYS B 323 48.05 8.60 29.25
CA LYS B 323 48.37 8.40 27.84
C LYS B 323 47.20 7.72 27.14
N GLU B 324 46.75 8.34 26.05
CA GLU B 324 45.72 7.78 25.17
C GLU B 324 44.59 7.12 25.96
N LEU B 325 44.01 7.89 26.88
CA LEU B 325 42.80 7.48 27.58
C LEU B 325 41.59 8.00 26.80
N VAL B 326 40.75 7.08 26.34
CA VAL B 326 39.64 7.42 25.46
C VAL B 326 38.43 7.78 26.30
N GLY B 327 37.97 9.03 26.18
CA GLY B 327 36.81 9.51 26.86
C GLY B 327 35.65 9.78 25.91
N THR B 328 34.73 10.63 26.37
CA THR B 328 33.59 11.04 25.57
C THR B 328 33.81 12.37 24.86
N HIS B 329 34.59 13.26 25.46
CA HIS B 329 34.88 14.57 24.88
C HIS B 329 36.25 14.61 24.22
N SER B 330 37.24 13.91 24.76
CA SER B 330 38.57 13.86 24.18
C SER B 330 39.15 12.45 24.29
N VAL B 331 40.25 12.24 23.57
CA VAL B 331 41.22 11.20 23.92
C VAL B 331 42.34 11.93 24.65
N TYR B 332 42.49 11.67 25.94
CA TYR B 332 43.30 12.53 26.80
C TYR B 332 44.76 12.08 26.81
N ASN B 333 45.66 13.05 26.67
CA ASN B 333 47.10 12.84 26.78
C ASN B 333 47.65 13.96 27.64
N PHE B 334 48.01 13.64 28.87
CA PHE B 334 48.49 14.63 29.83
C PHE B 334 49.99 14.54 30.00
N LYS B 335 50.63 15.70 30.15
CA LYS B 335 52.03 15.82 30.47
C LYS B 335 52.17 16.77 31.67
N PRO B 336 53.07 16.49 32.60
CA PRO B 336 53.08 17.25 33.86
C PRO B 336 52.98 18.76 33.72
N THR B 337 53.47 19.34 32.64
CA THR B 337 53.63 20.79 32.54
C THR B 337 52.48 21.51 31.85
N ASP B 338 51.45 20.80 31.43
CA ASP B 338 50.29 21.41 30.78
C ASP B 338 49.02 20.92 31.45
N ARG B 339 48.05 21.83 31.58
CA ARG B 339 46.81 21.50 32.28
C ARG B 339 45.80 20.82 31.36
N TYR B 340 45.92 21.00 30.04
CA TYR B 340 45.00 20.43 29.08
C TYR B 340 45.56 19.14 28.50
N GLY B 341 44.66 18.31 27.97
CA GLY B 341 45.07 17.04 27.39
C GLY B 341 44.29 16.68 26.13
N SER B 342 43.76 17.68 25.44
CA SER B 342 42.89 17.47 24.30
C SER B 342 43.62 17.78 23.00
N ASP B 343 43.42 16.93 22.00
CA ASP B 343 43.94 17.13 20.66
C ASP B 343 42.76 17.25 19.68
N GLU B 344 43.06 17.20 18.38
CA GLU B 344 42.02 17.46 17.39
C GLU B 344 40.90 16.43 17.41
N ARG B 345 41.12 15.27 18.01
CA ARG B 345 40.05 14.30 18.14
C ARG B 345 38.97 14.74 19.12
N SER B 346 39.21 15.78 19.92
CA SER B 346 38.27 16.22 20.93
C SER B 346 37.13 17.06 20.36
N ARG B 347 37.05 17.19 19.04
CA ARG B 347 36.14 18.16 18.46
C ARG B 347 35.77 17.75 17.04
N VAL B 348 34.49 17.88 16.72
CA VAL B 348 33.98 17.76 15.36
C VAL B 348 33.11 18.98 15.09
N VAL B 349 32.88 19.25 13.81
CA VAL B 349 32.02 20.35 13.40
C VAL B 349 30.63 19.81 13.12
N VAL B 350 29.60 20.54 13.56
CA VAL B 350 28.22 20.15 13.32
C VAL B 350 27.49 21.31 12.66
N LYS B 351 26.35 20.98 12.03
CA LYS B 351 25.51 21.94 11.34
C LYS B 351 24.08 21.81 11.86
N LEU B 352 23.44 22.94 12.10
CA LEU B 352 22.06 22.96 12.58
C LEU B 352 21.14 22.88 11.36
N GLU B 353 20.54 21.71 11.15
CA GLU B 353 19.67 21.46 10.02
C GLU B 353 18.29 21.04 10.53
N LYS B 354 17.28 21.83 10.19
CA LYS B 354 15.89 21.58 10.58
C LYS B 354 15.80 21.02 12.00
N GLY B 355 16.38 21.78 12.93
CA GLY B 355 16.28 21.49 14.34
C GLY B 355 17.29 20.51 14.90
N GLN B 356 17.96 19.74 14.05
CA GLN B 356 18.90 18.72 14.50
C GLN B 356 20.34 19.14 14.23
N TRP B 357 21.25 18.65 15.06
CA TRP B 357 22.68 18.90 14.90
C TRP B 357 23.27 17.75 14.08
N LYS B 358 23.74 18.04 12.88
CA LYS B 358 24.22 17.03 11.95
C LYS B 358 25.72 17.19 11.71
N LEU B 359 26.44 16.07 11.80
CA LEU B 359 27.88 16.08 11.61
C LEU B 359 28.25 16.53 10.20
N VAL B 360 29.22 17.44 10.11
CA VAL B 360 29.76 17.89 8.83
C VAL B 360 30.91 16.95 8.48
N LYS B 361 30.66 16.03 7.56
CA LYS B 361 31.64 15.00 7.22
C LYS B 361 32.59 15.48 6.12
N ALA C 1 8.73 -41.38 -20.88
CA ALA C 1 8.90 -40.09 -20.22
C ALA C 1 8.22 -38.98 -21.01
N ASP C 2 7.14 -39.33 -21.72
CA ASP C 2 6.44 -38.35 -22.54
C ASP C 2 5.02 -38.81 -22.79
N LEU C 3 4.08 -37.88 -22.67
CA LEU C 3 2.69 -38.14 -23.04
C LEU C 3 2.53 -37.94 -24.55
N LYS C 4 2.00 -38.97 -25.23
CA LYS C 4 1.85 -38.96 -26.67
C LYS C 4 0.42 -38.51 -27.02
N VAL C 5 0.31 -37.44 -27.78
CA VAL C 5 -0.99 -36.89 -28.19
C VAL C 5 -1.07 -36.92 -29.71
N GLY C 6 -2.25 -37.22 -30.22
CA GLY C 6 -2.47 -37.36 -31.65
C GLY C 6 -3.16 -36.14 -32.24
N PHE C 7 -2.66 -35.70 -33.39
CA PHE C 7 -3.21 -34.55 -34.10
C PHE C 7 -3.32 -34.91 -35.58
N ILE C 8 -4.53 -34.79 -36.12
CA ILE C 8 -4.79 -34.98 -37.55
C ILE C 8 -5.46 -33.72 -38.07
N THR C 9 -4.95 -33.17 -39.16
CA THR C 9 -5.55 -32.02 -39.82
C THR C 9 -5.36 -32.18 -41.32
N SER C 10 -5.90 -31.24 -42.09
CA SER C 10 -5.86 -31.29 -43.54
C SER C 10 -4.86 -30.23 -44.03
N LEU C 11 -3.63 -30.67 -44.26
CA LEU C 11 -2.56 -29.78 -44.70
C LEU C 11 -2.36 -29.79 -46.21
N SER C 12 -3.10 -30.62 -46.94
CA SER C 12 -2.85 -30.77 -48.38
C SER C 12 -4.08 -30.87 -49.26
N GLY C 13 -5.26 -31.21 -48.73
CA GLY C 13 -6.42 -31.43 -49.55
C GLY C 13 -7.14 -30.16 -49.93
N PRO C 14 -8.38 -30.28 -50.42
CA PRO C 14 -9.21 -29.08 -50.65
C PRO C 14 -9.69 -28.41 -49.38
N VAL C 15 -9.62 -29.10 -48.23
CA VAL C 15 -9.97 -28.50 -46.94
C VAL C 15 -8.71 -27.89 -46.35
N SER C 16 -7.62 -27.91 -47.13
CA SER C 16 -6.36 -27.31 -46.67
C SER C 16 -6.55 -25.88 -46.19
N SER C 17 -7.55 -25.17 -46.73
CA SER C 17 -7.78 -23.80 -46.31
C SER C 17 -8.18 -23.72 -44.84
N LEU C 18 -8.73 -24.79 -44.28
CA LEU C 18 -9.07 -24.86 -42.86
C LEU C 18 -8.02 -25.57 -42.02
N GLY C 19 -7.27 -26.51 -42.62
CA GLY C 19 -6.38 -27.34 -41.84
C GLY C 19 -5.11 -26.65 -41.40
N ILE C 20 -4.56 -25.75 -42.22
CA ILE C 20 -3.33 -25.05 -41.85
C ILE C 20 -3.65 -24.09 -40.71
N PRO C 21 -4.78 -23.36 -40.74
CA PRO C 21 -5.17 -22.61 -39.54
C PRO C 21 -5.25 -23.47 -38.29
N TYR C 22 -5.93 -24.63 -38.38
CA TYR C 22 -5.99 -25.53 -37.23
C TYR C 22 -4.59 -25.84 -36.71
N GLU C 23 -3.64 -26.09 -37.63
CA GLU C 23 -2.28 -26.40 -37.21
C GLU C 23 -1.61 -25.18 -36.57
N LYS C 24 -1.80 -23.99 -37.16
CA LYS C 24 -1.30 -22.78 -36.52
C LYS C 24 -1.86 -22.64 -35.11
N GLY C 25 -3.11 -23.08 -34.90
CA GLY C 25 -3.63 -23.14 -33.56
C GLY C 25 -2.87 -24.10 -32.68
N MET C 26 -2.41 -25.22 -33.25
CA MET C 26 -1.65 -26.20 -32.49
C MET C 26 -0.26 -25.67 -32.14
N LYS C 27 0.34 -24.91 -33.05
CA LYS C 27 1.61 -24.25 -32.73
C LYS C 27 1.43 -23.26 -31.58
N ALA C 28 0.27 -22.59 -31.53
CA ALA C 28 -0.01 -21.68 -30.42
C ALA C 28 -0.20 -22.45 -29.12
N ALA C 29 -0.76 -23.65 -29.18
CA ALA C 29 -1.05 -24.42 -27.98
C ALA C 29 0.24 -24.97 -27.35
N ILE C 30 1.12 -25.53 -28.18
CA ILE C 30 2.39 -26.03 -27.68
C ILE C 30 3.22 -24.88 -27.11
N ALA C 31 3.24 -23.74 -27.80
CA ALA C 31 3.96 -22.58 -27.29
C ALA C 31 3.37 -22.06 -25.98
N TYR C 32 2.10 -22.37 -25.72
CA TYR C 32 1.44 -21.91 -24.49
C TYR C 32 1.79 -22.82 -23.31
N LYS C 33 1.68 -24.14 -23.51
CA LYS C 33 1.95 -25.11 -22.44
C LYS C 33 2.12 -26.47 -23.08
N SER C 34 3.29 -27.08 -22.89
CA SER C 34 3.60 -28.38 -23.46
C SER C 34 4.00 -29.37 -22.37
N ASP C 35 3.32 -29.30 -21.23
CA ASP C 35 3.55 -30.23 -20.14
C ASP C 35 2.25 -30.38 -19.35
N VAL C 36 2.17 -31.47 -18.59
CA VAL C 36 1.08 -31.70 -17.65
C VAL C 36 1.73 -32.01 -16.30
N GLY C 37 1.75 -31.02 -15.41
CA GLY C 37 2.40 -31.20 -14.12
C GLY C 37 3.88 -31.44 -14.23
N GLY C 38 4.54 -30.85 -15.24
CA GLY C 38 5.93 -31.07 -15.50
C GLY C 38 6.23 -32.14 -16.53
N ARG C 39 5.31 -33.08 -16.73
CA ARG C 39 5.52 -34.16 -17.69
C ARG C 39 5.33 -33.62 -19.11
N LYS C 40 6.38 -33.72 -19.92
CA LYS C 40 6.34 -33.15 -21.27
C LYS C 40 5.41 -33.96 -22.17
N ILE C 41 4.98 -33.33 -23.26
CA ILE C 41 4.04 -33.91 -24.22
C ILE C 41 4.73 -34.02 -25.57
N GLN C 42 4.58 -35.18 -26.22
CA GLN C 42 5.08 -35.40 -27.57
C GLN C 42 3.89 -35.47 -28.51
N LEU C 43 3.86 -34.56 -29.48
CA LEU C 43 2.78 -34.50 -30.45
C LEU C 43 3.12 -35.40 -31.64
N VAL C 44 2.15 -36.22 -32.05
CA VAL C 44 2.25 -37.06 -33.24
C VAL C 44 1.23 -36.55 -34.24
N GLN C 45 1.72 -36.00 -35.35
CA GLN C 45 0.88 -35.30 -36.32
C GLN C 45 0.94 -36.00 -37.67
N LEU C 46 -0.20 -36.04 -38.35
CA LEU C 46 -0.30 -36.61 -39.68
C LEU C 46 -1.38 -35.86 -40.44
N ASP C 47 -1.14 -35.65 -41.74
CA ASP C 47 -2.08 -34.96 -42.61
C ASP C 47 -2.92 -35.98 -43.37
N ASP C 48 -4.23 -35.78 -43.38
CA ASP C 48 -5.16 -36.73 -43.99
C ASP C 48 -5.47 -36.40 -45.45
N ALA C 49 -4.85 -35.36 -46.00
CA ALA C 49 -5.11 -34.97 -47.39
C ALA C 49 -6.59 -34.75 -47.64
N SER C 50 -7.33 -34.34 -46.60
CA SER C 50 -8.75 -34.02 -46.69
C SER C 50 -9.60 -35.21 -47.11
N ASP C 51 -9.08 -36.43 -46.99
CA ASP C 51 -9.82 -37.62 -47.39
C ASP C 51 -10.20 -38.42 -46.15
N PRO C 52 -11.47 -38.80 -45.99
CA PRO C 52 -11.84 -39.55 -44.77
C PRO C 52 -11.10 -40.86 -44.60
N SER C 53 -10.96 -41.67 -45.66
CA SER C 53 -10.31 -42.96 -45.51
C SER C 53 -8.86 -42.81 -45.06
N THR C 54 -8.18 -41.77 -45.56
CA THR C 54 -6.81 -41.52 -45.12
C THR C 54 -6.77 -41.11 -43.65
N ALA C 55 -7.73 -40.28 -43.21
CA ALA C 55 -7.76 -39.85 -41.82
C ALA C 55 -7.95 -41.04 -40.89
N ALA C 56 -8.77 -42.01 -41.29
CA ALA C 56 -8.92 -43.22 -40.49
C ALA C 56 -7.63 -44.03 -40.49
N ARG C 57 -7.01 -44.18 -41.65
CA ARG C 57 -5.73 -44.88 -41.75
C ARG C 57 -4.69 -44.21 -40.85
N ASN C 58 -4.59 -42.88 -40.92
CA ASN C 58 -3.62 -42.17 -40.10
C ASN C 58 -3.88 -42.39 -38.62
N ALA C 59 -5.16 -42.36 -38.21
CA ALA C 59 -5.48 -42.54 -36.80
C ALA C 59 -5.02 -43.91 -36.31
N ARG C 60 -5.30 -44.95 -37.08
CA ARG C 60 -4.85 -46.29 -36.69
C ARG C 60 -3.33 -46.35 -36.59
N LYS C 61 -2.63 -45.57 -37.41
CA LYS C 61 -1.17 -45.51 -37.33
C LYS C 61 -0.72 -44.98 -35.96
N MET C 62 -1.20 -43.80 -35.60
CA MET C 62 -0.83 -43.20 -34.32
C MET C 62 -1.25 -44.08 -33.15
N ILE C 63 -2.36 -44.79 -33.28
CA ILE C 63 -2.82 -45.68 -32.22
C ILE C 63 -2.03 -46.98 -32.24
N ASP C 64 -1.73 -47.51 -33.43
CA ASP C 64 -1.01 -48.78 -33.51
C ASP C 64 0.42 -48.65 -32.99
N GLU C 65 1.14 -47.64 -33.46
CA GLU C 65 2.58 -47.52 -33.21
C GLU C 65 2.89 -46.63 -32.02
N ASP C 66 2.46 -45.37 -32.06
CA ASP C 66 2.75 -44.44 -30.98
C ASP C 66 1.87 -44.65 -29.76
N LYS C 67 0.78 -45.41 -29.89
CA LYS C 67 -0.14 -45.69 -28.80
C LYS C 67 -0.55 -44.38 -28.10
N VAL C 68 -0.96 -43.41 -28.90
CA VAL C 68 -1.39 -42.13 -28.35
C VAL C 68 -2.60 -42.35 -27.45
N ASP C 69 -2.76 -41.49 -26.45
CA ASP C 69 -3.89 -41.57 -25.54
C ASP C 69 -5.11 -40.81 -26.05
N VAL C 70 -4.96 -39.96 -27.06
CA VAL C 70 -6.06 -39.13 -27.55
C VAL C 70 -5.70 -38.66 -28.95
N ILE C 71 -6.73 -38.31 -29.73
CA ILE C 71 -6.57 -37.70 -31.04
C ILE C 71 -7.40 -36.43 -31.07
N ILE C 72 -6.87 -35.39 -31.70
CA ILE C 72 -7.58 -34.12 -31.88
C ILE C 72 -8.13 -34.09 -33.30
N GLY C 73 -9.43 -33.86 -33.42
CA GLY C 73 -10.14 -33.99 -34.67
C GLY C 73 -9.48 -33.32 -35.85
N THR C 74 -10.02 -33.57 -37.05
CA THR C 74 -9.41 -33.10 -38.28
C THR C 74 -10.23 -31.96 -38.86
N ALA C 75 -9.65 -31.35 -39.91
CA ALA C 75 -10.16 -30.10 -40.44
C ALA C 75 -11.52 -30.23 -41.10
N GLY C 76 -11.95 -31.44 -41.43
CA GLY C 76 -13.23 -31.65 -42.10
C GLY C 76 -14.10 -32.63 -41.34
N SER C 77 -15.41 -32.39 -41.41
CA SER C 77 -16.35 -33.26 -40.73
C SER C 77 -16.31 -34.69 -41.25
N PRO C 78 -16.23 -34.95 -42.55
CA PRO C 78 -16.20 -36.36 -43.01
C PRO C 78 -15.03 -37.14 -42.46
N GLY C 79 -13.85 -36.53 -42.36
CA GLY C 79 -12.72 -37.20 -41.76
C GLY C 79 -12.85 -37.35 -40.26
N ALA C 80 -13.49 -36.39 -39.61
CA ALA C 80 -13.64 -36.46 -38.16
C ALA C 80 -14.64 -37.54 -37.76
N LEU C 81 -15.70 -37.72 -38.56
CA LEU C 81 -16.60 -38.84 -38.32
C LEU C 81 -15.90 -40.17 -38.59
N ALA C 82 -14.93 -40.17 -39.51
CA ALA C 82 -14.13 -41.38 -39.73
C ALA C 82 -13.25 -41.68 -38.53
N ILE C 83 -12.57 -40.66 -38.00
CA ILE C 83 -11.74 -40.86 -36.81
C ILE C 83 -12.60 -41.33 -35.65
N ALA C 84 -13.82 -40.80 -35.54
CA ALA C 84 -14.72 -41.20 -34.47
C ALA C 84 -15.01 -42.70 -34.50
N GLY C 85 -14.99 -43.31 -35.69
CA GLY C 85 -15.16 -44.74 -35.76
C GLY C 85 -13.94 -45.49 -35.27
N VAL C 86 -12.75 -45.04 -35.70
CA VAL C 86 -11.51 -45.59 -35.15
C VAL C 86 -11.46 -45.37 -33.65
N ALA C 87 -11.99 -44.24 -33.18
CA ALA C 87 -11.97 -43.94 -31.74
C ALA C 87 -12.77 -44.98 -30.97
N ARG C 88 -14.00 -45.24 -31.40
CA ARG C 88 -14.83 -46.22 -30.71
C ARG C 88 -14.21 -47.62 -30.77
N GLU C 89 -13.62 -47.97 -31.91
CA GLU C 89 -13.13 -49.33 -32.08
C GLU C 89 -11.85 -49.60 -31.31
N THR C 90 -10.99 -48.58 -31.18
CA THR C 90 -9.72 -48.74 -30.48
C THR C 90 -9.75 -48.24 -29.04
N LYS C 91 -10.88 -47.71 -28.57
CA LYS C 91 -11.00 -47.15 -27.23
C LYS C 91 -9.98 -46.03 -27.01
N THR C 92 -9.87 -45.14 -28.00
CA THR C 92 -9.05 -43.94 -27.90
C THR C 92 -9.94 -42.72 -28.08
N PRO C 93 -9.99 -41.78 -27.14
CA PRO C 93 -10.89 -40.63 -27.30
C PRO C 93 -10.47 -39.71 -28.44
N LEU C 94 -11.46 -39.03 -29.01
CA LEU C 94 -11.25 -38.05 -30.06
C LEU C 94 -11.83 -36.71 -29.62
N ILE C 95 -11.01 -35.67 -29.67
CA ILE C 95 -11.45 -34.29 -29.43
C ILE C 95 -11.61 -33.66 -30.81
N SER C 96 -12.84 -33.53 -31.28
CA SER C 96 -13.10 -33.13 -32.66
C SER C 96 -13.12 -31.60 -32.76
N ILE C 97 -12.24 -31.08 -33.63
CA ILE C 97 -12.22 -29.64 -33.91
C ILE C 97 -13.05 -29.28 -35.13
N ALA C 98 -13.69 -30.25 -35.78
CA ALA C 98 -14.69 -30.01 -36.80
C ALA C 98 -16.05 -30.46 -36.29
N ASN C 99 -17.11 -29.87 -36.83
CA ASN C 99 -18.46 -30.22 -36.39
C ASN C 99 -18.76 -31.65 -36.82
N ALA C 100 -18.84 -32.55 -35.84
CA ALA C 100 -19.09 -33.97 -36.09
C ALA C 100 -20.27 -34.40 -35.24
N ASN C 101 -21.46 -34.40 -35.82
CA ASN C 101 -22.65 -34.91 -35.15
C ASN C 101 -22.62 -36.44 -35.21
N LEU C 102 -22.56 -37.07 -34.04
CA LEU C 102 -22.59 -38.53 -33.94
C LEU C 102 -23.20 -38.89 -32.59
N PRO C 103 -24.51 -38.82 -32.48
CA PRO C 103 -25.17 -39.05 -31.19
C PRO C 103 -25.23 -40.52 -30.82
N GLY C 104 -25.45 -40.77 -29.53
CA GLY C 104 -25.57 -42.11 -29.02
C GLY C 104 -24.25 -42.71 -28.60
N GLU C 105 -24.29 -44.01 -28.28
CA GLU C 105 -23.08 -44.73 -27.90
C GLU C 105 -22.11 -44.84 -29.06
N GLU C 106 -22.58 -44.63 -30.29
CA GLU C 106 -21.67 -44.66 -31.45
C GLU C 106 -20.63 -43.56 -31.37
N GLY C 107 -20.95 -42.46 -30.68
CA GLY C 107 -20.01 -41.36 -30.51
C GLY C 107 -19.58 -41.15 -29.09
N ALA C 108 -19.67 -42.21 -28.27
CA ALA C 108 -19.30 -42.14 -26.88
C ALA C 108 -17.80 -41.96 -26.67
N TRP C 109 -17.00 -41.98 -27.74
CA TRP C 109 -15.56 -41.77 -27.66
C TRP C 109 -15.13 -40.48 -28.34
N MET C 110 -16.04 -39.51 -28.49
CA MET C 110 -15.74 -38.24 -29.13
C MET C 110 -16.50 -37.13 -28.44
N VAL C 111 -15.92 -35.93 -28.50
CA VAL C 111 -16.62 -34.69 -28.19
C VAL C 111 -16.42 -33.73 -29.37
N THR C 112 -17.40 -32.86 -29.58
CA THR C 112 -17.36 -31.88 -30.67
C THR C 112 -17.26 -30.48 -30.06
N LEU C 113 -16.22 -29.74 -30.46
CA LEU C 113 -15.95 -28.43 -29.88
C LEU C 113 -16.72 -27.31 -30.58
N PRO C 114 -16.71 -27.25 -31.92
CA PRO C 114 -17.41 -26.15 -32.60
C PRO C 114 -18.84 -26.00 -32.12
N GLN C 115 -19.28 -24.75 -32.01
CA GLN C 115 -20.61 -24.47 -31.47
C GLN C 115 -21.68 -25.07 -32.37
N PRO C 116 -22.73 -25.68 -31.81
CA PRO C 116 -23.81 -26.20 -32.66
C PRO C 116 -24.52 -25.07 -33.40
N ALA C 117 -24.99 -25.38 -34.60
CA ALA C 117 -25.65 -24.35 -35.40
C ALA C 117 -26.91 -23.82 -34.71
N PRO C 118 -27.75 -24.64 -34.08
CA PRO C 118 -28.84 -24.07 -33.27
C PRO C 118 -28.38 -22.96 -32.33
N LEU C 119 -27.24 -23.12 -31.66
CA LEU C 119 -26.77 -22.09 -30.75
C LEU C 119 -26.44 -20.80 -31.48
N MET C 120 -25.87 -20.92 -32.68
CA MET C 120 -25.39 -19.75 -33.40
C MET C 120 -26.54 -19.02 -34.09
N VAL C 121 -27.52 -19.78 -34.60
CA VAL C 121 -28.67 -19.15 -35.24
C VAL C 121 -29.56 -18.48 -34.21
N SER C 122 -29.65 -19.03 -32.99
CA SER C 122 -30.49 -18.42 -31.97
C SER C 122 -30.02 -17.01 -31.63
N ALA C 123 -28.71 -16.77 -31.65
CA ALA C 123 -28.20 -15.44 -31.36
C ALA C 123 -28.60 -14.45 -32.44
N VAL C 124 -28.68 -14.89 -33.69
CA VAL C 124 -29.10 -14.01 -34.78
C VAL C 124 -30.59 -13.70 -34.67
N VAL C 125 -31.40 -14.73 -34.41
CA VAL C 125 -32.85 -14.51 -34.36
C VAL C 125 -33.21 -13.61 -33.20
N GLU C 126 -32.46 -13.68 -32.10
CA GLU C 126 -32.68 -12.74 -31.00
C GLU C 126 -32.55 -11.30 -31.49
N ARG C 127 -31.52 -11.02 -32.28
CA ARG C 127 -31.35 -9.67 -32.81
C ARG C 127 -32.46 -9.33 -33.81
N MET C 128 -32.94 -10.32 -34.56
CA MET C 128 -34.09 -10.07 -35.43
C MET C 128 -35.31 -9.64 -34.63
N LYS C 129 -35.47 -10.20 -33.42
CA LYS C 129 -36.61 -9.85 -32.58
C LYS C 129 -36.59 -8.36 -32.21
N LYS C 130 -35.41 -7.85 -31.84
CA LYS C 130 -35.30 -6.45 -31.44
C LYS C 130 -35.39 -5.49 -32.62
N SER C 131 -35.50 -6.01 -33.85
CA SER C 131 -35.58 -5.18 -35.04
C SER C 131 -36.95 -5.23 -35.70
N GLY C 132 -37.95 -5.85 -35.05
CA GLY C 132 -39.28 -5.89 -35.59
C GLY C 132 -39.48 -6.85 -36.75
N VAL C 133 -38.56 -7.79 -36.94
CA VAL C 133 -38.62 -8.69 -38.08
C VAL C 133 -39.78 -9.66 -37.90
N LYS C 134 -40.59 -9.80 -38.94
CA LYS C 134 -41.66 -10.79 -38.99
C LYS C 134 -41.48 -11.80 -40.11
N THR C 135 -40.84 -11.42 -41.20
CA THR C 135 -40.61 -12.29 -42.35
C THR C 135 -39.12 -12.33 -42.65
N VAL C 136 -38.60 -13.53 -42.88
CA VAL C 136 -37.18 -13.70 -43.17
C VAL C 136 -37.04 -14.64 -44.36
N GLY C 137 -36.29 -14.20 -45.36
CA GLY C 137 -35.94 -15.08 -46.46
C GLY C 137 -34.65 -15.83 -46.18
N TYR C 138 -34.54 -17.03 -46.75
CA TYR C 138 -33.35 -17.85 -46.62
C TYR C 138 -32.80 -18.21 -47.98
N ILE C 139 -31.48 -18.20 -48.09
CA ILE C 139 -30.76 -18.83 -49.19
C ILE C 139 -29.46 -19.37 -48.63
N GLY C 140 -29.09 -20.58 -49.07
CA GLY C 140 -27.89 -21.19 -48.55
C GLY C 140 -27.34 -22.21 -49.53
N PHE C 141 -26.26 -22.85 -49.13
CA PHE C 141 -25.59 -23.79 -50.01
C PHE C 141 -26.49 -24.99 -50.30
N SER C 142 -26.28 -25.60 -51.46
CA SER C 142 -27.00 -26.81 -51.84
C SER C 142 -26.33 -28.03 -51.23
N ASP C 143 -26.05 -27.99 -49.92
CA ASP C 143 -25.23 -29.02 -49.28
C ASP C 143 -25.61 -29.11 -47.81
N ALA C 144 -24.77 -29.83 -47.05
CA ALA C 144 -25.08 -30.13 -45.66
C ALA C 144 -25.19 -28.85 -44.82
N TRP C 145 -24.22 -27.96 -44.96
CA TRP C 145 -24.22 -26.73 -44.16
C TRP C 145 -25.48 -25.91 -44.40
N GLY C 146 -25.91 -25.82 -45.66
CA GLY C 146 -27.16 -25.14 -45.95
C GLY C 146 -28.35 -25.79 -45.26
N ASP C 147 -28.32 -27.11 -45.11
CA ASP C 147 -29.40 -27.80 -44.40
C ASP C 147 -29.31 -27.54 -42.90
N LEU C 148 -28.10 -27.56 -42.34
CA LEU C 148 -27.94 -27.38 -40.91
C LEU C 148 -28.37 -26.00 -40.46
N VAL C 149 -28.14 -24.98 -41.29
CA VAL C 149 -28.56 -23.63 -40.94
C VAL C 149 -30.07 -23.47 -41.12
N TYR C 150 -30.62 -24.02 -42.20
CA TYR C 150 -32.06 -23.92 -42.42
C TYR C 150 -32.83 -24.61 -41.30
N ASP C 151 -32.40 -25.81 -40.90
CA ASP C 151 -33.12 -26.53 -39.85
C ASP C 151 -33.12 -25.73 -38.54
N ALA C 152 -31.93 -25.27 -38.13
CA ALA C 152 -31.84 -24.48 -36.90
C ALA C 152 -32.68 -23.21 -37.00
N LEU C 153 -32.73 -22.61 -38.19
CA LEU C 153 -33.55 -21.42 -38.38
C LEU C 153 -35.02 -21.71 -38.11
N GLN C 154 -35.52 -22.84 -38.62
CA GLN C 154 -36.92 -23.20 -38.40
C GLN C 154 -37.20 -23.42 -36.92
N LYS C 155 -36.34 -24.19 -36.24
CA LYS C 155 -36.54 -24.41 -34.81
C LYS C 155 -36.58 -23.09 -34.05
N SER C 156 -35.74 -22.14 -34.45
CA SER C 156 -35.61 -20.89 -33.71
C SER C 156 -36.66 -19.87 -34.11
N ALA C 157 -37.10 -19.89 -35.37
CA ALA C 157 -38.05 -18.88 -35.83
C ALA C 157 -39.45 -19.12 -35.26
N GLU C 158 -39.84 -20.39 -35.11
CA GLU C 158 -41.18 -20.72 -34.63
C GLU C 158 -41.48 -20.00 -33.33
N PRO C 159 -40.73 -20.23 -32.25
CA PRO C 159 -41.03 -19.55 -31.00
C PRO C 159 -40.71 -18.06 -31.01
N ALA C 160 -40.05 -17.55 -32.06
CA ALA C 160 -39.80 -16.12 -32.17
C ALA C 160 -40.92 -15.37 -32.88
N GLY C 161 -41.84 -16.08 -33.52
CA GLY C 161 -42.89 -15.43 -34.29
C GLY C 161 -42.47 -14.92 -35.64
N ILE C 162 -41.42 -15.51 -36.24
CA ILE C 162 -40.91 -15.07 -37.53
C ILE C 162 -41.14 -16.19 -38.54
N LYS C 163 -41.70 -15.82 -39.69
CA LYS C 163 -41.97 -16.75 -40.77
C LYS C 163 -40.79 -16.78 -41.74
N ILE C 164 -40.37 -17.98 -42.13
CA ILE C 164 -39.30 -18.16 -43.11
C ILE C 164 -39.96 -18.32 -44.47
N VAL C 165 -39.85 -17.30 -45.33
CA VAL C 165 -40.64 -17.25 -46.55
C VAL C 165 -39.91 -17.81 -47.77
N SER C 166 -38.70 -18.33 -47.61
CA SER C 166 -38.01 -18.94 -48.74
C SER C 166 -37.01 -19.97 -48.25
N ASN C 167 -36.60 -20.85 -49.16
CA ASN C 167 -35.62 -21.89 -48.90
C ASN C 167 -34.77 -22.08 -50.14
N GLU C 168 -34.17 -21.00 -50.62
CA GLU C 168 -33.40 -21.02 -51.86
C GLU C 168 -32.02 -21.63 -51.62
N ARG C 169 -31.48 -22.26 -52.65
CA ARG C 169 -30.18 -22.93 -52.54
C ARG C 169 -29.35 -22.65 -53.77
N TYR C 170 -28.04 -22.84 -53.62
CA TYR C 170 -27.10 -22.72 -54.74
C TYR C 170 -25.82 -23.46 -54.38
N ALA C 171 -25.11 -23.92 -55.41
CA ALA C 171 -23.86 -24.63 -55.21
C ALA C 171 -22.72 -23.64 -54.97
N ARG C 172 -21.77 -24.04 -54.12
CA ARG C 172 -20.66 -23.16 -53.77
C ARG C 172 -19.92 -22.65 -54.99
N ALA C 173 -19.84 -23.45 -56.06
CA ALA C 173 -19.09 -23.08 -57.25
C ALA C 173 -19.91 -22.26 -58.25
N ASP C 174 -21.15 -21.92 -57.93
CA ASP C 174 -21.95 -21.13 -58.86
C ASP C 174 -21.39 -19.71 -58.95
N SER C 175 -21.61 -19.08 -60.11
CA SER C 175 -21.20 -17.70 -60.32
C SER C 175 -22.35 -16.71 -60.21
N SER C 176 -23.59 -17.17 -60.34
CA SER C 176 -24.75 -16.29 -60.28
C SER C 176 -25.86 -16.93 -59.45
N VAL C 177 -26.60 -16.09 -58.73
CA VAL C 177 -27.76 -16.53 -57.96
C VAL C 177 -28.91 -15.58 -58.25
N THR C 178 -28.97 -15.06 -59.48
CA THR C 178 -29.97 -14.03 -59.80
C THR C 178 -31.38 -14.60 -59.72
N GLY C 179 -31.59 -15.82 -60.22
CA GLY C 179 -32.92 -16.40 -60.19
C GLY C 179 -33.44 -16.60 -58.79
N GLN C 180 -32.60 -17.12 -57.89
CA GLN C 180 -33.01 -17.32 -56.51
C GLN C 180 -33.29 -15.99 -55.82
N VAL C 181 -32.41 -15.00 -56.01
CA VAL C 181 -32.57 -13.73 -55.31
C VAL C 181 -33.77 -12.97 -55.85
N LEU C 182 -34.08 -13.11 -57.14
CA LEU C 182 -35.28 -12.48 -57.67
C LEU C 182 -36.52 -12.99 -56.96
N LYS C 183 -36.55 -14.28 -56.62
CA LYS C 183 -37.66 -14.81 -55.83
C LYS C 183 -37.70 -14.18 -54.46
N ILE C 184 -36.55 -14.06 -53.81
CA ILE C 184 -36.49 -13.44 -52.48
C ILE C 184 -37.03 -12.03 -52.54
N VAL C 185 -36.47 -11.21 -53.43
CA VAL C 185 -36.84 -9.79 -53.48
C VAL C 185 -38.32 -9.64 -53.76
N ALA C 186 -38.87 -10.49 -54.64
CA ALA C 186 -40.28 -10.42 -54.95
C ALA C 186 -41.15 -10.76 -53.75
N LEU C 187 -40.61 -11.48 -52.77
CA LEU C 187 -41.36 -11.79 -51.55
C LEU C 187 -41.28 -10.68 -50.52
N ARG C 188 -40.31 -9.77 -50.65
CA ARG C 188 -40.17 -8.61 -49.79
C ARG C 188 -40.11 -8.99 -48.32
N PRO C 189 -39.15 -9.82 -47.93
CA PRO C 189 -39.02 -10.17 -46.51
C PRO C 189 -38.42 -9.02 -45.71
N ASP C 190 -38.77 -8.96 -44.43
CA ASP C 190 -38.18 -7.95 -43.56
C ASP C 190 -36.66 -8.12 -43.49
N ALA C 191 -36.18 -9.36 -43.50
CA ALA C 191 -34.76 -9.65 -43.39
C ALA C 191 -34.42 -10.83 -44.27
N VAL C 192 -33.14 -10.94 -44.62
CA VAL C 192 -32.60 -12.13 -45.28
C VAL C 192 -31.41 -12.62 -44.48
N ILE C 193 -31.33 -13.94 -44.32
CA ILE C 193 -30.19 -14.60 -43.68
C ILE C 193 -29.70 -15.69 -44.63
N THR C 194 -28.40 -15.94 -44.61
CA THR C 194 -27.79 -16.92 -45.49
C THR C 194 -27.13 -18.02 -44.67
N GLY C 195 -27.09 -19.22 -45.26
CA GLY C 195 -26.37 -20.34 -44.69
C GLY C 195 -25.17 -20.70 -45.56
N THR C 196 -24.10 -19.93 -45.43
CA THR C 196 -22.99 -19.98 -46.37
C THR C 196 -21.67 -19.96 -45.60
N SER C 197 -20.57 -19.90 -46.35
CA SER C 197 -19.24 -19.95 -45.75
C SER C 197 -18.23 -19.33 -46.70
N GLY C 198 -17.43 -18.41 -46.17
CA GLY C 198 -16.31 -17.89 -46.93
C GLY C 198 -16.73 -16.98 -48.08
N THR C 199 -15.88 -16.93 -49.11
CA THR C 199 -16.02 -16.00 -50.21
C THR C 199 -17.25 -16.28 -51.06
N PRO C 200 -17.63 -17.54 -51.29
CA PRO C 200 -18.89 -17.78 -52.01
C PRO C 200 -20.10 -17.22 -51.30
N GLY C 201 -20.00 -16.92 -50.00
CA GLY C 201 -21.11 -16.34 -49.27
C GLY C 201 -21.41 -14.90 -49.62
N ALA C 202 -20.48 -14.20 -50.28
CA ALA C 202 -20.74 -12.82 -50.66
C ALA C 202 -21.75 -12.71 -51.78
N LEU C 203 -21.88 -13.75 -52.60
CA LEU C 203 -22.68 -13.66 -53.82
C LEU C 203 -24.14 -13.31 -53.54
N PRO C 204 -24.85 -13.97 -52.61
CA PRO C 204 -26.25 -13.57 -52.38
C PRO C 204 -26.39 -12.11 -51.97
N TYR C 205 -25.50 -11.62 -51.12
CA TYR C 205 -25.57 -10.21 -50.71
C TYR C 205 -25.29 -9.28 -51.89
N LEU C 206 -24.33 -9.64 -52.74
CA LEU C 206 -24.06 -8.83 -53.93
C LEU C 206 -25.31 -8.75 -54.81
N ALA C 207 -25.96 -9.90 -55.04
CA ALA C 207 -27.18 -9.91 -55.85
C ALA C 207 -28.29 -9.15 -55.15
N LEU C 208 -28.41 -9.29 -53.82
CA LEU C 208 -29.44 -8.57 -53.09
C LEU C 208 -29.30 -7.06 -53.28
N ALA C 209 -28.07 -6.55 -53.21
CA ALA C 209 -27.85 -5.12 -53.41
C ALA C 209 -28.14 -4.72 -54.85
N GLU C 210 -27.81 -5.59 -55.81
CA GLU C 210 -28.01 -5.24 -57.21
C GLU C 210 -29.49 -5.14 -57.55
N ARG C 211 -30.33 -5.99 -56.94
CA ARG C 211 -31.75 -6.01 -57.24
C ARG C 211 -32.56 -5.12 -56.30
N GLY C 212 -31.90 -4.30 -55.48
CA GLY C 212 -32.57 -3.26 -54.75
C GLY C 212 -33.03 -3.60 -53.35
N TYR C 213 -32.58 -4.71 -52.78
CA TYR C 213 -33.05 -5.11 -51.46
C TYR C 213 -32.56 -4.12 -50.40
N LYS C 214 -33.50 -3.56 -49.63
CA LYS C 214 -33.18 -2.62 -48.56
C LYS C 214 -33.57 -3.14 -47.19
N GLY C 215 -33.87 -4.43 -47.07
CA GLY C 215 -34.14 -5.03 -45.78
C GLY C 215 -32.86 -5.37 -45.05
N GLN C 216 -33.03 -6.01 -43.89
CA GLN C 216 -31.91 -6.38 -43.06
C GLN C 216 -31.23 -7.64 -43.62
N ILE C 217 -29.91 -7.70 -43.45
CA ILE C 217 -29.11 -8.82 -43.93
C ILE C 217 -28.39 -9.46 -42.75
N TYR C 218 -28.35 -10.79 -42.76
CA TYR C 218 -27.78 -11.57 -41.67
C TYR C 218 -26.97 -12.71 -42.26
N GLY C 219 -25.94 -13.15 -41.54
CA GLY C 219 -25.10 -14.24 -41.98
C GLY C 219 -24.59 -15.06 -40.82
N MET C 220 -23.83 -16.09 -41.14
CA MET C 220 -23.30 -17.03 -40.16
C MET C 220 -21.86 -16.69 -39.80
N HIS C 221 -21.37 -17.36 -38.75
CA HIS C 221 -20.01 -17.15 -38.27
C HIS C 221 -18.97 -17.50 -39.32
N ALA C 222 -19.34 -18.25 -40.35
CA ALA C 222 -18.40 -18.65 -41.39
C ALA C 222 -18.15 -17.55 -42.42
N LEU C 223 -18.82 -16.41 -42.30
CA LEU C 223 -18.58 -15.27 -43.17
C LEU C 223 -17.56 -14.30 -42.61
N ILE C 224 -17.21 -14.45 -41.34
CA ILE C 224 -16.29 -13.54 -40.66
C ILE C 224 -14.88 -13.85 -41.11
N ASN C 225 -14.52 -13.41 -42.32
CA ASN C 225 -13.17 -13.55 -42.84
C ASN C 225 -12.88 -12.40 -43.79
N PRO C 226 -11.62 -11.97 -43.89
CA PRO C 226 -11.30 -10.78 -44.69
C PRO C 226 -11.69 -10.87 -46.16
N ASP C 227 -11.70 -12.06 -46.76
CA ASP C 227 -12.01 -12.14 -48.19
C ASP C 227 -13.49 -11.84 -48.45
N PHE C 228 -14.37 -12.39 -47.63
CA PHE C 228 -15.80 -12.06 -47.74
C PHE C 228 -16.01 -10.57 -47.56
N VAL C 229 -15.43 -9.98 -46.51
CA VAL C 229 -15.62 -8.55 -46.26
C VAL C 229 -15.22 -7.75 -47.49
N ARG C 230 -14.09 -8.10 -48.09
CA ARG C 230 -13.58 -7.37 -49.24
C ARG C 230 -14.44 -7.60 -50.48
N VAL C 231 -14.75 -8.87 -50.78
CA VAL C 231 -15.52 -9.17 -51.98
C VAL C 231 -16.94 -8.63 -51.85
N GLY C 232 -17.57 -8.86 -50.70
CA GLY C 232 -18.89 -8.28 -50.46
C GLY C 232 -18.88 -6.77 -50.48
N GLY C 233 -17.80 -6.16 -50.02
CA GLY C 233 -17.66 -4.71 -50.13
C GLY C 233 -18.80 -3.98 -49.47
N ALA C 234 -19.37 -3.03 -50.22
CA ALA C 234 -20.44 -2.20 -49.69
C ALA C 234 -21.73 -2.98 -49.50
N SER C 235 -21.92 -4.07 -50.28
CA SER C 235 -23.18 -4.80 -50.23
C SER C 235 -23.37 -5.58 -48.94
N VAL C 236 -22.32 -5.76 -48.15
CA VAL C 236 -22.41 -6.48 -46.89
C VAL C 236 -22.27 -5.55 -45.70
N GLU C 237 -22.27 -4.23 -45.94
CA GLU C 237 -22.14 -3.27 -44.86
C GLU C 237 -23.29 -3.41 -43.88
N GLY C 238 -22.96 -3.52 -42.60
CA GLY C 238 -23.96 -3.67 -41.57
C GLY C 238 -24.46 -5.07 -41.35
N LEU C 239 -23.86 -6.07 -41.98
CA LEU C 239 -24.29 -7.44 -41.80
C LEU C 239 -24.09 -7.87 -40.35
N LEU C 240 -25.08 -8.57 -39.82
CA LEU C 240 -25.06 -9.09 -38.46
C LEU C 240 -24.88 -10.60 -38.51
N ALA C 241 -24.02 -11.11 -37.62
CA ALA C 241 -23.70 -12.53 -37.62
C ALA C 241 -23.26 -12.93 -36.23
N PRO C 242 -23.41 -14.21 -35.87
CA PRO C 242 -22.88 -14.69 -34.59
C PRO C 242 -21.41 -15.08 -34.73
N THR C 243 -20.74 -15.14 -33.59
CA THR C 243 -19.32 -15.51 -33.60
C THR C 243 -18.88 -15.91 -32.21
N GLY C 244 -17.87 -16.78 -32.17
CA GLY C 244 -17.18 -17.07 -30.95
C GLY C 244 -16.60 -15.80 -30.36
N PRO C 245 -16.52 -15.72 -29.03
CA PRO C 245 -16.05 -14.47 -28.43
C PRO C 245 -14.59 -14.16 -28.75
N VAL C 246 -13.77 -15.17 -29.02
CA VAL C 246 -12.35 -14.95 -29.27
C VAL C 246 -12.15 -13.92 -30.38
N ILE C 247 -13.03 -13.93 -31.39
CA ILE C 247 -12.82 -13.10 -32.57
C ILE C 247 -12.78 -11.62 -32.18
N VAL C 248 -13.57 -11.23 -31.18
CA VAL C 248 -13.62 -9.83 -30.77
C VAL C 248 -13.37 -9.74 -29.27
N ALA C 249 -12.40 -10.52 -28.79
CA ALA C 249 -12.15 -10.58 -27.35
C ALA C 249 -11.81 -9.22 -26.77
N GLU C 250 -11.18 -8.34 -27.56
CA GLU C 250 -10.81 -7.03 -27.02
C GLU C 250 -12.03 -6.21 -26.65
N GLN C 251 -13.16 -6.45 -27.32
CA GLN C 251 -14.38 -5.72 -27.06
C GLN C 251 -15.20 -6.29 -25.91
N LEU C 252 -14.84 -7.49 -25.42
CA LEU C 252 -15.59 -8.10 -24.34
C LEU C 252 -15.27 -7.44 -23.01
N PRO C 253 -16.24 -7.38 -22.09
CA PRO C 253 -15.98 -6.81 -20.77
C PRO C 253 -15.04 -7.68 -19.93
N SER C 254 -14.43 -7.05 -18.94
CA SER C 254 -13.43 -7.72 -18.11
C SER C 254 -13.99 -8.97 -17.46
N GLU C 255 -15.23 -8.91 -16.97
CA GLU C 255 -15.81 -10.02 -16.23
C GLU C 255 -16.06 -11.25 -17.10
N ASN C 256 -15.94 -11.15 -18.41
CA ASN C 256 -16.12 -12.32 -19.25
C ASN C 256 -14.87 -13.19 -19.17
N PRO C 257 -14.95 -14.38 -18.56
CA PRO C 257 -13.73 -15.21 -18.42
C PRO C 257 -13.08 -15.55 -19.74
N ILE C 258 -13.82 -15.50 -20.85
CA ILE C 258 -13.25 -15.87 -22.14
C ILE C 258 -12.25 -14.81 -22.62
N ARG C 259 -12.31 -13.60 -22.07
CA ARG C 259 -11.39 -12.55 -22.48
C ARG C 259 -9.95 -12.86 -22.10
N LYS C 260 -9.73 -13.26 -20.83
CA LYS C 260 -8.38 -13.56 -20.38
C LYS C 260 -7.77 -14.71 -21.17
N VAL C 261 -8.56 -15.76 -21.41
CA VAL C 261 -8.03 -16.93 -22.12
C VAL C 261 -7.78 -16.61 -23.59
N SER C 262 -8.68 -15.85 -24.21
CA SER C 262 -8.47 -15.46 -25.60
C SER C 262 -7.19 -14.63 -25.75
N MET C 263 -6.88 -13.80 -24.76
CA MET C 263 -5.65 -13.02 -24.80
C MET C 263 -4.43 -13.92 -24.70
N ASP C 264 -4.47 -14.90 -23.80
CA ASP C 264 -3.41 -15.91 -23.75
C ASP C 264 -3.22 -16.56 -25.13
N PHE C 265 -4.32 -16.88 -25.80
CA PHE C 265 -4.23 -17.53 -27.10
C PHE C 265 -3.59 -16.62 -28.14
N ARG C 266 -3.97 -15.35 -28.17
CA ARG C 266 -3.41 -14.44 -29.17
C ARG C 266 -1.91 -14.22 -28.95
N ALA C 267 -1.49 -14.17 -27.69
CA ALA C 267 -0.06 -14.02 -27.40
C ALA C 267 0.72 -15.25 -27.85
N ALA C 268 0.23 -16.44 -27.48
CA ALA C 268 0.90 -17.67 -27.89
C ALA C 268 0.86 -17.83 -29.41
N TYR C 269 -0.28 -17.55 -30.03
CA TYR C 269 -0.35 -17.56 -31.49
C TYR C 269 0.69 -16.62 -32.09
N GLN C 270 0.86 -15.44 -31.49
CA GLN C 270 1.85 -14.48 -31.97
C GLN C 270 3.27 -15.00 -31.77
N LYS C 271 3.51 -15.71 -30.67
CA LYS C 271 4.82 -16.28 -30.42
C LYS C 271 5.16 -17.36 -31.45
N ALA C 272 4.25 -18.34 -31.61
CA ALA C 272 4.54 -19.46 -32.49
C ALA C 272 4.50 -19.04 -33.95
N ASN C 273 3.45 -18.33 -34.35
CA ASN C 273 3.27 -17.91 -35.74
C ASN C 273 3.71 -16.46 -35.92
N GLY C 274 3.71 -16.02 -37.18
CA GLY C 274 4.16 -14.68 -37.50
C GLY C 274 3.27 -13.59 -36.94
N PRO C 276 -0.42 -12.69 -36.16
CA PRO C 276 -1.67 -12.19 -35.56
C PRO C 276 -2.87 -13.06 -35.95
N PRO C 277 -3.60 -13.58 -34.98
CA PRO C 277 -4.75 -14.44 -35.30
C PRO C 277 -5.83 -13.67 -36.05
N THR C 278 -6.31 -14.27 -37.14
CA THR C 278 -7.42 -13.71 -37.90
C THR C 278 -8.54 -14.72 -38.12
N ASP C 279 -8.22 -15.96 -38.47
CA ASP C 279 -9.22 -16.99 -38.68
C ASP C 279 -9.94 -17.31 -37.37
N ALA C 280 -10.87 -18.26 -37.43
CA ALA C 280 -11.57 -18.76 -36.25
C ALA C 280 -11.33 -20.24 -36.00
N PHE C 281 -10.54 -20.91 -36.85
CA PHE C 281 -10.28 -22.33 -36.69
C PHE C 281 -9.11 -22.59 -35.75
N SER C 282 -8.05 -21.79 -35.86
CA SER C 282 -6.92 -21.92 -34.94
C SER C 282 -7.39 -21.92 -33.49
N ALA C 283 -8.42 -21.13 -33.20
CA ALA C 283 -8.93 -21.05 -31.84
C ALA C 283 -9.50 -22.37 -31.37
N TYR C 284 -10.09 -23.16 -32.28
CA TYR C 284 -10.66 -24.44 -31.90
C TYR C 284 -9.57 -25.42 -31.47
N THR C 285 -8.44 -25.42 -32.17
CA THR C 285 -7.34 -26.30 -31.79
C THR C 285 -6.77 -25.91 -30.43
N PHE C 286 -6.60 -24.61 -30.17
CA PHE C 286 -6.17 -24.16 -28.86
C PHE C 286 -7.10 -24.68 -27.77
N ASP C 287 -8.42 -24.62 -28.02
CA ASP C 287 -9.38 -25.09 -27.02
C ASP C 287 -9.21 -26.58 -26.75
N ALA C 288 -9.08 -27.38 -27.82
CA ALA C 288 -8.89 -28.82 -27.63
C ALA C 288 -7.70 -29.10 -26.72
N TRP C 289 -6.60 -28.35 -26.91
CA TRP C 289 -5.45 -28.49 -26.05
C TRP C 289 -5.83 -28.19 -24.59
N LEU C 290 -6.50 -27.06 -24.36
CA LEU C 290 -6.97 -26.74 -23.01
C LEU C 290 -7.77 -27.91 -22.44
N LEU C 291 -8.58 -28.57 -23.28
CA LEU C 291 -9.42 -29.65 -22.79
C LEU C 291 -8.60 -30.90 -22.51
N TYR C 292 -7.61 -31.20 -23.36
CA TYR C 292 -6.72 -32.32 -23.07
C TYR C 292 -5.97 -32.10 -21.77
N LEU C 293 -5.37 -30.91 -21.61
CA LEU C 293 -4.62 -30.62 -20.40
C LEU C 293 -5.48 -30.77 -19.17
N ASP C 294 -6.70 -30.22 -19.19
CA ASP C 294 -7.58 -30.33 -18.04
C ASP C 294 -7.96 -31.78 -17.76
N ALA C 295 -8.27 -32.55 -18.80
CA ALA C 295 -8.70 -33.93 -18.60
C ALA C 295 -7.53 -34.85 -18.25
N ALA C 296 -6.32 -34.54 -18.71
CA ALA C 296 -5.20 -35.43 -18.48
C ALA C 296 -4.73 -35.39 -17.02
N GLN C 297 -4.65 -34.19 -16.44
CA GLN C 297 -4.34 -34.08 -15.02
C GLN C 297 -5.28 -34.93 -14.19
N ARG C 298 -6.58 -34.88 -14.52
CA ARG C 298 -7.57 -35.64 -13.78
C ARG C 298 -7.39 -37.14 -14.00
N ALA C 299 -7.15 -37.55 -15.24
CA ALA C 299 -6.91 -38.96 -15.52
C ALA C 299 -5.56 -39.42 -14.97
N LEU C 300 -4.55 -38.53 -15.01
CA LEU C 300 -3.27 -38.85 -14.41
C LEU C 300 -3.40 -39.14 -12.92
N ALA C 301 -4.52 -38.75 -12.31
CA ALA C 301 -4.75 -38.96 -10.88
C ALA C 301 -5.43 -40.30 -10.58
N THR C 302 -5.97 -40.97 -11.58
CA THR C 302 -6.56 -42.29 -11.39
C THR C 302 -5.51 -43.39 -11.25
N LYS C 303 -4.23 -43.04 -11.28
CA LYS C 303 -3.10 -43.96 -11.17
C LYS C 303 -3.03 -44.92 -12.36
N ALA C 304 -3.85 -44.74 -13.38
CA ALA C 304 -3.71 -45.48 -14.62
C ALA C 304 -2.50 -44.94 -15.39
N GLU C 305 -1.80 -45.84 -16.08
CA GLU C 305 -0.52 -45.49 -16.68
C GLU C 305 -0.71 -45.02 -18.11
N PRO C 306 -0.31 -43.81 -18.47
CA PRO C 306 -0.33 -43.39 -19.87
C PRO C 306 0.29 -44.43 -20.79
N GLY C 307 -0.34 -44.63 -21.94
CA GLY C 307 0.08 -45.63 -22.91
C GLY C 307 -0.70 -46.93 -22.84
N THR C 308 -1.46 -47.14 -21.78
CA THR C 308 -2.31 -48.31 -21.62
C THR C 308 -3.76 -47.96 -21.91
N PRO C 309 -4.58 -48.95 -22.28
CA PRO C 309 -6.01 -48.66 -22.50
C PRO C 309 -6.72 -48.13 -21.27
N GLN C 310 -6.21 -48.43 -20.07
CA GLN C 310 -6.88 -47.95 -18.86
C GLN C 310 -6.73 -46.45 -18.69
N PHE C 311 -5.63 -45.87 -19.19
CA PHE C 311 -5.49 -44.42 -19.14
C PHE C 311 -6.38 -43.75 -20.19
N ARG C 312 -6.41 -44.30 -21.40
CA ARG C 312 -7.29 -43.75 -22.43
C ARG C 312 -8.74 -43.74 -21.96
N LEU C 313 -9.16 -44.77 -21.22
CA LEU C 313 -10.51 -44.79 -20.68
C LEU C 313 -10.68 -43.71 -19.62
N ALA C 314 -9.70 -43.57 -18.72
CA ALA C 314 -9.80 -42.53 -17.70
C ALA C 314 -9.74 -41.15 -18.31
N LEU C 315 -8.93 -40.97 -19.36
CA LEU C 315 -8.93 -39.71 -20.08
C LEU C 315 -10.29 -39.46 -20.74
N ARG C 316 -10.86 -40.48 -21.38
CA ARG C 316 -12.15 -40.31 -22.03
C ARG C 316 -13.22 -39.91 -21.02
N ASP C 317 -13.29 -40.61 -19.89
CA ASP C 317 -14.28 -40.26 -18.87
C ASP C 317 -14.06 -38.85 -18.36
N ALA C 318 -12.82 -38.35 -18.40
CA ALA C 318 -12.55 -36.99 -17.96
C ALA C 318 -12.95 -35.96 -19.00
N ILE C 319 -12.78 -36.27 -20.28
CA ILE C 319 -13.15 -35.33 -21.33
C ILE C 319 -14.65 -35.08 -21.31
N VAL C 320 -15.43 -36.17 -21.25
CA VAL C 320 -16.89 -36.07 -21.32
C VAL C 320 -17.52 -35.69 -20.00
N SER C 321 -16.72 -35.44 -18.96
CA SER C 321 -17.22 -34.97 -17.67
C SER C 321 -16.70 -33.59 -17.32
N THR C 322 -16.12 -32.88 -18.29
CA THR C 322 -15.54 -31.57 -18.00
C THR C 322 -16.60 -30.59 -17.54
N LYS C 323 -16.24 -29.75 -16.58
CA LYS C 323 -17.15 -28.75 -16.04
C LYS C 323 -16.46 -27.40 -15.99
N GLU C 324 -17.11 -26.40 -16.60
CA GLU C 324 -16.66 -25.01 -16.55
C GLU C 324 -15.17 -24.87 -16.89
N LEU C 325 -14.78 -25.41 -18.04
CA LEU C 325 -13.49 -25.12 -18.62
C LEU C 325 -13.65 -23.92 -19.55
N VAL C 326 -13.00 -22.81 -19.22
CA VAL C 326 -13.11 -21.61 -20.03
C VAL C 326 -12.13 -21.70 -21.19
N GLY C 327 -12.66 -21.74 -22.41
CA GLY C 327 -11.87 -21.72 -23.60
C GLY C 327 -11.90 -20.37 -24.28
N THR C 328 -11.55 -20.37 -25.57
CA THR C 328 -11.58 -19.16 -26.37
C THR C 328 -12.84 -19.03 -27.21
N HIS C 329 -13.50 -20.16 -27.54
CA HIS C 329 -14.76 -20.15 -28.24
C HIS C 329 -15.95 -20.41 -27.34
N SER C 330 -15.76 -21.18 -26.27
CA SER C 330 -16.86 -21.59 -25.41
C SER C 330 -16.38 -21.66 -23.97
N VAL C 331 -17.33 -21.75 -23.05
CA VAL C 331 -17.11 -22.31 -21.72
C VAL C 331 -17.67 -23.72 -21.77
N TYR C 332 -16.79 -24.72 -21.75
CA TYR C 332 -17.17 -26.09 -22.05
C TYR C 332 -17.71 -26.80 -20.81
N ASN C 333 -18.83 -27.49 -20.99
CA ASN C 333 -19.40 -28.36 -19.96
C ASN C 333 -19.93 -29.60 -20.66
N PHE C 334 -19.20 -30.70 -20.54
CA PHE C 334 -19.52 -31.94 -21.23
C PHE C 334 -20.19 -32.93 -20.28
N LYS C 335 -21.15 -33.66 -20.81
CA LYS C 335 -21.70 -34.83 -20.15
C LYS C 335 -21.50 -36.05 -21.05
N PRO C 336 -21.42 -37.25 -20.49
CA PRO C 336 -21.15 -38.43 -21.32
C PRO C 336 -22.12 -38.61 -22.48
N THR C 337 -23.39 -38.26 -22.26
CA THR C 337 -24.45 -38.56 -23.24
C THR C 337 -24.45 -37.63 -24.44
N ASP C 338 -23.80 -36.47 -24.34
CA ASP C 338 -23.86 -35.44 -25.38
C ASP C 338 -22.49 -35.21 -25.98
N ARG C 339 -22.47 -34.86 -27.27
CA ARG C 339 -21.21 -34.61 -27.96
C ARG C 339 -20.71 -33.19 -27.75
N TYR C 340 -21.61 -32.23 -27.66
CA TYR C 340 -21.25 -30.81 -27.59
C TYR C 340 -21.16 -30.35 -26.14
N GLY C 341 -20.51 -29.20 -25.95
CA GLY C 341 -20.35 -28.64 -24.62
C GLY C 341 -20.46 -27.13 -24.56
N SER C 342 -21.01 -26.52 -25.60
CA SER C 342 -21.14 -25.08 -25.67
C SER C 342 -22.49 -24.63 -25.13
N ASP C 343 -22.51 -23.46 -24.49
CA ASP C 343 -23.76 -22.83 -24.09
C ASP C 343 -23.80 -21.39 -24.60
N GLU C 344 -24.78 -20.61 -24.14
CA GLU C 344 -25.00 -19.29 -24.70
C GLU C 344 -23.76 -18.40 -24.62
N ARG C 345 -22.84 -18.69 -23.72
CA ARG C 345 -21.60 -17.92 -23.64
C ARG C 345 -20.69 -18.15 -24.83
N SER C 346 -20.93 -19.18 -25.63
CA SER C 346 -20.04 -19.54 -26.73
C SER C 346 -20.21 -18.65 -27.95
N ARG C 347 -21.07 -17.64 -27.89
CA ARG C 347 -21.29 -16.82 -29.06
C ARG C 347 -21.70 -15.41 -28.64
N VAL C 348 -21.30 -14.44 -29.46
CA VAL C 348 -21.76 -13.07 -29.37
C VAL C 348 -22.14 -12.64 -30.78
N VAL C 349 -22.80 -11.51 -30.90
CA VAL C 349 -23.26 -11.00 -32.18
C VAL C 349 -22.41 -9.81 -32.58
N VAL C 350 -21.98 -9.78 -33.84
CA VAL C 350 -21.13 -8.72 -34.36
C VAL C 350 -21.79 -8.12 -35.59
N LYS C 351 -21.46 -6.87 -35.87
CA LYS C 351 -21.94 -6.15 -37.03
C LYS C 351 -20.74 -5.68 -37.85
N LEU C 352 -20.84 -5.79 -39.17
CA LEU C 352 -19.74 -5.40 -40.04
C LEU C 352 -19.80 -3.89 -40.27
N GLU C 353 -18.76 -3.19 -39.83
CA GLU C 353 -18.70 -1.74 -39.94
C GLU C 353 -17.30 -1.34 -40.38
N LYS C 354 -17.20 -0.79 -41.59
CA LYS C 354 -15.93 -0.26 -42.09
C LYS C 354 -14.83 -1.32 -42.05
N GLY C 355 -15.16 -2.50 -42.57
CA GLY C 355 -14.23 -3.62 -42.59
C GLY C 355 -13.95 -4.25 -41.25
N GLN C 356 -14.57 -3.76 -40.17
CA GLN C 356 -14.33 -4.24 -38.83
C GLN C 356 -15.59 -4.86 -38.26
N TRP C 357 -15.41 -5.96 -37.53
CA TRP C 357 -16.53 -6.62 -36.85
C TRP C 357 -16.67 -6.02 -35.45
N LYS C 358 -17.81 -5.40 -35.20
CA LYS C 358 -18.06 -4.68 -33.95
C LYS C 358 -19.09 -5.43 -33.11
N LEU C 359 -18.74 -5.69 -31.86
CA LEU C 359 -19.68 -6.32 -30.93
C LEU C 359 -20.88 -5.41 -30.71
N VAL C 360 -22.08 -5.96 -30.86
CA VAL C 360 -23.31 -5.21 -30.71
C VAL C 360 -23.87 -5.45 -29.33
N LYS C 361 -24.26 -4.37 -28.66
CA LYS C 361 -24.71 -4.43 -27.27
C LYS C 361 -26.17 -4.86 -27.18
N ALA D 1 -42.09 1.14 -20.85
CA ALA D 1 -42.03 1.01 -19.40
C ALA D 1 -41.02 2.01 -18.82
N ASP D 2 -41.27 2.48 -17.60
CA ASP D 2 -40.48 3.56 -17.03
C ASP D 2 -39.03 3.12 -16.81
N LEU D 3 -38.11 4.05 -17.03
CA LEU D 3 -36.72 3.85 -16.66
C LEU D 3 -36.60 3.93 -15.14
N LYS D 4 -35.87 2.99 -14.56
CA LYS D 4 -35.73 2.91 -13.11
C LYS D 4 -34.34 3.38 -12.70
N VAL D 5 -34.30 4.36 -11.79
CA VAL D 5 -33.07 4.94 -11.29
C VAL D 5 -33.09 4.84 -9.77
N GLY D 6 -31.96 4.46 -9.20
CA GLY D 6 -31.83 4.34 -7.75
C GLY D 6 -31.19 5.59 -7.16
N PHE D 7 -31.67 5.97 -5.98
CA PHE D 7 -31.14 7.13 -5.27
C PHE D 7 -31.04 6.79 -3.79
N ILE D 8 -29.81 6.73 -3.27
CA ILE D 8 -29.58 6.50 -1.85
C ILE D 8 -29.00 7.78 -1.26
N THR D 9 -29.55 8.20 -0.13
CA THR D 9 -29.03 9.36 0.61
C THR D 9 -29.24 9.08 2.10
N SER D 10 -28.81 10.02 2.93
CA SER D 10 -28.90 9.91 4.37
C SER D 10 -29.88 10.98 4.88
N LEU D 11 -31.10 10.57 5.20
CA LEU D 11 -32.07 11.46 5.82
C LEU D 11 -32.07 11.35 7.34
N SER D 12 -31.30 10.42 7.90
CA SER D 12 -31.13 10.29 9.34
C SER D 12 -29.66 10.02 9.65
N GLY D 13 -29.27 10.29 10.88
CA GLY D 13 -27.94 9.96 11.36
C GLY D 13 -26.92 11.07 11.17
N PRO D 14 -25.66 10.78 11.48
CA PRO D 14 -24.64 11.84 11.49
C PRO D 14 -24.48 12.60 10.19
N VAL D 15 -24.77 12.00 9.04
CA VAL D 15 -24.59 12.67 7.76
C VAL D 15 -25.91 13.19 7.20
N SER D 16 -26.96 13.27 8.03
CA SER D 16 -28.23 13.79 7.53
C SER D 16 -28.12 15.25 7.10
N SER D 17 -27.22 16.02 7.72
CA SER D 17 -27.08 17.43 7.37
C SER D 17 -26.63 17.60 5.91
N LEU D 18 -25.94 16.60 5.35
CA LEU D 18 -25.60 16.61 3.94
C LEU D 18 -26.61 15.83 3.09
N GLY D 19 -27.19 14.77 3.64
CA GLY D 19 -28.11 13.97 2.86
C GLY D 19 -29.37 14.70 2.48
N ILE D 20 -29.84 15.62 3.33
CA ILE D 20 -31.12 16.29 3.10
C ILE D 20 -30.93 17.32 1.99
N PRO D 21 -29.86 18.13 2.01
CA PRO D 21 -29.55 18.93 0.81
C PRO D 21 -29.39 18.10 -0.45
N TYR D 22 -28.70 16.96 -0.37
CA TYR D 22 -28.60 16.07 -1.53
C TYR D 22 -29.98 15.73 -2.08
N GLU D 23 -30.94 15.45 -1.20
CA GLU D 23 -32.27 15.09 -1.66
C GLU D 23 -32.99 16.29 -2.28
N LYS D 24 -32.79 17.48 -1.71
CA LYS D 24 -33.34 18.67 -2.34
C LYS D 24 -32.77 18.85 -3.73
N GLY D 25 -31.52 18.44 -3.94
CA GLY D 25 -30.96 18.44 -5.28
C GLY D 25 -31.65 17.47 -6.21
N MET D 26 -32.12 16.35 -5.69
CA MET D 26 -32.89 15.42 -6.51
C MET D 26 -34.27 15.98 -6.85
N LYS D 27 -34.87 16.73 -5.93
CA LYS D 27 -36.16 17.36 -6.23
C LYS D 27 -36.00 18.36 -7.37
N ALA D 28 -34.90 19.11 -7.37
CA ALA D 28 -34.65 20.08 -8.44
C ALA D 28 -34.48 19.36 -9.78
N ALA D 29 -33.67 18.31 -9.80
CA ALA D 29 -33.43 17.56 -11.03
C ALA D 29 -34.73 17.05 -11.64
N ILE D 30 -35.62 16.53 -10.81
CA ILE D 30 -36.87 15.97 -11.31
C ILE D 30 -37.76 17.05 -11.89
N ALA D 31 -37.74 18.24 -11.27
CA ALA D 31 -38.51 19.36 -11.82
C ALA D 31 -37.87 19.90 -13.09
N TYR D 32 -36.54 19.76 -13.21
CA TYR D 32 -35.84 20.15 -14.42
C TYR D 32 -36.18 19.23 -15.59
N LYS D 33 -36.05 17.92 -15.38
CA LYS D 33 -36.30 16.93 -16.43
C LYS D 33 -36.52 15.58 -15.76
N SER D 34 -37.57 14.87 -16.20
CA SER D 34 -37.94 13.60 -15.59
C SER D 34 -38.14 12.51 -16.63
N ASP D 35 -37.55 12.66 -17.81
CA ASP D 35 -37.64 11.65 -18.85
C ASP D 35 -36.33 11.62 -19.63
N VAL D 36 -36.11 10.52 -20.35
CA VAL D 36 -35.04 10.41 -21.33
C VAL D 36 -35.67 10.04 -22.66
N GLY D 37 -35.44 10.85 -23.68
CA GLY D 37 -36.03 10.58 -24.98
C GLY D 37 -37.52 10.31 -24.92
N GLY D 38 -38.23 11.02 -24.05
CA GLY D 38 -39.66 10.82 -23.89
C GLY D 38 -40.05 9.59 -23.09
N ARG D 39 -39.09 8.85 -22.54
CA ARG D 39 -39.40 7.72 -21.66
C ARG D 39 -39.33 8.20 -20.21
N LYS D 40 -40.43 8.05 -19.49
CA LYS D 40 -40.51 8.50 -18.11
C LYS D 40 -39.53 7.75 -17.23
N ILE D 41 -38.97 8.45 -16.25
CA ILE D 41 -38.06 7.87 -15.26
C ILE D 41 -38.83 7.62 -13.97
N GLN D 42 -38.59 6.47 -13.35
CA GLN D 42 -39.12 6.14 -12.04
C GLN D 42 -37.96 6.11 -11.05
N LEU D 43 -38.06 6.89 -9.98
CA LEU D 43 -37.02 6.95 -8.96
C LEU D 43 -37.31 5.93 -7.87
N VAL D 44 -36.29 5.16 -7.52
CA VAL D 44 -36.35 4.22 -6.39
C VAL D 44 -35.40 4.76 -5.34
N GLN D 45 -35.96 5.16 -4.20
CA GLN D 45 -35.22 5.91 -3.19
C GLN D 45 -35.26 5.18 -1.86
N LEU D 46 -34.09 5.04 -1.23
CA LEU D 46 -33.97 4.51 0.12
C LEU D 46 -33.01 5.38 0.92
N ASP D 47 -33.19 5.34 2.24
CA ASP D 47 -32.39 6.11 3.18
C ASP D 47 -31.44 5.16 3.89
N ASP D 48 -30.15 5.48 3.89
CA ASP D 48 -29.13 4.63 4.49
C ASP D 48 -28.83 5.01 5.94
N ALA D 49 -29.54 5.98 6.50
CA ALA D 49 -29.39 6.37 7.90
C ALA D 49 -27.92 6.62 8.26
N SER D 50 -27.14 7.09 7.29
CA SER D 50 -25.72 7.37 7.44
C SER D 50 -24.89 6.13 7.73
N ASP D 51 -25.46 4.94 7.56
CA ASP D 51 -24.77 3.70 7.89
C ASP D 51 -24.30 3.02 6.62
N PRO D 52 -22.99 2.74 6.48
CA PRO D 52 -22.54 2.17 5.20
C PRO D 52 -23.06 0.77 4.93
N SER D 53 -23.19 -0.06 5.97
CA SER D 53 -23.77 -1.39 5.77
C SER D 53 -25.23 -1.30 5.35
N THR D 54 -25.96 -0.30 5.84
CA THR D 54 -27.31 -0.06 5.33
C THR D 54 -27.26 0.44 3.89
N ALA D 55 -26.29 1.31 3.58
CA ALA D 55 -26.14 1.78 2.21
C ALA D 55 -26.00 0.61 1.24
N ALA D 56 -25.26 -0.43 1.64
CA ALA D 56 -25.03 -1.56 0.74
C ALA D 56 -26.25 -2.46 0.65
N ARG D 57 -26.95 -2.69 1.77
CA ARG D 57 -28.19 -3.47 1.72
C ARG D 57 -29.21 -2.78 0.82
N ASN D 58 -29.37 -1.46 0.99
CA ASN D 58 -30.28 -0.70 0.13
C ASN D 58 -29.95 -0.91 -1.34
N ALA D 59 -28.67 -0.78 -1.70
CA ALA D 59 -28.26 -0.93 -3.09
C ALA D 59 -28.61 -2.32 -3.60
N ARG D 60 -28.32 -3.35 -2.80
CA ARG D 60 -28.61 -4.72 -3.19
C ARG D 60 -30.11 -4.92 -3.44
N LYS D 61 -30.96 -4.39 -2.55
CA LYS D 61 -32.40 -4.48 -2.78
C LYS D 61 -32.77 -3.78 -4.08
N MET D 62 -32.26 -2.57 -4.28
CA MET D 62 -32.62 -1.80 -5.47
C MET D 62 -32.18 -2.51 -6.73
N ILE D 63 -31.05 -3.22 -6.68
CA ILE D 63 -30.50 -3.86 -7.87
C ILE D 63 -31.15 -5.21 -8.10
N ASP D 64 -31.42 -5.95 -7.03
CA ASP D 64 -31.92 -7.31 -7.15
C ASP D 64 -33.45 -7.38 -7.28
N GLU D 65 -34.17 -6.45 -6.67
CA GLU D 65 -35.63 -6.47 -6.70
C GLU D 65 -36.18 -5.45 -7.69
N ASP D 66 -35.84 -4.17 -7.51
CA ASP D 66 -36.34 -3.15 -8.43
C ASP D 66 -35.63 -3.18 -9.78
N LYS D 67 -34.45 -3.81 -9.88
CA LYS D 67 -33.68 -3.85 -11.12
C LYS D 67 -33.38 -2.46 -11.65
N VAL D 68 -32.95 -1.57 -10.75
CA VAL D 68 -32.54 -0.23 -11.18
C VAL D 68 -31.35 -0.36 -12.12
N ASP D 69 -31.33 0.49 -13.15
CA ASP D 69 -30.22 0.50 -14.09
C ASP D 69 -28.97 1.16 -13.53
N VAL D 70 -29.07 1.83 -12.39
CA VAL D 70 -28.02 2.72 -11.92
C VAL D 70 -28.39 3.21 -10.53
N ILE D 71 -27.40 3.71 -9.79
CA ILE D 71 -27.62 4.31 -8.48
C ILE D 71 -26.86 5.62 -8.42
N ILE D 72 -27.51 6.66 -7.91
CA ILE D 72 -26.84 7.92 -7.59
C ILE D 72 -26.34 7.83 -6.16
N GLY D 73 -25.04 8.07 -5.96
CA GLY D 73 -24.36 7.87 -4.69
C GLY D 73 -25.06 8.42 -3.47
N THR D 74 -24.41 8.30 -2.31
CA THR D 74 -25.03 8.65 -1.04
C THR D 74 -24.23 9.78 -0.37
N ALA D 75 -24.66 10.12 0.85
CA ALA D 75 -24.26 11.39 1.45
C ALA D 75 -22.84 11.37 2.01
N GLY D 76 -22.35 10.22 2.45
CA GLY D 76 -21.02 10.12 3.04
C GLY D 76 -20.11 9.23 2.23
N SER D 77 -18.81 9.51 2.30
CA SER D 77 -17.82 8.69 1.62
C SER D 77 -17.89 7.22 2.02
N PRO D 78 -18.02 6.86 3.30
CA PRO D 78 -18.11 5.42 3.65
C PRO D 78 -19.29 4.73 2.99
N GLY D 79 -20.48 5.34 3.04
CA GLY D 79 -21.62 4.75 2.36
C GLY D 79 -21.39 4.63 0.86
N ALA D 80 -20.89 5.70 0.25
CA ALA D 80 -20.62 5.67 -1.19
C ALA D 80 -19.70 4.51 -1.55
N LEU D 81 -18.64 4.30 -0.76
CA LEU D 81 -17.71 3.22 -1.07
C LEU D 81 -18.35 1.85 -0.88
N ALA D 82 -19.27 1.71 0.07
CA ALA D 82 -19.99 0.45 0.22
C ALA D 82 -20.88 0.19 -0.99
N ILE D 83 -21.48 1.24 -1.55
CA ILE D 83 -22.31 1.07 -2.74
C ILE D 83 -21.43 0.73 -3.95
N ALA D 84 -20.28 1.39 -4.06
CA ALA D 84 -19.36 1.10 -5.17
C ALA D 84 -19.02 -0.38 -5.25
N GLY D 85 -18.88 -1.04 -4.09
CA GLY D 85 -18.58 -2.46 -4.10
C GLY D 85 -19.75 -3.30 -4.60
N VAL D 86 -20.96 -2.98 -4.14
CA VAL D 86 -22.16 -3.64 -4.67
C VAL D 86 -22.32 -3.33 -6.14
N ALA D 87 -21.95 -2.11 -6.56
CA ALA D 87 -21.97 -1.76 -7.98
C ALA D 87 -21.10 -2.71 -8.78
N ARG D 88 -19.87 -2.95 -8.33
CA ARG D 88 -18.97 -3.84 -9.05
C ARG D 88 -19.51 -5.27 -9.04
N GLU D 89 -19.90 -5.77 -7.87
CA GLU D 89 -20.33 -7.17 -7.76
C GLU D 89 -21.50 -7.45 -8.67
N THR D 90 -22.49 -6.56 -8.71
CA THR D 90 -23.71 -6.77 -9.47
C THR D 90 -23.64 -6.18 -10.87
N LYS D 91 -22.57 -5.47 -11.22
CA LYS D 91 -22.40 -4.89 -12.54
C LYS D 91 -23.52 -3.87 -12.82
N THR D 92 -23.71 -2.97 -11.86
CA THR D 92 -24.63 -1.85 -11.95
C THR D 92 -23.86 -0.56 -11.70
N PRO D 93 -23.95 0.43 -12.58
CA PRO D 93 -23.13 1.63 -12.40
C PRO D 93 -23.60 2.50 -11.23
N LEU D 94 -22.62 3.14 -10.59
CA LEU D 94 -22.86 4.07 -9.49
C LEU D 94 -22.31 5.43 -9.88
N ILE D 95 -23.14 6.46 -9.81
CA ILE D 95 -22.70 7.84 -9.89
C ILE D 95 -22.62 8.36 -8.46
N SER D 96 -21.40 8.50 -7.95
CA SER D 96 -21.20 8.87 -6.56
C SER D 96 -21.23 10.39 -6.41
N ILE D 97 -22.06 10.87 -5.47
CA ILE D 97 -22.22 12.29 -5.21
C ILE D 97 -21.43 12.76 -4.01
N ALA D 98 -20.85 11.84 -3.24
CA ALA D 98 -19.85 12.13 -2.23
C ALA D 98 -18.47 11.76 -2.78
N ASN D 99 -17.42 12.31 -2.17
CA ASN D 99 -16.09 12.00 -2.65
C ASN D 99 -15.77 10.54 -2.39
N ALA D 100 -15.54 9.78 -3.47
CA ALA D 100 -15.36 8.34 -3.40
C ALA D 100 -14.14 7.98 -4.25
N ASN D 101 -13.00 7.75 -3.60
CA ASN D 101 -11.77 7.40 -4.30
C ASN D 101 -11.57 5.88 -4.18
N LEU D 102 -11.82 5.19 -5.29
CA LEU D 102 -11.66 3.73 -5.38
C LEU D 102 -10.88 3.49 -6.67
N PRO D 103 -9.56 3.65 -6.63
CA PRO D 103 -8.77 3.55 -7.85
C PRO D 103 -8.69 2.12 -8.35
N GLY D 104 -8.44 2.00 -9.65
CA GLY D 104 -8.21 0.70 -10.24
C GLY D 104 -9.49 -0.04 -10.56
N GLU D 105 -9.32 -1.30 -10.97
CA GLU D 105 -10.43 -2.08 -11.49
C GLU D 105 -11.54 -2.26 -10.45
N GLU D 106 -11.20 -2.26 -9.16
CA GLU D 106 -12.24 -2.40 -8.14
C GLU D 106 -13.30 -1.32 -8.25
N GLY D 107 -12.96 -0.17 -8.82
CA GLY D 107 -13.88 0.95 -8.93
C GLY D 107 -14.34 1.23 -10.34
N ALA D 108 -14.18 0.26 -11.24
CA ALA D 108 -14.51 0.47 -12.64
C ALA D 108 -16.00 0.65 -12.88
N TRP D 109 -16.84 0.40 -11.88
CA TRP D 109 -18.29 0.56 -12.00
C TRP D 109 -18.79 1.79 -11.26
N MET D 110 -17.91 2.74 -10.96
CA MET D 110 -18.30 3.98 -10.30
C MET D 110 -17.60 5.15 -10.95
N VAL D 111 -18.25 6.31 -10.93
CA VAL D 111 -17.60 7.60 -11.07
C VAL D 111 -17.91 8.42 -9.84
N THR D 112 -17.03 9.37 -9.54
CA THR D 112 -17.18 10.27 -8.41
C THR D 112 -17.18 11.70 -8.93
N LEU D 113 -18.20 12.46 -8.55
CA LEU D 113 -18.43 13.78 -9.13
C LEU D 113 -17.66 14.88 -8.40
N PRO D 114 -17.61 14.88 -7.06
CA PRO D 114 -16.96 16.01 -6.38
C PRO D 114 -15.50 16.16 -6.78
N GLN D 115 -15.02 17.38 -6.70
CA GLN D 115 -13.71 17.72 -7.25
C GLN D 115 -12.60 17.14 -6.37
N PRO D 116 -11.58 16.52 -6.97
CA PRO D 116 -10.43 16.06 -6.17
C PRO D 116 -9.82 17.21 -5.39
N ALA D 117 -9.48 16.94 -4.12
CA ALA D 117 -8.90 17.98 -3.29
C ALA D 117 -7.62 18.57 -3.86
N PRO D 118 -6.73 17.81 -4.51
CA PRO D 118 -5.56 18.44 -5.13
C PRO D 118 -5.92 19.45 -6.20
N LEU D 119 -7.05 19.26 -6.89
CA LEU D 119 -7.51 20.26 -7.85
C LEU D 119 -7.98 21.52 -7.16
N MET D 120 -8.55 21.38 -5.96
CA MET D 120 -9.00 22.56 -5.21
C MET D 120 -7.82 23.26 -4.54
N VAL D 121 -6.88 22.50 -3.99
CA VAL D 121 -5.69 23.10 -3.40
C VAL D 121 -4.91 23.86 -4.46
N SER D 122 -4.77 23.28 -5.66
CA SER D 122 -3.98 23.92 -6.69
C SER D 122 -4.52 25.31 -7.04
N ALA D 123 -5.84 25.50 -6.91
CA ALA D 123 -6.42 26.78 -7.28
C ALA D 123 -5.99 27.89 -6.32
N VAL D 124 -5.91 27.59 -5.02
CA VAL D 124 -5.49 28.60 -4.07
C VAL D 124 -3.98 28.76 -4.06
N VAL D 125 -3.22 27.73 -4.46
CA VAL D 125 -1.78 27.91 -4.64
C VAL D 125 -1.52 28.87 -5.80
N GLU D 126 -2.27 28.74 -6.88
CA GLU D 126 -2.17 29.71 -7.97
C GLU D 126 -2.41 31.12 -7.46
N ARG D 127 -3.39 31.30 -6.58
CA ARG D 127 -3.66 32.61 -6.00
C ARG D 127 -2.49 33.08 -5.16
N MET D 128 -1.86 32.16 -4.42
CA MET D 128 -0.67 32.53 -3.65
C MET D 128 0.45 33.00 -4.56
N LYS D 129 0.65 32.31 -5.69
CA LYS D 129 1.70 32.67 -6.62
C LYS D 129 1.51 34.08 -7.15
N LYS D 130 0.27 34.46 -7.47
CA LYS D 130 -0.02 35.78 -7.99
C LYS D 130 -0.10 36.85 -6.91
N SER D 131 0.00 36.45 -5.63
CA SER D 131 -0.07 37.38 -4.51
C SER D 131 1.26 37.51 -3.80
N GLY D 132 2.35 37.07 -4.43
CA GLY D 132 3.68 37.26 -3.89
C GLY D 132 4.06 36.35 -2.75
N VAL D 133 3.26 35.31 -2.48
CA VAL D 133 3.51 34.47 -1.32
C VAL D 133 4.82 33.70 -1.50
N LYS D 134 5.72 33.84 -0.53
CA LYS D 134 6.98 33.10 -0.51
C LYS D 134 7.01 32.02 0.55
N THR D 135 6.26 32.19 1.64
CA THR D 135 6.21 31.21 2.73
C THR D 135 4.76 31.08 3.19
N VAL D 136 4.30 29.84 3.38
CA VAL D 136 2.96 29.58 3.87
C VAL D 136 3.04 28.65 5.06
N GLY D 137 2.35 29.01 6.14
CA GLY D 137 2.14 28.11 7.24
C GLY D 137 0.86 27.30 7.05
N TYR D 138 0.89 26.07 7.53
CA TYR D 138 -0.24 25.15 7.43
C TYR D 138 -0.68 24.71 8.82
N ILE D 139 -1.99 24.65 9.02
CA ILE D 139 -2.57 24.04 10.20
C ILE D 139 -3.81 23.27 9.76
N GLY D 140 -3.93 22.02 10.19
CA GLY D 140 -5.01 21.17 9.74
C GLY D 140 -5.38 20.12 10.76
N PHE D 141 -6.44 19.39 10.45
CA PHE D 141 -6.90 18.32 11.34
C PHE D 141 -5.85 17.23 11.44
N SER D 142 -5.84 16.55 12.60
CA SER D 142 -5.01 15.35 12.78
C SER D 142 -5.72 14.12 12.23
N ASP D 143 -6.22 14.20 11.00
CA ASP D 143 -6.95 13.09 10.42
C ASP D 143 -6.69 13.06 8.92
N ALA D 144 -7.39 12.17 8.21
CA ALA D 144 -7.07 11.92 6.82
C ALA D 144 -7.37 13.13 5.94
N TRP D 145 -8.36 13.93 6.31
CA TRP D 145 -8.66 15.13 5.53
C TRP D 145 -7.55 16.16 5.70
N GLY D 146 -7.06 16.34 6.93
CA GLY D 146 -5.90 17.20 7.13
C GLY D 146 -4.68 16.69 6.40
N ASP D 147 -4.49 15.37 6.37
CA ASP D 147 -3.35 14.80 5.66
C ASP D 147 -3.45 15.04 4.16
N LEU D 148 -4.66 14.89 3.61
CA LEU D 148 -4.84 15.02 2.17
C LEU D 148 -4.59 16.44 1.71
N VAL D 149 -5.03 17.42 2.49
CA VAL D 149 -4.79 18.82 2.14
C VAL D 149 -3.31 19.15 2.24
N TYR D 150 -2.65 18.68 3.31
CA TYR D 150 -1.22 18.95 3.46
C TYR D 150 -0.42 18.32 2.33
N ASP D 151 -0.74 17.07 1.98
CA ASP D 151 -0.01 16.40 0.91
C ASP D 151 -0.21 17.12 -0.42
N ALA D 152 -1.45 17.51 -0.73
CA ALA D 152 -1.71 18.26 -1.96
C ALA D 152 -1.01 19.61 -1.92
N LEU D 153 -0.97 20.25 -0.74
CA LEU D 153 -0.26 21.52 -0.62
C LEU D 153 1.22 21.36 -0.94
N GLN D 154 1.85 20.34 -0.33
CA GLN D 154 3.27 20.09 -0.59
C GLN D 154 3.53 19.92 -2.08
N LYS D 155 2.78 19.02 -2.71
CA LYS D 155 3.03 18.69 -4.11
C LYS D 155 2.72 19.84 -5.06
N SER D 156 2.01 20.86 -4.59
CA SER D 156 1.66 22.00 -5.42
C SER D 156 2.51 23.23 -5.11
N ALA D 157 2.73 23.53 -3.83
CA ALA D 157 3.45 24.74 -3.46
C ALA D 157 4.96 24.58 -3.60
N GLU D 158 5.50 23.43 -3.19
CA GLU D 158 6.96 23.31 -3.14
C GLU D 158 7.58 23.37 -4.53
N PRO D 159 7.10 22.65 -5.55
CA PRO D 159 7.67 22.85 -6.89
C PRO D 159 7.52 24.27 -7.41
N ALA D 160 6.46 24.97 -7.01
CA ALA D 160 6.28 26.36 -7.38
C ALA D 160 7.16 27.31 -6.56
N GLY D 161 8.06 26.77 -5.74
CA GLY D 161 8.99 27.60 -5.00
C GLY D 161 8.43 28.24 -3.75
N ILE D 162 7.24 27.86 -3.33
CA ILE D 162 6.66 28.35 -2.08
C ILE D 162 7.10 27.44 -0.95
N LYS D 163 7.64 28.02 0.11
CA LYS D 163 8.14 27.25 1.24
C LYS D 163 7.03 27.07 2.27
N ILE D 164 6.72 25.82 2.59
CA ILE D 164 5.79 25.49 3.67
C ILE D 164 6.60 25.52 4.97
N VAL D 165 6.29 26.48 5.84
CA VAL D 165 7.11 26.72 7.03
C VAL D 165 6.56 26.05 8.28
N SER D 166 5.39 25.43 8.22
CA SER D 166 4.80 24.85 9.42
C SER D 166 3.82 23.75 9.02
N ASN D 167 3.70 22.76 9.90
CA ASN D 167 2.80 21.63 9.71
C ASN D 167 2.13 21.31 11.05
N GLU D 168 1.33 22.25 11.54
CA GLU D 168 0.66 22.10 12.83
C GLU D 168 -0.69 21.41 12.66
N ARG D 169 -1.08 20.64 13.67
CA ARG D 169 -2.31 19.87 13.61
C ARG D 169 -3.09 20.00 14.90
N TYR D 170 -4.39 19.75 14.80
CA TYR D 170 -5.28 19.72 15.95
C TYR D 170 -6.45 18.81 15.62
N ALA D 171 -7.12 18.31 16.66
CA ALA D 171 -8.26 17.41 16.48
C ALA D 171 -9.54 18.22 16.32
N ARG D 172 -10.47 17.67 15.54
CA ARG D 172 -11.72 18.37 15.29
C ARG D 172 -12.42 18.77 16.58
N ALA D 173 -12.30 17.95 17.63
CA ALA D 173 -12.99 18.21 18.88
C ALA D 173 -12.23 19.16 19.80
N ASP D 174 -10.98 19.47 19.50
CA ASP D 174 -10.21 20.35 20.37
C ASP D 174 -10.93 21.68 20.55
N SER D 175 -10.67 22.32 21.70
CA SER D 175 -11.25 23.62 22.01
C SER D 175 -10.27 24.78 21.84
N SER D 176 -8.97 24.49 21.78
CA SER D 176 -7.95 25.52 21.62
C SER D 176 -6.90 25.05 20.62
N VAL D 177 -6.21 26.02 20.03
CA VAL D 177 -5.07 25.76 19.16
C VAL D 177 -4.04 26.85 19.40
N THR D 178 -4.01 27.39 20.62
CA THR D 178 -3.24 28.61 20.88
C THR D 178 -1.75 28.37 20.71
N GLY D 179 -1.24 27.23 21.16
CA GLY D 179 0.18 26.96 21.02
C GLY D 179 0.61 26.75 19.58
N GLN D 180 -0.21 26.05 18.81
CA GLN D 180 0.13 25.81 17.41
C GLN D 180 0.17 27.13 16.63
N VAL D 181 -0.76 28.04 16.92
CA VAL D 181 -0.79 29.29 16.17
C VAL D 181 0.25 30.27 16.69
N LEU D 182 0.61 30.18 17.98
CA LEU D 182 1.74 30.96 18.47
C LEU D 182 3.02 30.56 17.76
N LYS D 183 3.17 29.28 17.43
CA LYS D 183 4.32 28.84 16.65
C LYS D 183 4.26 29.38 15.23
N ILE D 184 3.07 29.40 14.64
CA ILE D 184 2.92 29.81 13.25
C ILE D 184 3.22 31.30 13.10
N VAL D 185 2.65 32.13 13.99
CA VAL D 185 2.83 33.57 13.87
C VAL D 185 4.30 33.95 14.11
N ALA D 186 5.01 33.16 14.92
CA ALA D 186 6.41 33.49 15.19
C ALA D 186 7.26 33.39 13.93
N LEU D 187 6.99 32.41 13.07
CA LEU D 187 7.69 32.28 11.80
C LEU D 187 7.25 33.32 10.78
N ARG D 188 6.19 34.07 11.06
CA ARG D 188 5.57 35.02 10.15
C ARG D 188 5.60 34.57 8.70
N PRO D 189 4.87 33.51 8.33
CA PRO D 189 4.64 33.25 6.91
C PRO D 189 3.90 34.40 6.25
N ASP D 190 4.05 34.47 4.93
CA ASP D 190 3.24 35.40 4.16
C ASP D 190 1.77 35.02 4.20
N ALA D 191 1.47 33.74 4.38
CA ALA D 191 0.11 33.25 4.29
C ALA D 191 -0.06 32.06 5.22
N VAL D 192 -1.30 31.82 5.63
CA VAL D 192 -1.68 30.61 6.34
C VAL D 192 -2.84 29.96 5.59
N ILE D 193 -2.72 28.67 5.33
CA ILE D 193 -3.80 27.87 4.77
C ILE D 193 -4.14 26.79 5.79
N THR D 194 -5.42 26.50 5.96
CA THR D 194 -5.86 25.45 6.86
C THR D 194 -6.46 24.28 6.08
N GLY D 195 -6.33 23.09 6.67
CA GLY D 195 -6.95 21.89 6.14
C GLY D 195 -8.02 21.40 7.08
N THR D 196 -9.20 22.01 6.99
CA THR D 196 -10.25 21.86 7.99
C THR D 196 -11.60 21.80 7.29
N SER D 197 -12.66 21.67 8.08
CA SER D 197 -14.02 21.63 7.57
C SER D 197 -14.97 21.86 8.73
N GLY D 198 -16.14 22.43 8.42
CA GLY D 198 -17.13 22.71 9.44
C GLY D 198 -16.73 23.88 10.32
N THR D 199 -17.51 24.05 11.40
CA THR D 199 -17.28 25.16 12.32
C THR D 199 -16.02 24.97 13.16
N PRO D 200 -15.51 23.76 13.34
CA PRO D 200 -14.17 23.62 13.94
C PRO D 200 -13.07 24.28 13.12
N GLY D 201 -13.29 24.47 11.81
CA GLY D 201 -12.30 25.14 10.99
C GLY D 201 -12.11 26.61 11.32
N ALA D 202 -13.07 27.23 12.00
CA ALA D 202 -12.94 28.64 12.35
C ALA D 202 -11.89 28.86 13.43
N LEU D 203 -11.65 27.85 14.27
CA LEU D 203 -10.77 28.01 15.43
C LEU D 203 -9.39 28.54 15.07
N PRO D 204 -8.69 28.01 14.06
CA PRO D 204 -7.40 28.61 13.70
C PRO D 204 -7.48 30.07 13.30
N TYR D 205 -8.53 30.46 12.57
CA TYR D 205 -8.62 31.84 12.11
C TYR D 205 -8.92 32.79 13.26
N LEU D 206 -9.72 32.35 14.23
CA LEU D 206 -9.95 33.17 15.42
C LEU D 206 -8.65 33.39 16.19
N ALA D 207 -7.88 32.31 16.38
CA ALA D 207 -6.62 32.44 17.12
C ALA D 207 -5.63 33.32 16.37
N LEU D 208 -5.54 33.16 15.05
CA LEU D 208 -4.66 34.02 14.26
C LEU D 208 -5.01 35.49 14.47
N ALA D 209 -6.30 35.81 14.41
CA ALA D 209 -6.74 37.18 14.69
C ALA D 209 -6.31 37.61 16.08
N GLU D 210 -6.68 36.82 17.10
CA GLU D 210 -6.29 37.13 18.47
C GLU D 210 -4.79 37.40 18.60
N ARG D 211 -3.98 36.74 17.78
CA ARG D 211 -2.53 36.86 17.85
C ARG D 211 -1.99 37.98 16.96
N GLY D 212 -2.86 38.69 16.24
CA GLY D 212 -2.42 39.81 15.43
C GLY D 212 -1.90 39.46 14.05
N TYR D 213 -2.24 38.29 13.51
CA TYR D 213 -1.70 37.88 12.23
C TYR D 213 -2.19 38.81 11.12
N LYS D 214 -1.26 39.33 10.31
CA LYS D 214 -1.57 40.29 9.28
C LYS D 214 -1.49 39.72 7.86
N GLY D 215 -0.97 38.52 7.68
CA GLY D 215 -0.82 37.95 6.36
C GLY D 215 -2.13 37.45 5.80
N GLN D 216 -2.04 36.81 4.63
CA GLN D 216 -3.21 36.30 3.94
C GLN D 216 -3.67 34.99 4.58
N ILE D 217 -4.98 34.74 4.51
CA ILE D 217 -5.57 33.54 5.08
C ILE D 217 -6.34 32.81 3.99
N TYR D 218 -6.05 31.51 3.85
CA TYR D 218 -6.70 30.63 2.89
C TYR D 218 -7.37 29.48 3.61
N GLY D 219 -8.31 28.84 2.93
CA GLY D 219 -8.95 27.65 3.42
C GLY D 219 -9.56 26.89 2.26
N MET D 220 -10.10 25.72 2.57
CA MET D 220 -10.63 24.86 1.52
C MET D 220 -12.10 25.16 1.26
N HIS D 221 -12.62 24.55 0.19
CA HIS D 221 -14.03 24.66 -0.14
C HIS D 221 -14.94 24.14 0.97
N ALA D 222 -14.41 23.32 1.87
CA ALA D 222 -15.20 22.80 2.99
C ALA D 222 -15.60 23.90 3.98
N LEU D 223 -14.97 25.07 3.92
CA LEU D 223 -15.34 26.19 4.78
C LEU D 223 -16.38 27.10 4.15
N ILE D 224 -16.84 26.78 2.94
CA ILE D 224 -17.83 27.61 2.25
C ILE D 224 -19.20 27.13 2.73
N ASN D 225 -19.66 27.71 3.82
CA ASN D 225 -20.95 27.38 4.41
C ASN D 225 -21.29 28.42 5.46
N PRO D 226 -22.55 28.86 5.56
CA PRO D 226 -22.87 29.99 6.45
C PRO D 226 -22.57 29.73 7.92
N ASP D 227 -22.53 28.48 8.37
CA ASP D 227 -22.23 28.25 9.78
C ASP D 227 -20.78 28.59 10.09
N PHE D 228 -19.84 28.18 9.21
CA PHE D 228 -18.46 28.59 9.39
C PHE D 228 -18.31 30.10 9.38
N VAL D 229 -19.00 30.77 8.45
CA VAL D 229 -18.86 32.22 8.32
C VAL D 229 -19.31 32.92 9.59
N ARG D 230 -20.47 32.53 10.12
CA ARG D 230 -20.99 33.15 11.33
C ARG D 230 -20.05 32.92 12.51
N VAL D 231 -19.60 31.68 12.68
CA VAL D 231 -18.72 31.36 13.81
C VAL D 231 -17.41 32.13 13.70
N GLY D 232 -16.86 32.23 12.48
CA GLY D 232 -15.58 32.90 12.30
C GLY D 232 -15.66 34.40 12.45
N GLY D 233 -16.78 35.00 12.06
CA GLY D 233 -16.96 36.43 12.26
C GLY D 233 -15.92 37.24 11.53
N ALA D 234 -15.47 38.31 12.19
CA ALA D 234 -14.50 39.21 11.59
C ALA D 234 -13.15 38.55 11.33
N SER D 235 -12.87 37.43 12.01
CA SER D 235 -11.56 36.80 11.89
C SER D 235 -11.38 36.07 10.56
N VAL D 236 -12.46 35.75 9.86
CA VAL D 236 -12.37 35.10 8.56
C VAL D 236 -12.60 36.08 7.41
N GLU D 237 -12.56 37.38 7.69
CA GLU D 237 -12.71 38.36 6.63
C GLU D 237 -11.48 38.36 5.74
N GLY D 238 -11.70 38.39 4.44
CA GLY D 238 -10.63 38.24 3.48
C GLY D 238 -10.22 36.81 3.19
N LEU D 239 -10.87 35.83 3.80
CA LEU D 239 -10.51 34.43 3.59
C LEU D 239 -10.66 34.07 2.12
N LEU D 240 -9.64 33.42 1.57
CA LEU D 240 -9.66 32.95 0.19
C LEU D 240 -9.83 31.43 0.18
N ALA D 241 -10.66 30.94 -0.73
CA ALA D 241 -10.99 29.53 -0.78
C ALA D 241 -11.41 29.17 -2.19
N PRO D 242 -11.20 27.93 -2.61
CA PRO D 242 -11.75 27.48 -3.90
C PRO D 242 -13.20 27.02 -3.73
N THR D 243 -13.92 27.02 -4.85
CA THR D 243 -15.31 26.59 -4.83
C THR D 243 -15.74 26.18 -6.23
N GLY D 244 -16.63 25.20 -6.29
CA GLY D 244 -17.38 24.94 -7.51
C GLY D 244 -18.14 26.18 -7.92
N PRO D 245 -18.16 26.49 -9.22
CA PRO D 245 -18.63 27.83 -9.63
C PRO D 245 -20.10 28.08 -9.35
N VAL D 246 -20.93 27.04 -9.27
CA VAL D 246 -22.36 27.22 -9.01
C VAL D 246 -22.58 28.13 -7.81
N ILE D 247 -21.70 28.03 -6.81
CA ILE D 247 -21.88 28.80 -5.58
C ILE D 247 -21.98 30.29 -5.88
N VAL D 248 -21.26 30.77 -6.89
CA VAL D 248 -21.24 32.19 -7.23
C VAL D 248 -21.61 32.38 -8.69
N ALA D 249 -22.59 31.60 -9.16
CA ALA D 249 -22.95 31.62 -10.57
C ALA D 249 -23.29 33.02 -11.05
N GLU D 250 -23.98 33.80 -10.22
CA GLU D 250 -24.42 35.12 -10.65
C GLU D 250 -23.25 36.06 -10.91
N GLN D 251 -22.06 35.71 -10.43
CA GLN D 251 -20.86 36.52 -10.63
C GLN D 251 -19.99 36.04 -11.79
N LEU D 252 -20.37 34.96 -12.45
CA LEU D 252 -19.50 34.35 -13.44
C LEU D 252 -19.57 35.12 -14.77
N PRO D 253 -18.44 35.26 -15.45
CA PRO D 253 -18.48 35.87 -16.79
C PRO D 253 -19.26 34.98 -17.76
N SER D 254 -19.91 35.61 -18.74
CA SER D 254 -20.87 34.88 -19.56
C SER D 254 -20.23 33.73 -20.32
N GLU D 255 -18.95 33.82 -20.62
CA GLU D 255 -18.30 32.77 -21.40
C GLU D 255 -18.00 31.53 -20.59
N ASN D 256 -18.18 31.55 -19.27
CA ASN D 256 -18.11 30.34 -18.46
C ASN D 256 -19.38 29.54 -18.69
N PRO D 257 -19.30 28.39 -19.37
CA PRO D 257 -20.54 27.64 -19.64
C PRO D 257 -21.25 27.14 -18.39
N ILE D 258 -20.57 27.10 -17.25
CA ILE D 258 -21.20 26.62 -16.02
C ILE D 258 -22.24 27.61 -15.51
N ARG D 259 -22.16 28.87 -15.93
CA ARG D 259 -23.14 29.85 -15.46
C ARG D 259 -24.55 29.48 -15.94
N LYS D 260 -24.68 29.20 -17.24
CA LYS D 260 -26.01 28.93 -17.79
C LYS D 260 -26.64 27.71 -17.11
N VAL D 261 -25.85 26.63 -16.94
CA VAL D 261 -26.37 25.44 -16.30
C VAL D 261 -26.67 25.70 -14.83
N SER D 262 -25.78 26.44 -14.14
CA SER D 262 -26.01 26.76 -12.74
C SER D 262 -27.33 27.52 -12.58
N MET D 263 -27.64 28.41 -13.53
CA MET D 263 -28.88 29.17 -13.44
C MET D 263 -30.09 28.26 -13.69
N ASP D 264 -29.96 27.29 -14.59
CA ASP D 264 -31.02 26.31 -14.79
C ASP D 264 -31.26 25.53 -13.51
N PHE D 265 -30.18 25.10 -12.84
CA PHE D 265 -30.30 24.38 -11.58
C PHE D 265 -31.00 25.23 -10.53
N ARG D 266 -30.56 26.48 -10.36
CA ARG D 266 -31.16 27.34 -9.35
C ARG D 266 -32.66 27.53 -9.59
N ALA D 267 -33.05 27.66 -10.86
CA ALA D 267 -34.46 27.87 -11.17
C ALA D 267 -35.28 26.61 -10.86
N ALA D 268 -34.78 25.45 -11.26
CA ALA D 268 -35.50 24.20 -10.97
C ALA D 268 -35.51 23.93 -9.46
N TYR D 269 -34.43 24.27 -8.77
CA TYR D 269 -34.40 24.10 -7.32
C TYR D 269 -35.37 25.06 -6.64
N GLN D 270 -35.49 26.28 -7.18
CA GLN D 270 -36.49 27.21 -6.67
C GLN D 270 -37.91 26.66 -6.88
N LYS D 271 -38.16 26.06 -8.04
CA LYS D 271 -39.49 25.56 -8.33
C LYS D 271 -39.84 24.36 -7.46
N ALA D 272 -38.89 23.47 -7.22
CA ALA D 272 -39.17 22.26 -6.48
C ALA D 272 -39.21 22.51 -4.96
N ASN D 273 -38.35 23.40 -4.46
CA ASN D 273 -38.17 23.55 -3.03
C ASN D 273 -38.67 24.87 -2.46
N GLY D 274 -38.92 25.87 -3.30
CA GLY D 274 -39.50 27.12 -2.85
C GLY D 274 -38.51 28.13 -2.33
N ALA D 275 -37.22 27.89 -2.48
CA ALA D 275 -36.18 28.76 -1.97
C ALA D 275 -34.94 28.56 -2.81
N PRO D 276 -34.01 29.51 -2.81
CA PRO D 276 -32.86 29.42 -3.70
C PRO D 276 -31.79 28.50 -3.12
N PRO D 277 -31.02 27.83 -3.96
CA PRO D 277 -29.95 26.96 -3.43
C PRO D 277 -28.76 27.77 -2.97
N THR D 278 -28.20 27.38 -1.82
CA THR D 278 -27.00 28.01 -1.30
C THR D 278 -26.00 26.98 -0.76
N ASP D 279 -26.02 25.77 -1.30
CA ASP D 279 -25.11 24.72 -0.86
C ASP D 279 -24.56 23.98 -2.08
N ALA D 280 -23.38 23.39 -1.90
CA ALA D 280 -22.73 22.66 -2.97
C ALA D 280 -23.34 21.28 -3.20
N PHE D 281 -24.05 20.74 -2.21
CA PHE D 281 -24.43 19.33 -2.24
C PHE D 281 -25.62 19.09 -3.16
N SER D 282 -26.68 19.90 -3.03
CA SER D 282 -27.78 19.76 -3.96
C SER D 282 -27.31 19.88 -5.41
N ALA D 283 -26.28 20.69 -5.65
CA ALA D 283 -25.76 20.85 -7.01
C ALA D 283 -25.09 19.57 -7.49
N TYR D 284 -24.41 18.82 -6.60
CA TYR D 284 -23.81 17.55 -7.03
C TYR D 284 -24.88 16.59 -7.52
N THR D 285 -25.98 16.45 -6.77
CA THR D 285 -27.08 15.59 -7.21
C THR D 285 -27.60 16.02 -8.57
N PHE D 286 -27.75 17.33 -8.77
CA PHE D 286 -28.15 17.83 -10.08
C PHE D 286 -27.21 17.35 -11.17
N ASP D 287 -25.89 17.51 -10.94
CA ASP D 287 -24.92 17.08 -11.94
C ASP D 287 -25.04 15.58 -12.20
N ALA D 288 -25.28 14.80 -11.15
CA ALA D 288 -25.47 13.36 -11.32
C ALA D 288 -26.65 13.07 -12.22
N TRP D 289 -27.73 13.84 -12.08
CA TRP D 289 -28.88 13.69 -12.97
C TRP D 289 -28.51 14.02 -14.41
N LEU D 290 -27.89 15.18 -14.63
CA LEU D 290 -27.45 15.55 -15.97
C LEU D 290 -26.60 14.44 -16.59
N LEU D 291 -25.69 13.86 -15.81
CA LEU D 291 -24.85 12.79 -16.33
C LEU D 291 -25.69 11.57 -16.71
N TYR D 292 -26.64 11.19 -15.87
CA TYR D 292 -27.49 10.05 -16.19
C TYR D 292 -28.29 10.30 -17.47
N LEU D 293 -28.96 11.45 -17.54
CA LEU D 293 -29.79 11.75 -18.71
C LEU D 293 -28.98 11.65 -20.00
N ASP D 294 -27.75 12.18 -19.99
CA ASP D 294 -26.92 12.15 -21.18
C ASP D 294 -26.43 10.75 -21.49
N ALA D 295 -25.97 10.02 -20.48
CA ALA D 295 -25.42 8.69 -20.73
C ALA D 295 -26.52 7.68 -21.07
N ALA D 296 -27.68 7.80 -20.42
CA ALA D 296 -28.79 6.92 -20.75
C ALA D 296 -29.23 7.12 -22.20
N GLN D 297 -29.29 8.38 -22.66
CA GLN D 297 -29.62 8.64 -24.05
C GLN D 297 -28.70 7.87 -24.98
N ARG D 298 -27.40 7.90 -24.71
CA ARG D 298 -26.45 7.19 -25.56
C ARG D 298 -26.59 5.67 -25.40
N ALA D 299 -26.76 5.19 -24.17
CA ALA D 299 -26.96 3.76 -23.97
C ALA D 299 -28.21 3.26 -24.67
N LEU D 300 -29.25 4.10 -24.74
CA LEU D 300 -30.48 3.66 -25.40
C LEU D 300 -30.28 3.43 -26.89
N ALA D 301 -29.30 4.12 -27.49
CA ALA D 301 -29.01 3.93 -28.91
C ALA D 301 -28.44 2.55 -29.21
N THR D 302 -28.08 1.77 -28.18
CA THR D 302 -27.45 0.47 -28.37
C THR D 302 -28.45 -0.67 -28.54
N LYS D 303 -29.73 -0.42 -28.31
CA LYS D 303 -30.82 -1.39 -28.40
C LYS D 303 -30.83 -2.34 -27.21
N ALA D 304 -29.90 -2.21 -26.27
CA ALA D 304 -30.02 -2.95 -25.02
C ALA D 304 -31.22 -2.45 -24.24
N GLU D 305 -31.98 -3.37 -23.66
CA GLU D 305 -33.25 -3.04 -23.05
C GLU D 305 -33.05 -2.64 -21.60
N PRO D 306 -33.49 -1.46 -21.17
CA PRO D 306 -33.40 -1.12 -19.74
C PRO D 306 -34.05 -2.19 -18.88
N GLY D 307 -33.49 -2.38 -17.69
CA GLY D 307 -33.93 -3.44 -16.81
C GLY D 307 -33.15 -4.73 -16.93
N THR D 308 -32.18 -4.82 -17.84
CA THR D 308 -31.35 -5.99 -18.03
C THR D 308 -29.88 -5.65 -17.80
N PRO D 309 -29.05 -6.64 -17.50
CA PRO D 309 -27.62 -6.36 -17.33
C PRO D 309 -26.97 -5.71 -18.55
N GLN D 310 -27.37 -6.10 -19.76
CA GLN D 310 -26.72 -5.57 -20.95
C GLN D 310 -26.92 -4.06 -21.07
N PHE D 311 -28.07 -3.55 -20.66
CA PHE D 311 -28.25 -2.11 -20.64
C PHE D 311 -27.40 -1.45 -19.55
N ARG D 312 -27.30 -2.11 -18.39
CA ARG D 312 -26.46 -1.56 -17.32
C ARG D 312 -25.00 -1.49 -17.75
N LEU D 313 -24.54 -2.43 -18.57
CA LEU D 313 -23.19 -2.37 -19.11
C LEU D 313 -23.05 -1.23 -20.10
N ALA D 314 -24.03 -1.07 -21.01
CA ALA D 314 -24.00 0.04 -21.94
C ALA D 314 -24.05 1.37 -21.20
N LEU D 315 -24.83 1.44 -20.13
CA LEU D 315 -24.94 2.67 -19.35
C LEU D 315 -23.61 3.03 -18.71
N ARG D 316 -22.98 2.06 -18.03
CA ARG D 316 -21.65 2.28 -17.47
C ARG D 316 -20.68 2.78 -18.54
N ASP D 317 -20.61 2.08 -19.67
CA ASP D 317 -19.68 2.47 -20.72
C ASP D 317 -19.93 3.88 -21.21
N ALA D 318 -21.20 4.31 -21.25
CA ALA D 318 -21.51 5.67 -21.66
C ALA D 318 -21.17 6.68 -20.57
N ILE D 319 -21.43 6.33 -19.30
CA ILE D 319 -21.08 7.21 -18.20
C ILE D 319 -19.59 7.49 -18.18
N VAL D 320 -18.77 6.44 -18.25
CA VAL D 320 -17.33 6.57 -18.01
C VAL D 320 -16.61 7.01 -19.28
N SER D 321 -17.37 7.36 -20.33
CA SER D 321 -16.79 7.98 -21.52
C SER D 321 -17.43 9.32 -21.85
N THR D 322 -18.21 9.88 -20.92
CA THR D 322 -18.85 11.16 -21.14
C THR D 322 -17.80 12.24 -21.41
N LYS D 323 -18.09 13.11 -22.38
CA LYS D 323 -17.15 14.12 -22.84
C LYS D 323 -17.83 15.49 -22.82
N GLU D 324 -17.19 16.45 -22.16
CA GLU D 324 -17.60 17.85 -22.20
C GLU D 324 -19.06 18.03 -21.80
N LEU D 325 -19.44 17.41 -20.69
CA LEU D 325 -20.76 17.61 -20.09
C LEU D 325 -20.66 18.77 -19.11
N VAL D 326 -21.33 19.87 -19.43
CA VAL D 326 -21.29 21.05 -18.57
C VAL D 326 -22.29 20.90 -17.45
N GLY D 327 -21.79 20.84 -16.21
CA GLY D 327 -22.62 20.81 -15.04
C GLY D 327 -22.52 22.09 -14.24
N THR D 328 -22.95 22.02 -12.98
CA THR D 328 -22.86 23.15 -12.07
C THR D 328 -21.54 23.20 -11.32
N HIS D 329 -20.93 22.04 -11.05
CA HIS D 329 -19.68 21.96 -10.31
C HIS D 329 -18.47 21.75 -11.21
N SER D 330 -18.62 21.05 -12.32
CA SER D 330 -17.52 20.83 -13.24
C SER D 330 -18.05 20.80 -14.67
N VAL D 331 -17.13 20.87 -15.62
CA VAL D 331 -17.35 20.37 -16.98
C VAL D 331 -16.72 18.98 -17.00
N TYR D 332 -17.56 17.95 -17.06
CA TYR D 332 -17.13 16.59 -16.77
C TYR D 332 -16.54 15.92 -18.01
N ASN D 333 -15.38 15.29 -17.85
CA ASN D 333 -14.78 14.43 -18.85
C ASN D 333 -14.30 13.16 -18.15
N PHE D 334 -14.98 12.05 -18.38
CA PHE D 334 -14.67 10.79 -17.72
C PHE D 334 -13.95 9.85 -18.67
N LYS D 335 -12.94 9.16 -18.14
CA LYS D 335 -12.28 8.05 -18.81
C LYS D 335 -12.51 6.78 -18.00
N PRO D 336 -12.56 5.61 -18.63
CA PRO D 336 -12.89 4.39 -17.89
C PRO D 336 -11.90 4.02 -16.79
N THR D 337 -10.65 4.51 -16.84
CA THR D 337 -9.64 4.12 -15.88
C THR D 337 -9.41 5.17 -14.78
N ASP D 338 -10.32 6.14 -14.65
CA ASP D 338 -10.19 7.21 -13.67
C ASP D 338 -11.56 7.55 -13.14
N ARG D 339 -11.69 7.65 -11.81
CA ARG D 339 -12.99 7.87 -11.20
C ARG D 339 -13.45 9.33 -11.30
N TYR D 340 -12.55 10.28 -11.47
CA TYR D 340 -12.90 11.69 -11.45
C TYR D 340 -13.01 12.25 -12.87
N GLY D 341 -13.79 13.33 -13.00
CA GLY D 341 -14.04 13.93 -14.29
C GLY D 341 -13.89 15.44 -14.30
N SER D 342 -13.22 16.00 -13.30
CA SER D 342 -13.11 17.43 -13.13
C SER D 342 -11.77 17.94 -13.63
N ASP D 343 -11.77 19.11 -14.28
CA ASP D 343 -10.52 19.80 -14.58
C ASP D 343 -10.54 21.21 -14.00
N GLU D 344 -9.67 22.08 -14.52
CA GLU D 344 -9.46 23.39 -13.93
C GLU D 344 -10.71 24.26 -14.01
N ARG D 345 -11.65 23.94 -14.90
CA ARG D 345 -12.92 24.65 -14.94
C ARG D 345 -13.81 24.30 -13.76
N SER D 346 -13.47 23.27 -12.98
CA SER D 346 -14.31 22.81 -11.88
C SER D 346 -14.22 23.70 -10.65
N ARG D 347 -13.41 24.76 -10.65
CA ARG D 347 -13.28 25.58 -9.46
C ARG D 347 -12.92 27.01 -9.82
N VAL D 348 -13.34 27.93 -8.95
CA VAL D 348 -12.91 29.32 -8.96
C VAL D 348 -12.56 29.67 -7.52
N VAL D 349 -11.84 30.79 -7.36
CA VAL D 349 -11.41 31.25 -6.03
C VAL D 349 -12.31 32.39 -5.59
N VAL D 350 -12.80 32.32 -4.36
CA VAL D 350 -13.68 33.35 -3.81
C VAL D 350 -13.01 33.94 -2.56
N LYS D 351 -13.33 35.20 -2.30
CA LYS D 351 -12.89 35.91 -1.11
C LYS D 351 -14.10 36.26 -0.26
N LEU D 352 -13.98 36.04 1.04
CA LEU D 352 -15.03 36.40 1.98
C LEU D 352 -14.96 37.91 2.24
N GLU D 353 -16.00 38.64 1.86
CA GLU D 353 -15.95 40.10 1.85
C GLU D 353 -16.72 40.73 3.01
N LYS D 354 -18.00 40.43 3.14
CA LYS D 354 -18.78 40.88 4.29
C LYS D 354 -19.84 39.81 4.57
N GLY D 355 -19.37 38.62 4.91
CA GLY D 355 -20.22 37.46 5.00
C GLY D 355 -20.65 36.88 3.67
N GLN D 356 -20.27 37.48 2.55
CA GLN D 356 -20.62 37.00 1.23
C GLN D 356 -19.36 36.61 0.47
N TRP D 357 -19.43 35.50 -0.25
CA TRP D 357 -18.33 35.02 -1.07
C TRP D 357 -18.31 35.76 -2.40
N LYS D 358 -17.16 36.31 -2.76
CA LYS D 358 -17.02 37.16 -3.95
C LYS D 358 -15.95 36.59 -4.87
N LEU D 359 -16.27 36.46 -6.15
CA LEU D 359 -15.35 35.88 -7.10
C LEU D 359 -14.10 36.76 -7.24
N VAL D 360 -12.94 36.11 -7.24
CA VAL D 360 -11.65 36.77 -7.42
C VAL D 360 -11.23 36.58 -8.87
N LYS D 361 -10.59 37.60 -9.44
CA LYS D 361 -10.19 37.56 -10.84
C LYS D 361 -8.95 38.42 -11.08
#